data_5HV8
#
_entry.id   5HV8
#
loop_
_entity.id
_entity.type
_entity.pdbx_description
1 polymer 'Type I modular polyketide synthase'
2 non-polymer 'S-[2-({N-[(2R)-2-hydroxy-3,3-dimethyl-4-(phosphonooxy)butanoyl]-beta-alanyl}amino)ethyl] octanethioate'
#
_entity_poly.entity_id   1
_entity_poly.type   'polypeptide(L)'
_entity_poly.pdbx_seq_one_letter_code
;GSHMRLNGLSPQQQQQTLATLVAAATATVLGHHTPESISPATAFKDLGIDSLTALELRNTLTHNTGLDLPPTLIFDHPTP
HALTQHLHTRLTQSH
;
_entity_poly.pdbx_strand_id   A
#
# COMPACT_ATOMS: atom_id res chain seq x y z
N GLY A 1 -9.95 11.22 8.19
CA GLY A 1 -9.20 10.19 7.43
C GLY A 1 -10.11 9.20 6.76
N SER A 2 -9.51 8.22 6.09
CA SER A 2 -10.22 7.18 5.34
C SER A 2 -11.22 7.78 4.36
N HIS A 3 -10.75 8.00 3.13
CA HIS A 3 -11.58 8.49 2.02
C HIS A 3 -12.51 7.39 1.50
N MET A 4 -12.77 6.42 2.34
CA MET A 4 -13.48 5.21 1.96
C MET A 4 -14.97 5.40 1.95
N ARG A 5 -15.41 6.63 1.90
CA ARG A 5 -16.83 6.91 1.84
C ARG A 5 -17.37 6.56 0.45
N LEU A 6 -16.43 6.32 -0.46
CA LEU A 6 -16.76 5.84 -1.80
C LEU A 6 -16.95 4.33 -1.80
N ASN A 7 -17.25 3.79 -0.62
CA ASN A 7 -17.49 2.37 -0.44
C ASN A 7 -18.63 1.88 -1.32
N GLY A 8 -18.58 0.60 -1.66
CA GLY A 8 -19.52 0.04 -2.61
C GLY A 8 -18.83 -0.36 -3.89
N LEU A 9 -17.52 -0.33 -3.87
CA LEU A 9 -16.70 -0.78 -4.99
C LEU A 9 -16.50 -2.28 -4.92
N SER A 10 -16.36 -2.90 -6.08
CA SER A 10 -16.00 -4.30 -6.15
C SER A 10 -14.54 -4.46 -5.74
N PRO A 11 -14.14 -5.67 -5.28
CA PRO A 11 -12.80 -5.92 -4.77
C PRO A 11 -11.69 -5.28 -5.62
N GLN A 12 -11.71 -5.58 -6.91
CA GLN A 12 -10.66 -5.11 -7.81
C GLN A 12 -10.70 -3.60 -8.02
N GLN A 13 -11.89 -2.99 -7.92
CA GLN A 13 -12.00 -1.54 -8.07
C GLN A 13 -11.32 -0.84 -6.90
N GLN A 14 -11.37 -1.45 -5.73
CA GLN A 14 -10.64 -0.95 -4.59
C GLN A 14 -9.16 -1.29 -4.73
N GLN A 15 -8.88 -2.54 -5.10
CA GLN A 15 -7.51 -3.01 -5.28
C GLN A 15 -6.72 -2.13 -6.24
N GLN A 16 -7.30 -1.75 -7.37
CA GLN A 16 -6.60 -0.89 -8.32
C GLN A 16 -6.21 0.44 -7.66
N THR A 17 -7.12 0.97 -6.86
CA THR A 17 -6.86 2.15 -6.06
C THR A 17 -5.66 1.93 -5.14
N LEU A 18 -5.63 0.76 -4.52
CA LEU A 18 -4.65 0.45 -3.50
C LEU A 18 -3.30 0.08 -4.14
N ALA A 19 -3.36 -0.61 -5.27
CA ALA A 19 -2.17 -0.95 -6.03
C ALA A 19 -1.52 0.32 -6.57
N THR A 20 -2.31 1.35 -6.73
CA THR A 20 -1.80 2.66 -7.14
C THR A 20 -1.25 3.38 -5.92
N LEU A 21 -1.94 3.22 -4.80
CA LEU A 21 -1.54 3.81 -3.54
C LEU A 21 -0.16 3.33 -3.12
N VAL A 22 -0.04 2.04 -2.87
CA VAL A 22 1.21 1.44 -2.42
C VAL A 22 2.35 1.75 -3.39
N ALA A 23 2.06 1.73 -4.68
CA ALA A 23 3.05 2.09 -5.70
C ALA A 23 3.45 3.54 -5.56
N ALA A 24 2.47 4.44 -5.47
CA ALA A 24 2.75 5.86 -5.30
C ALA A 24 3.46 6.09 -3.98
N ALA A 25 3.12 5.27 -3.00
CA ALA A 25 3.74 5.32 -1.71
C ALA A 25 5.23 4.99 -1.82
N THR A 26 5.54 3.82 -2.37
CA THR A 26 6.91 3.33 -2.44
C THR A 26 7.75 4.17 -3.38
N ALA A 27 7.15 4.63 -4.45
CA ALA A 27 7.85 5.46 -5.41
C ALA A 27 8.17 6.82 -4.79
N THR A 28 7.41 7.21 -3.79
CA THR A 28 7.64 8.46 -3.08
C THR A 28 8.76 8.32 -2.05
N VAL A 29 8.77 7.21 -1.31
CA VAL A 29 9.78 7.00 -0.27
C VAL A 29 11.18 6.95 -0.90
N LEU A 30 11.24 6.36 -2.10
CA LEU A 30 12.50 6.29 -2.84
C LEU A 30 12.67 7.49 -3.78
N GLY A 31 11.59 8.26 -3.94
CA GLY A 31 11.61 9.44 -4.79
C GLY A 31 11.93 9.13 -6.24
N HIS A 32 11.24 8.13 -6.79
CA HIS A 32 11.55 7.66 -8.14
C HIS A 32 10.32 7.00 -8.78
N HIS A 33 10.36 6.87 -10.11
CA HIS A 33 9.50 5.91 -10.84
C HIS A 33 8.00 6.28 -10.83
N THR A 34 7.38 6.15 -12.00
CA THR A 34 5.95 6.29 -12.14
C THR A 34 5.25 5.15 -11.39
N PRO A 35 4.41 5.48 -10.40
CA PRO A 35 3.72 4.48 -9.57
C PRO A 35 2.86 3.53 -10.40
N GLU A 36 2.35 4.03 -11.52
CA GLU A 36 1.54 3.23 -12.42
C GLU A 36 2.35 2.09 -13.02
N SER A 37 3.66 2.26 -13.02
CA SER A 37 4.57 1.32 -13.65
C SER A 37 5.21 0.38 -12.61
N ILE A 38 4.76 0.48 -11.36
CA ILE A 38 5.25 -0.41 -10.31
C ILE A 38 4.48 -1.73 -10.35
N SER A 39 5.18 -2.79 -10.74
CA SER A 39 4.56 -4.09 -10.91
C SER A 39 4.26 -4.74 -9.56
N PRO A 40 3.00 -5.16 -9.38
CA PRO A 40 2.51 -5.78 -8.13
C PRO A 40 3.24 -7.05 -7.77
N ALA A 41 3.55 -7.85 -8.78
CA ALA A 41 4.22 -9.13 -8.57
C ALA A 41 5.69 -8.95 -8.18
N THR A 42 6.18 -7.72 -8.19
CA THR A 42 7.55 -7.46 -7.82
C THR A 42 7.67 -7.18 -6.32
N ALA A 43 8.83 -7.48 -5.78
CA ALA A 43 9.10 -7.29 -4.37
C ALA A 43 9.70 -5.92 -4.13
N PHE A 44 9.33 -5.29 -3.01
CA PHE A 44 9.88 -3.99 -2.64
C PHE A 44 11.39 -4.03 -2.60
N LYS A 45 11.93 -5.20 -2.29
CA LYS A 45 13.33 -5.50 -2.43
C LYS A 45 13.86 -4.95 -3.75
N ASP A 46 13.32 -5.50 -4.82
CA ASP A 46 13.68 -5.14 -6.19
C ASP A 46 13.42 -3.67 -6.48
N LEU A 47 12.33 -3.12 -5.96
CA LEU A 47 11.98 -1.72 -6.23
C LEU A 47 12.99 -0.76 -5.58
N GLY A 48 13.70 -1.23 -4.55
CA GLY A 48 14.74 -0.41 -3.95
C GLY A 48 14.49 -0.13 -2.48
N ILE A 49 13.52 -0.83 -1.92
CA ILE A 49 13.13 -0.62 -0.54
C ILE A 49 14.11 -1.30 0.43
N ASP A 50 14.53 -0.55 1.43
CA ASP A 50 15.33 -1.11 2.51
C ASP A 50 14.48 -1.22 3.76
N SER A 51 15.11 -1.35 4.92
CA SER A 51 14.35 -1.48 6.15
C SER A 51 13.81 -0.12 6.61
N LEU A 52 14.59 0.91 6.37
CA LEU A 52 14.23 2.25 6.80
C LEU A 52 13.10 2.81 5.95
N THR A 53 13.22 2.62 4.64
CA THR A 53 12.21 3.11 3.73
C THR A 53 10.98 2.22 3.71
N ALA A 54 11.12 1.02 4.23
CA ALA A 54 10.00 0.12 4.41
C ALA A 54 8.94 0.77 5.31
N LEU A 55 9.37 1.31 6.43
CA LEU A 55 8.45 1.91 7.37
C LEU A 55 7.88 3.21 6.81
N GLU A 56 8.72 3.95 6.09
CA GLU A 56 8.30 5.19 5.44
C GLU A 56 7.20 4.94 4.40
N LEU A 57 7.33 3.83 3.68
CA LEU A 57 6.29 3.40 2.76
C LEU A 57 4.99 3.20 3.51
N ARG A 58 5.05 2.39 4.56
CA ARG A 58 3.91 2.13 5.41
C ARG A 58 3.31 3.44 5.90
N ASN A 59 4.19 4.30 6.42
CA ASN A 59 3.80 5.62 6.90
C ASN A 59 2.96 6.35 5.86
N THR A 60 3.45 6.37 4.63
CA THR A 60 2.78 7.05 3.54
C THR A 60 1.38 6.47 3.28
N LEU A 61 1.31 5.15 3.07
CA LEU A 61 0.03 4.53 2.75
C LEU A 61 -0.89 4.47 3.96
N THR A 62 -0.33 4.60 5.16
CA THR A 62 -1.14 4.69 6.37
C THR A 62 -1.79 6.07 6.45
N HIS A 63 -1.03 7.10 6.08
CA HIS A 63 -1.55 8.46 6.05
C HIS A 63 -2.61 8.61 4.97
N ASN A 64 -2.55 7.77 3.97
CA ASN A 64 -3.49 7.81 2.86
C ASN A 64 -4.70 6.91 3.11
N THR A 65 -4.65 6.13 4.18
CA THR A 65 -5.76 5.26 4.52
C THR A 65 -6.51 5.75 5.76
N GLY A 66 -5.79 6.41 6.66
CA GLY A 66 -6.42 7.03 7.81
C GLY A 66 -6.62 6.05 8.96
N LEU A 67 -6.07 4.86 8.82
CA LEU A 67 -6.16 3.85 9.86
C LEU A 67 -4.78 3.63 10.48
N ASP A 68 -4.67 2.60 11.30
CA ASP A 68 -3.43 2.31 11.97
C ASP A 68 -2.86 0.99 11.46
N LEU A 69 -1.55 0.96 11.25
CA LEU A 69 -0.90 -0.17 10.63
C LEU A 69 0.35 -0.58 11.40
N PRO A 70 0.61 -1.89 11.53
CA PRO A 70 1.76 -2.41 12.30
C PRO A 70 3.09 -2.08 11.64
N PRO A 71 4.12 -1.81 12.44
CA PRO A 71 5.48 -1.51 11.94
C PRO A 71 6.10 -2.71 11.22
N THR A 72 5.43 -3.83 11.27
CA THR A 72 5.88 -5.06 10.63
C THR A 72 5.20 -5.24 9.29
N LEU A 73 4.40 -4.24 8.95
CA LEU A 73 3.67 -4.18 7.69
C LEU A 73 4.47 -4.69 6.50
N ILE A 74 5.56 -3.99 6.19
CA ILE A 74 6.39 -4.33 5.05
C ILE A 74 7.23 -5.57 5.33
N PHE A 75 7.47 -5.82 6.61
CA PHE A 75 8.25 -6.98 7.03
C PHE A 75 7.49 -8.26 6.72
N ASP A 76 6.18 -8.21 6.85
CA ASP A 76 5.33 -9.38 6.66
C ASP A 76 4.87 -9.53 5.22
N HIS A 77 4.42 -8.44 4.60
CA HIS A 77 3.81 -8.54 3.27
C HIS A 77 4.44 -7.57 2.28
N PRO A 78 5.73 -7.73 1.92
CA PRO A 78 6.33 -6.80 0.98
C PRO A 78 6.04 -7.18 -0.48
N THR A 79 5.16 -6.40 -1.08
CA THR A 79 4.94 -6.31 -2.52
C THR A 79 3.89 -5.21 -2.71
N PRO A 80 3.77 -4.59 -3.88
CA PRO A 80 2.64 -3.70 -4.12
C PRO A 80 1.33 -4.48 -4.02
N HIS A 81 1.36 -5.72 -4.54
CA HIS A 81 0.21 -6.62 -4.52
C HIS A 81 -0.24 -6.98 -3.11
N ALA A 82 0.67 -7.51 -2.30
CA ALA A 82 0.32 -8.03 -0.98
C ALA A 82 -0.28 -6.95 -0.10
N LEU A 83 0.27 -5.74 -0.17
CA LEU A 83 -0.27 -4.63 0.59
C LEU A 83 -1.65 -4.25 0.08
N THR A 84 -1.84 -4.36 -1.24
CA THR A 84 -3.13 -4.11 -1.86
C THR A 84 -4.21 -4.97 -1.21
N GLN A 85 -3.86 -6.21 -0.93
CA GLN A 85 -4.79 -7.16 -0.32
C GLN A 85 -5.01 -6.82 1.15
N HIS A 86 -3.90 -6.60 1.85
CA HIS A 86 -3.96 -6.30 3.27
C HIS A 86 -4.77 -5.03 3.51
N LEU A 87 -4.44 -3.96 2.78
CA LEU A 87 -5.12 -2.69 2.95
C LEU A 87 -6.57 -2.78 2.48
N HIS A 88 -6.83 -3.66 1.53
CA HIS A 88 -8.20 -3.88 1.07
C HIS A 88 -9.04 -4.41 2.23
N THR A 89 -8.50 -5.40 2.92
CA THR A 89 -9.13 -5.97 4.10
C THR A 89 -9.23 -4.94 5.21
N ARG A 90 -8.21 -4.11 5.33
CA ARG A 90 -8.18 -3.07 6.36
C ARG A 90 -9.29 -2.04 6.15
N LEU A 91 -9.70 -1.88 4.90
CA LEU A 91 -10.69 -0.86 4.54
C LEU A 91 -12.11 -1.40 4.59
N THR A 92 -12.28 -2.66 4.19
CA THR A 92 -13.60 -3.25 4.13
C THR A 92 -13.97 -3.93 5.44
N GLN A 93 -13.03 -4.71 5.93
CA GLN A 93 -13.23 -5.52 7.12
C GLN A 93 -13.03 -4.70 8.40
N SER A 94 -12.22 -3.66 8.32
CA SER A 94 -11.94 -2.84 9.48
C SER A 94 -12.42 -1.41 9.27
N HIS A 95 -13.03 -0.83 10.29
CA HIS A 95 -13.47 0.56 10.23
C HIS A 95 -13.22 1.24 11.57
N GLY A 1 -7.93 11.63 5.43
CA GLY A 1 -9.02 10.66 5.70
C GLY A 1 -8.73 9.31 5.09
N SER A 2 -9.54 8.33 5.43
CA SER A 2 -9.39 6.98 4.90
C SER A 2 -10.42 6.74 3.81
N HIS A 3 -10.12 5.82 2.91
CA HIS A 3 -11.05 5.45 1.84
C HIS A 3 -12.10 4.48 2.36
N MET A 4 -12.19 4.38 3.68
CA MET A 4 -13.16 3.52 4.33
C MET A 4 -14.51 4.18 4.35
N ARG A 5 -14.50 5.48 4.19
CA ARG A 5 -15.74 6.23 4.15
C ARG A 5 -16.35 6.13 2.77
N LEU A 6 -15.61 5.50 1.86
CA LEU A 6 -16.06 5.27 0.50
C LEU A 6 -16.46 3.82 0.33
N ASN A 7 -16.78 3.19 1.46
CA ASN A 7 -17.18 1.79 1.49
C ASN A 7 -18.40 1.54 0.62
N GLY A 8 -18.50 0.33 0.08
CA GLY A 8 -19.57 0.02 -0.84
C GLY A 8 -19.04 -0.20 -2.25
N LEU A 9 -17.72 -0.15 -2.38
CA LEU A 9 -17.07 -0.44 -3.64
C LEU A 9 -16.84 -1.94 -3.82
N SER A 10 -16.78 -2.36 -5.06
CA SER A 10 -16.45 -3.73 -5.39
C SER A 10 -14.95 -3.94 -5.25
N PRO A 11 -14.49 -5.17 -4.98
CA PRO A 11 -13.08 -5.48 -4.76
C PRO A 11 -12.15 -4.78 -5.75
N GLN A 12 -12.37 -4.99 -7.04
CA GLN A 12 -11.50 -4.44 -8.08
C GLN A 12 -11.52 -2.90 -8.09
N GLN A 13 -12.63 -2.30 -7.68
CA GLN A 13 -12.73 -0.85 -7.63
C GLN A 13 -11.79 -0.28 -6.58
N GLN A 14 -11.69 -0.96 -5.44
CA GLN A 14 -10.79 -0.56 -4.39
C GLN A 14 -9.36 -0.98 -4.73
N GLN A 15 -9.17 -2.24 -5.12
CA GLN A 15 -7.86 -2.76 -5.47
C GLN A 15 -7.09 -1.85 -6.42
N GLN A 16 -7.74 -1.33 -7.46
CA GLN A 16 -7.05 -0.46 -8.40
C GLN A 16 -6.52 0.80 -7.70
N THR A 17 -7.35 1.39 -6.85
CA THR A 17 -6.95 2.53 -6.04
C THR A 17 -5.78 2.17 -5.14
N LEU A 18 -5.97 1.16 -4.32
CA LEU A 18 -4.99 0.71 -3.36
C LEU A 18 -3.70 0.25 -4.03
N ALA A 19 -3.81 -0.39 -5.19
CA ALA A 19 -2.64 -0.83 -5.95
C ALA A 19 -1.86 0.37 -6.47
N THR A 20 -2.55 1.48 -6.65
CA THR A 20 -1.91 2.70 -7.08
C THR A 20 -1.33 3.41 -5.86
N LEU A 21 -2.06 3.35 -4.75
CA LEU A 21 -1.60 3.88 -3.48
C LEU A 21 -0.26 3.27 -3.09
N VAL A 22 -0.25 1.96 -2.94
CA VAL A 22 0.95 1.24 -2.54
C VAL A 22 2.11 1.50 -3.50
N ALA A 23 1.84 1.50 -4.80
CA ALA A 23 2.85 1.81 -5.78
C ALA A 23 3.36 3.24 -5.59
N ALA A 24 2.44 4.18 -5.45
CA ALA A 24 2.81 5.58 -5.25
C ALA A 24 3.61 5.72 -3.99
N ALA A 25 3.21 5.00 -2.95
CA ALA A 25 3.90 5.00 -1.69
C ALA A 25 5.34 4.51 -1.87
N THR A 26 5.50 3.30 -2.40
CA THR A 26 6.83 2.70 -2.51
C THR A 26 7.67 3.45 -3.52
N ALA A 27 7.01 4.10 -4.45
CA ALA A 27 7.70 4.92 -5.43
C ALA A 27 8.17 6.23 -4.82
N THR A 28 7.39 6.77 -3.89
CA THR A 28 7.70 8.08 -3.30
C THR A 28 8.80 7.99 -2.25
N VAL A 29 8.74 6.97 -1.40
CA VAL A 29 9.74 6.81 -0.34
C VAL A 29 11.11 6.66 -0.95
N LEU A 30 11.14 6.01 -2.10
CA LEU A 30 12.39 5.85 -2.86
C LEU A 30 12.62 7.04 -3.79
N GLY A 31 11.53 7.57 -4.36
CA GLY A 31 11.64 8.67 -5.30
C GLY A 31 12.46 8.29 -6.51
N HIS A 32 11.84 7.59 -7.46
CA HIS A 32 12.61 6.97 -8.54
C HIS A 32 11.74 6.36 -9.65
N HIS A 33 10.42 6.30 -9.46
CA HIS A 33 9.60 5.50 -10.34
C HIS A 33 8.15 5.97 -10.36
N THR A 34 7.53 5.91 -11.54
CA THR A 34 6.13 6.20 -11.68
C THR A 34 5.31 5.05 -11.10
N PRO A 35 4.30 5.34 -10.25
CA PRO A 35 3.54 4.32 -9.53
C PRO A 35 2.71 3.50 -10.49
N GLU A 36 2.34 4.15 -11.58
CA GLU A 36 1.58 3.53 -12.64
C GLU A 36 2.39 2.39 -13.26
N SER A 37 3.71 2.54 -13.21
CA SER A 37 4.62 1.65 -13.88
C SER A 37 5.24 0.64 -12.89
N ILE A 38 4.69 0.57 -11.69
CA ILE A 38 5.15 -0.39 -10.71
C ILE A 38 4.49 -1.75 -10.91
N SER A 39 5.32 -2.78 -10.99
CA SER A 39 4.84 -4.13 -11.21
C SER A 39 4.41 -4.79 -9.89
N PRO A 40 3.16 -5.27 -9.84
CA PRO A 40 2.57 -5.87 -8.63
C PRO A 40 3.27 -7.13 -8.16
N ALA A 41 3.79 -7.91 -9.10
CA ALA A 41 4.41 -9.19 -8.79
C ALA A 41 5.83 -9.04 -8.26
N THR A 42 6.40 -7.85 -8.38
CA THR A 42 7.77 -7.63 -7.95
C THR A 42 7.83 -7.29 -6.47
N ALA A 43 8.93 -7.66 -5.85
CA ALA A 43 9.15 -7.43 -4.44
C ALA A 43 9.78 -6.08 -4.21
N PHE A 44 9.31 -5.39 -3.18
CA PHE A 44 9.78 -4.04 -2.86
C PHE A 44 11.29 -3.97 -2.72
N LYS A 45 11.91 -5.06 -2.29
CA LYS A 45 13.37 -5.14 -2.22
C LYS A 45 13.99 -4.89 -3.58
N ASP A 46 13.36 -5.45 -4.62
CA ASP A 46 13.82 -5.30 -5.98
C ASP A 46 13.57 -3.88 -6.48
N LEU A 47 12.51 -3.24 -5.96
CA LEU A 47 12.21 -1.87 -6.32
C LEU A 47 13.13 -0.89 -5.58
N GLY A 48 13.70 -1.32 -4.46
CA GLY A 48 14.69 -0.51 -3.79
C GLY A 48 14.41 -0.29 -2.30
N ILE A 49 13.35 -0.90 -1.80
CA ILE A 49 12.97 -0.74 -0.39
C ILE A 49 14.00 -1.35 0.54
N ASP A 50 14.44 -0.55 1.51
CA ASP A 50 15.28 -1.05 2.59
C ASP A 50 14.46 -1.10 3.86
N SER A 51 15.08 -1.42 4.98
CA SER A 51 14.36 -1.42 6.24
C SER A 51 14.03 0.02 6.63
N LEU A 52 14.86 0.94 6.19
CA LEU A 52 14.69 2.36 6.45
C LEU A 52 13.42 2.88 5.80
N THR A 53 13.35 2.74 4.50
CA THR A 53 12.20 3.22 3.75
C THR A 53 10.96 2.35 3.95
N ALA A 54 11.17 1.18 4.57
CA ALA A 54 10.07 0.31 4.93
C ALA A 54 9.13 0.99 5.93
N LEU A 55 9.67 1.81 6.82
CA LEU A 55 8.85 2.52 7.78
C LEU A 55 8.13 3.69 7.12
N GLU A 56 8.84 4.43 6.28
CA GLU A 56 8.27 5.56 5.56
C GLU A 56 7.12 5.12 4.66
N LEU A 57 7.28 3.99 4.03
CA LEU A 57 6.27 3.45 3.15
C LEU A 57 4.99 3.17 3.90
N ARG A 58 5.10 2.41 4.98
CA ARG A 58 3.92 2.06 5.76
C ARG A 58 3.35 3.29 6.45
N ASN A 59 4.20 4.30 6.66
CA ASN A 59 3.75 5.59 7.17
C ASN A 59 2.70 6.18 6.25
N THR A 60 2.99 6.15 4.95
CA THR A 60 2.08 6.67 3.94
C THR A 60 0.86 5.75 3.76
N LEU A 61 1.12 4.45 3.74
CA LEU A 61 0.06 3.45 3.52
C LEU A 61 -0.98 3.51 4.63
N THR A 62 -0.53 3.36 5.87
CA THR A 62 -1.42 3.32 7.01
C THR A 62 -2.11 4.67 7.22
N HIS A 63 -1.47 5.74 6.79
CA HIS A 63 -2.06 7.08 6.88
C HIS A 63 -3.25 7.22 5.94
N ASN A 64 -3.21 6.49 4.82
CA ASN A 64 -4.29 6.54 3.84
C ASN A 64 -5.49 5.75 4.31
N THR A 65 -5.24 4.83 5.23
CA THR A 65 -6.26 3.91 5.69
C THR A 65 -6.71 4.16 7.13
N GLY A 66 -5.79 4.54 8.00
CA GLY A 66 -6.16 4.95 9.33
C GLY A 66 -5.90 3.90 10.41
N LEU A 67 -5.36 2.75 10.04
CA LEU A 67 -4.99 1.74 11.02
C LEU A 67 -3.86 2.22 11.90
N ASP A 68 -3.34 1.30 12.67
CA ASP A 68 -2.24 1.57 13.58
C ASP A 68 -0.94 1.05 12.99
N LEU A 69 0.07 1.90 13.00
CA LEU A 69 1.37 1.63 12.35
C LEU A 69 2.07 0.42 12.95
N PRO A 70 2.13 -0.70 12.21
CA PRO A 70 2.87 -1.88 12.61
C PRO A 70 4.29 -1.89 12.06
N PRO A 71 5.30 -2.06 12.93
CA PRO A 71 6.70 -2.10 12.50
C PRO A 71 6.99 -3.25 11.54
N THR A 72 6.02 -4.15 11.41
CA THR A 72 6.20 -5.36 10.63
C THR A 72 5.50 -5.28 9.27
N LEU A 73 4.90 -4.12 9.00
CA LEU A 73 4.10 -3.93 7.78
C LEU A 73 4.87 -4.36 6.53
N ILE A 74 5.94 -3.65 6.21
CA ILE A 74 6.73 -3.95 5.01
C ILE A 74 7.67 -5.13 5.29
N PHE A 75 7.82 -5.45 6.55
CA PHE A 75 8.69 -6.55 6.96
C PHE A 75 8.05 -7.89 6.62
N ASP A 76 6.73 -7.95 6.76
CA ASP A 76 5.99 -9.17 6.50
C ASP A 76 5.45 -9.23 5.08
N HIS A 77 5.01 -8.10 4.55
CA HIS A 77 4.33 -8.11 3.25
C HIS A 77 4.88 -7.05 2.29
N PRO A 78 6.16 -7.08 1.89
CA PRO A 78 6.62 -6.12 0.91
C PRO A 78 6.28 -6.58 -0.51
N THR A 79 5.28 -5.92 -1.08
CA THR A 79 4.86 -6.15 -2.47
C THR A 79 3.73 -5.18 -2.79
N PRO A 80 3.60 -4.69 -4.04
CA PRO A 80 2.51 -3.78 -4.39
C PRO A 80 1.14 -4.45 -4.22
N HIS A 81 0.96 -5.56 -4.92
CA HIS A 81 -0.33 -6.28 -4.92
C HIS A 81 -0.65 -6.84 -3.54
N ALA A 82 0.35 -7.40 -2.87
CA ALA A 82 0.13 -8.02 -1.57
C ALA A 82 -0.33 -7.01 -0.53
N LEU A 83 0.33 -5.86 -0.51
CA LEU A 83 -0.08 -4.77 0.37
C LEU A 83 -1.48 -4.29 0.01
N THR A 84 -1.80 -4.31 -1.29
CA THR A 84 -3.13 -3.94 -1.75
C THR A 84 -4.19 -4.75 -1.01
N GLN A 85 -3.95 -6.05 -0.94
CA GLN A 85 -4.87 -6.96 -0.29
C GLN A 85 -4.97 -6.66 1.21
N HIS A 86 -3.85 -6.27 1.81
CA HIS A 86 -3.85 -5.92 3.23
C HIS A 86 -4.76 -4.72 3.48
N LEU A 87 -4.50 -3.63 2.78
CA LEU A 87 -5.27 -2.42 2.99
C LEU A 87 -6.69 -2.58 2.46
N HIS A 88 -6.87 -3.46 1.48
CA HIS A 88 -8.19 -3.77 0.96
C HIS A 88 -9.03 -4.41 2.05
N THR A 89 -8.43 -5.32 2.80
CA THR A 89 -9.09 -5.96 3.91
C THR A 89 -9.41 -4.94 5.01
N ARG A 90 -8.52 -3.98 5.21
CA ARG A 90 -8.71 -2.92 6.19
C ARG A 90 -10.00 -2.15 5.90
N LEU A 91 -10.33 -2.04 4.62
CA LEU A 91 -11.51 -1.32 4.18
C LEU A 91 -12.75 -2.21 4.23
N THR A 92 -12.59 -3.46 3.81
CA THR A 92 -13.70 -4.40 3.78
C THR A 92 -14.13 -4.80 5.19
N GLN A 93 -13.30 -4.41 6.15
CA GLN A 93 -13.63 -4.54 7.56
C GLN A 93 -14.91 -3.77 7.89
N SER A 94 -15.23 -2.78 7.06
CA SER A 94 -16.42 -1.97 7.24
C SER A 94 -17.64 -2.66 6.63
N HIS A 95 -18.14 -3.69 7.30
CA HIS A 95 -19.32 -4.42 6.85
C HIS A 95 -20.52 -3.48 6.66
N GLY A 1 -14.52 3.69 12.09
CA GLY A 1 -14.13 2.80 10.97
C GLY A 1 -13.57 3.57 9.80
N SER A 2 -13.41 2.90 8.67
CA SER A 2 -12.88 3.51 7.48
C SER A 2 -14.01 3.85 6.50
N HIS A 3 -13.95 5.05 5.92
CA HIS A 3 -14.96 5.51 4.96
C HIS A 3 -14.87 4.71 3.66
N MET A 4 -13.85 3.88 3.57
CA MET A 4 -13.56 3.09 2.38
C MET A 4 -14.70 2.17 2.03
N ARG A 5 -15.03 1.33 2.99
CA ARG A 5 -16.02 0.28 2.79
C ARG A 5 -17.42 0.90 2.71
N LEU A 6 -17.53 2.13 3.18
CA LEU A 6 -18.82 2.79 3.24
C LEU A 6 -19.27 3.25 1.86
N ASN A 7 -18.41 3.96 1.15
CA ASN A 7 -18.79 4.55 -0.12
C ASN A 7 -18.48 3.64 -1.29
N GLY A 8 -19.57 3.20 -1.95
CA GLY A 8 -19.51 2.52 -3.25
C GLY A 8 -18.36 1.55 -3.45
N LEU A 9 -18.00 0.79 -2.44
CA LEU A 9 -16.90 -0.14 -2.58
C LEU A 9 -17.37 -1.56 -2.82
N SER A 10 -17.08 -1.99 -4.03
CA SER A 10 -17.09 -3.38 -4.42
C SER A 10 -15.64 -3.82 -4.46
N PRO A 11 -15.31 -5.10 -4.21
CA PRO A 11 -13.91 -5.56 -4.07
C PRO A 11 -12.91 -4.89 -5.01
N GLN A 12 -13.26 -4.73 -6.28
CA GLN A 12 -12.35 -4.16 -7.28
C GLN A 12 -12.13 -2.65 -7.09
N GLN A 13 -13.15 -1.96 -6.56
CA GLN A 13 -13.09 -0.50 -6.38
C GLN A 13 -11.88 -0.09 -5.56
N GLN A 14 -11.70 -0.72 -4.41
CA GLN A 14 -10.62 -0.35 -3.51
C GLN A 14 -9.29 -0.90 -3.98
N GLN A 15 -9.28 -2.09 -4.56
CA GLN A 15 -8.05 -2.68 -5.06
C GLN A 15 -7.31 -1.75 -6.02
N GLN A 16 -8.02 -1.16 -6.97
CA GLN A 16 -7.37 -0.27 -7.94
C GLN A 16 -6.81 0.97 -7.23
N THR A 17 -7.56 1.50 -6.28
CA THR A 17 -7.11 2.60 -5.44
C THR A 17 -5.82 2.23 -4.70
N LEU A 18 -5.92 1.20 -3.90
CA LEU A 18 -4.82 0.72 -3.08
C LEU A 18 -3.61 0.32 -3.91
N ALA A 19 -3.86 -0.28 -5.08
CA ALA A 19 -2.78 -0.65 -5.99
C ALA A 19 -2.05 0.59 -6.49
N THR A 20 -2.75 1.71 -6.54
CA THR A 20 -2.16 2.96 -6.94
C THR A 20 -1.46 3.59 -5.74
N LEU A 21 -2.11 3.50 -4.59
CA LEU A 21 -1.56 3.98 -3.34
C LEU A 21 -0.20 3.39 -3.07
N VAL A 22 -0.16 2.08 -2.92
CA VAL A 22 1.08 1.38 -2.61
C VAL A 22 2.16 1.66 -3.66
N ALA A 23 1.76 1.67 -4.92
CA ALA A 23 2.67 1.97 -6.01
C ALA A 23 3.22 3.39 -5.87
N ALA A 24 2.33 4.35 -5.66
CA ALA A 24 2.74 5.74 -5.51
C ALA A 24 3.51 5.93 -4.23
N ALA A 25 3.19 5.14 -3.23
CA ALA A 25 3.88 5.16 -1.97
C ALA A 25 5.33 4.78 -2.17
N THR A 26 5.54 3.54 -2.59
CA THR A 26 6.89 2.97 -2.74
C THR A 26 7.73 3.77 -3.72
N ALA A 27 7.07 4.33 -4.71
CA ALA A 27 7.76 5.11 -5.72
C ALA A 27 8.21 6.45 -5.16
N THR A 28 7.44 6.99 -4.24
CA THR A 28 7.73 8.30 -3.68
C THR A 28 8.77 8.22 -2.57
N VAL A 29 8.77 7.11 -1.82
CA VAL A 29 9.74 6.92 -0.74
C VAL A 29 11.15 7.14 -1.28
N LEU A 30 11.52 6.34 -2.26
CA LEU A 30 12.79 6.48 -2.95
C LEU A 30 12.78 7.69 -3.89
N GLY A 31 11.67 7.89 -4.58
CA GLY A 31 11.61 8.91 -5.61
C GLY A 31 12.41 8.49 -6.82
N HIS A 32 11.78 7.73 -7.72
CA HIS A 32 12.54 7.08 -8.80
C HIS A 32 11.65 6.37 -9.82
N HIS A 33 10.34 6.35 -9.62
CA HIS A 33 9.49 5.48 -10.43
C HIS A 33 8.08 6.03 -10.56
N THR A 34 7.50 5.82 -11.72
CA THR A 34 6.09 6.11 -11.95
C THR A 34 5.24 5.05 -11.25
N PRO A 35 4.26 5.46 -10.43
CA PRO A 35 3.43 4.54 -9.67
C PRO A 35 2.59 3.67 -10.61
N GLU A 36 2.39 4.19 -11.80
CA GLU A 36 1.65 3.51 -12.83
C GLU A 36 2.44 2.34 -13.39
N SER A 37 3.74 2.37 -13.14
CA SER A 37 4.65 1.40 -13.70
C SER A 37 5.21 0.47 -12.60
N ILE A 38 4.67 0.60 -11.39
CA ILE A 38 5.07 -0.28 -10.30
C ILE A 38 4.53 -1.69 -10.54
N SER A 39 5.42 -2.63 -10.80
CA SER A 39 5.03 -4.00 -11.06
C SER A 39 4.56 -4.67 -9.77
N PRO A 40 3.35 -5.23 -9.79
CA PRO A 40 2.68 -5.80 -8.61
C PRO A 40 3.38 -7.04 -8.06
N ALA A 41 3.99 -7.81 -8.95
CA ALA A 41 4.60 -9.07 -8.57
C ALA A 41 6.01 -8.88 -8.02
N THR A 42 6.59 -7.70 -8.25
CA THR A 42 7.95 -7.44 -7.80
C THR A 42 7.98 -7.20 -6.29
N ALA A 43 9.12 -7.49 -5.70
CA ALA A 43 9.32 -7.32 -4.27
C ALA A 43 9.91 -5.95 -3.99
N PHE A 44 9.52 -5.35 -2.88
CA PHE A 44 10.03 -4.03 -2.49
C PHE A 44 11.54 -4.06 -2.37
N LYS A 45 12.07 -5.23 -2.03
CA LYS A 45 13.50 -5.49 -2.05
C LYS A 45 14.09 -5.01 -3.36
N ASP A 46 13.50 -5.48 -4.45
CA ASP A 46 13.96 -5.19 -5.79
C ASP A 46 13.60 -3.78 -6.24
N LEU A 47 12.51 -3.23 -5.70
CA LEU A 47 12.13 -1.85 -6.02
C LEU A 47 13.11 -0.86 -5.40
N GLY A 48 13.83 -1.30 -4.37
CA GLY A 48 14.87 -0.49 -3.78
C GLY A 48 14.59 -0.18 -2.33
N ILE A 49 13.54 -0.76 -1.80
CA ILE A 49 13.13 -0.55 -0.43
C ILE A 49 14.09 -1.23 0.54
N ASP A 50 14.45 -0.51 1.59
CA ASP A 50 15.28 -1.07 2.65
C ASP A 50 14.49 -1.10 3.93
N SER A 51 15.13 -1.38 5.05
CA SER A 51 14.43 -1.37 6.33
C SER A 51 14.05 0.05 6.70
N LEU A 52 14.80 0.98 6.16
CA LEU A 52 14.65 2.40 6.46
C LEU A 52 13.45 2.97 5.74
N THR A 53 13.36 2.67 4.46
CA THR A 53 12.26 3.15 3.64
C THR A 53 11.02 2.28 3.78
N ALA A 54 11.20 1.07 4.31
CA ALA A 54 10.07 0.19 4.60
C ALA A 54 9.10 0.86 5.57
N LEU A 55 9.66 1.53 6.58
CA LEU A 55 8.82 2.19 7.56
C LEU A 55 8.21 3.45 6.97
N GLU A 56 8.99 4.20 6.20
CA GLU A 56 8.50 5.38 5.51
C GLU A 56 7.35 5.05 4.57
N LEU A 57 7.45 3.91 3.91
CA LEU A 57 6.43 3.46 2.99
C LEU A 57 5.12 3.24 3.74
N ARG A 58 5.14 2.38 4.76
CA ARG A 58 3.94 2.07 5.52
C ARG A 58 3.47 3.28 6.32
N ASN A 59 4.37 4.23 6.56
CA ASN A 59 4.00 5.49 7.18
C ASN A 59 2.92 6.18 6.35
N THR A 60 3.18 6.31 5.05
CA THR A 60 2.24 6.96 4.15
C THR A 60 1.02 6.07 3.88
N LEU A 61 1.25 4.76 3.78
CA LEU A 61 0.16 3.82 3.55
C LEU A 61 -0.88 3.92 4.65
N THR A 62 -0.43 3.89 5.89
CA THR A 62 -1.31 4.00 7.03
C THR A 62 -1.92 5.40 7.12
N HIS A 63 -1.13 6.39 6.71
CA HIS A 63 -1.58 7.79 6.70
C HIS A 63 -2.76 7.96 5.75
N ASN A 64 -2.67 7.33 4.59
CA ASN A 64 -3.72 7.40 3.58
C ASN A 64 -4.97 6.67 4.05
N THR A 65 -4.77 5.57 4.76
CA THR A 65 -5.86 4.67 5.09
C THR A 65 -6.56 5.06 6.39
N GLY A 66 -5.82 5.58 7.35
CA GLY A 66 -6.40 6.00 8.61
C GLY A 66 -6.32 4.90 9.66
N LEU A 67 -5.66 3.81 9.30
CA LEU A 67 -5.48 2.66 10.19
C LEU A 67 -4.41 2.96 11.23
N ASP A 68 -4.03 1.92 11.95
CA ASP A 68 -2.98 2.01 12.95
C ASP A 68 -1.69 1.48 12.34
N LEU A 69 -0.59 2.15 12.63
CA LEU A 69 0.70 1.85 12.01
C LEU A 69 1.39 0.64 12.64
N PRO A 70 1.41 -0.50 11.94
CA PRO A 70 2.11 -1.70 12.38
C PRO A 70 3.53 -1.75 11.84
N PRO A 71 4.51 -2.13 12.68
CA PRO A 71 5.91 -2.25 12.27
C PRO A 71 6.15 -3.47 11.37
N THR A 72 5.11 -4.28 11.21
CA THR A 72 5.22 -5.52 10.47
C THR A 72 4.61 -5.40 9.08
N LEU A 73 4.16 -4.20 8.75
CA LEU A 73 3.49 -3.95 7.48
C LEU A 73 4.32 -4.43 6.29
N ILE A 74 5.48 -3.79 6.08
CA ILE A 74 6.34 -4.13 4.95
C ILE A 74 7.18 -5.37 5.28
N PHE A 75 7.21 -5.70 6.57
CA PHE A 75 7.91 -6.90 7.03
C PHE A 75 7.20 -8.16 6.56
N ASP A 76 5.91 -8.23 6.87
CA ASP A 76 5.13 -9.44 6.62
C ASP A 76 4.65 -9.52 5.18
N HIS A 77 4.21 -8.39 4.65
CA HIS A 77 3.57 -8.39 3.33
C HIS A 77 4.28 -7.46 2.34
N PRO A 78 5.58 -7.65 2.04
CA PRO A 78 6.20 -6.76 1.07
C PRO A 78 5.89 -7.19 -0.36
N THR A 79 4.98 -6.45 -0.96
CA THR A 79 4.67 -6.54 -2.39
C THR A 79 3.62 -5.47 -2.69
N PRO A 80 3.62 -4.86 -3.88
CA PRO A 80 2.60 -3.87 -4.24
C PRO A 80 1.20 -4.46 -4.21
N HIS A 81 1.03 -5.57 -4.94
CA HIS A 81 -0.28 -6.23 -5.05
C HIS A 81 -0.71 -6.85 -3.71
N ALA A 82 0.25 -7.34 -2.94
CA ALA A 82 -0.07 -8.00 -1.69
C ALA A 82 -0.56 -7.00 -0.66
N LEU A 83 0.06 -5.84 -0.61
CA LEU A 83 -0.41 -4.76 0.26
C LEU A 83 -1.80 -4.32 -0.16
N THR A 84 -2.08 -4.41 -1.47
CA THR A 84 -3.39 -4.10 -1.98
C THR A 84 -4.45 -4.96 -1.32
N GLN A 85 -4.10 -6.21 -1.03
CA GLN A 85 -5.03 -7.14 -0.43
C GLN A 85 -5.13 -6.91 1.07
N HIS A 86 -3.98 -6.77 1.71
CA HIS A 86 -3.93 -6.57 3.15
C HIS A 86 -4.71 -5.32 3.55
N LEU A 87 -4.34 -4.19 2.96
CA LEU A 87 -4.99 -2.93 3.27
C LEU A 87 -6.44 -2.94 2.81
N HIS A 88 -6.74 -3.73 1.78
CA HIS A 88 -8.11 -3.84 1.30
C HIS A 88 -8.98 -4.47 2.38
N THR A 89 -8.44 -5.45 3.07
CA THR A 89 -9.14 -6.10 4.16
C THR A 89 -9.20 -5.17 5.37
N ARG A 90 -8.12 -4.46 5.65
CA ARG A 90 -8.06 -3.53 6.77
C ARG A 90 -9.17 -2.49 6.68
N LEU A 91 -9.39 -2.00 5.48
CA LEU A 91 -10.30 -0.91 5.21
C LEU A 91 -11.75 -1.40 5.08
N THR A 92 -11.91 -2.68 4.84
CA THR A 92 -13.25 -3.25 4.69
C THR A 92 -13.69 -3.93 5.97
N GLN A 93 -12.72 -4.26 6.81
CA GLN A 93 -12.98 -4.86 8.10
C GLN A 93 -13.49 -3.81 9.08
N SER A 94 -12.81 -2.68 9.14
CA SER A 94 -13.21 -1.58 9.99
C SER A 94 -14.04 -0.58 9.20
N HIS A 95 -15.35 -0.62 9.38
CA HIS A 95 -16.24 0.29 8.67
C HIS A 95 -17.36 0.78 9.58
N GLY A 1 -11.10 7.45 11.82
CA GLY A 1 -11.85 7.83 10.60
C GLY A 1 -11.09 7.48 9.35
N SER A 2 -11.81 7.16 8.28
CA SER A 2 -11.22 6.85 7.01
C SER A 2 -12.06 7.42 5.87
N HIS A 3 -11.42 7.63 4.73
CA HIS A 3 -12.10 8.15 3.55
C HIS A 3 -12.77 7.02 2.76
N MET A 4 -13.01 5.92 3.45
CA MET A 4 -13.53 4.70 2.85
C MET A 4 -15.04 4.62 2.98
N ARG A 5 -15.66 5.72 3.35
CA ARG A 5 -17.09 5.70 3.63
C ARG A 5 -17.89 5.75 2.33
N LEU A 6 -17.19 5.67 1.22
CA LEU A 6 -17.79 5.65 -0.11
C LEU A 6 -18.39 4.27 -0.44
N ASN A 7 -18.79 3.56 0.61
CA ASN A 7 -19.37 2.21 0.50
C ASN A 7 -20.31 2.07 -0.69
N GLY A 8 -20.36 0.85 -1.22
CA GLY A 8 -21.04 0.63 -2.48
C GLY A 8 -20.04 0.29 -3.55
N LEU A 9 -18.77 0.27 -3.14
CA LEU A 9 -17.66 -0.02 -4.02
C LEU A 9 -17.62 -1.52 -4.31
N SER A 10 -17.35 -1.87 -5.55
CA SER A 10 -17.05 -3.24 -5.90
C SER A 10 -15.59 -3.50 -5.51
N PRO A 11 -15.25 -4.70 -5.03
CA PRO A 11 -13.92 -5.01 -4.49
C PRO A 11 -12.75 -4.37 -5.25
N GLN A 12 -12.80 -4.41 -6.58
CA GLN A 12 -11.70 -3.90 -7.39
C GLN A 12 -11.58 -2.38 -7.34
N GLN A 13 -12.64 -1.71 -6.89
CA GLN A 13 -12.62 -0.26 -6.73
C GLN A 13 -11.54 0.16 -5.76
N GLN A 14 -11.62 -0.33 -4.54
CA GLN A 14 -10.60 -0.06 -3.56
C GLN A 14 -9.27 -0.67 -3.97
N GLN A 15 -9.29 -1.90 -4.50
CA GLN A 15 -8.05 -2.55 -4.93
C GLN A 15 -7.24 -1.70 -5.91
N GLN A 16 -7.90 -1.05 -6.87
CA GLN A 16 -7.16 -0.21 -7.82
C GLN A 16 -6.59 1.02 -7.11
N THR A 17 -7.39 1.63 -6.25
CA THR A 17 -6.94 2.74 -5.41
C THR A 17 -5.71 2.35 -4.60
N LEU A 18 -5.87 1.31 -3.79
CA LEU A 18 -4.81 0.80 -2.94
C LEU A 18 -3.59 0.37 -3.75
N ALA A 19 -3.83 -0.21 -4.94
CA ALA A 19 -2.73 -0.61 -5.82
C ALA A 19 -1.97 0.61 -6.33
N THR A 20 -2.67 1.71 -6.50
CA THR A 20 -2.06 2.94 -6.96
C THR A 20 -1.38 3.64 -5.79
N LEU A 21 -2.04 3.56 -4.63
CA LEU A 21 -1.51 4.09 -3.39
C LEU A 21 -0.15 3.50 -3.09
N VAL A 22 -0.11 2.19 -2.93
CA VAL A 22 1.12 1.50 -2.60
C VAL A 22 2.21 1.77 -3.63
N ALA A 23 1.83 1.78 -4.90
CA ALA A 23 2.73 2.10 -5.99
C ALA A 23 3.28 3.51 -5.85
N ALA A 24 2.40 4.48 -5.64
CA ALA A 24 2.80 5.86 -5.48
C ALA A 24 3.58 6.04 -4.19
N ALA A 25 3.23 5.25 -3.19
CA ALA A 25 3.92 5.30 -1.91
C ALA A 25 5.38 4.90 -2.09
N THR A 26 5.58 3.67 -2.55
CA THR A 26 6.93 3.13 -2.70
C THR A 26 7.77 3.97 -3.65
N ALA A 27 7.13 4.47 -4.70
CA ALA A 27 7.82 5.24 -5.70
C ALA A 27 8.23 6.61 -5.15
N THR A 28 7.54 7.07 -4.11
CA THR A 28 7.83 8.37 -3.53
C THR A 28 8.86 8.26 -2.40
N VAL A 29 8.82 7.17 -1.63
CA VAL A 29 9.78 7.00 -0.53
C VAL A 29 11.18 6.86 -1.12
N LEU A 30 11.26 6.17 -2.25
CA LEU A 30 12.51 6.01 -2.97
C LEU A 30 12.72 7.16 -3.95
N GLY A 31 11.63 7.67 -4.53
CA GLY A 31 11.73 8.74 -5.52
C GLY A 31 12.55 8.32 -6.71
N HIS A 32 11.94 7.58 -7.64
CA HIS A 32 12.72 6.94 -8.70
C HIS A 32 11.84 6.28 -9.78
N HIS A 33 10.52 6.39 -9.70
CA HIS A 33 9.67 5.58 -10.57
C HIS A 33 8.25 6.13 -10.66
N THR A 34 7.65 5.98 -11.83
CA THR A 34 6.25 6.30 -12.03
C THR A 34 5.37 5.23 -11.35
N PRO A 35 4.50 5.67 -10.42
CA PRO A 35 3.64 4.77 -9.64
C PRO A 35 2.79 3.87 -10.52
N GLU A 36 2.35 4.41 -11.65
CA GLU A 36 1.55 3.69 -12.59
C GLU A 36 2.28 2.45 -13.12
N SER A 37 3.61 2.50 -13.08
CA SER A 37 4.43 1.46 -13.66
C SER A 37 5.07 0.57 -12.58
N ILE A 38 4.57 0.68 -11.34
CA ILE A 38 5.05 -0.19 -10.27
C ILE A 38 4.52 -1.61 -10.47
N SER A 39 5.44 -2.53 -10.76
CA SER A 39 5.06 -3.91 -11.03
C SER A 39 4.63 -4.63 -9.76
N PRO A 40 3.43 -5.22 -9.79
CA PRO A 40 2.80 -5.86 -8.62
C PRO A 40 3.51 -7.13 -8.15
N ALA A 41 4.09 -7.87 -9.08
CA ALA A 41 4.69 -9.16 -8.77
C ALA A 41 6.09 -9.01 -8.18
N THR A 42 6.66 -7.82 -8.29
CA THR A 42 8.01 -7.59 -7.80
C THR A 42 7.98 -7.28 -6.30
N ALA A 43 9.05 -7.62 -5.63
CA ALA A 43 9.17 -7.39 -4.19
C ALA A 43 9.78 -6.03 -3.94
N PHE A 44 9.29 -5.34 -2.90
CA PHE A 44 9.79 -4.02 -2.53
C PHE A 44 11.31 -4.04 -2.38
N LYS A 45 11.81 -5.18 -1.94
CA LYS A 45 13.24 -5.41 -1.87
C LYS A 45 13.91 -5.06 -3.19
N ASP A 46 13.41 -5.66 -4.26
CA ASP A 46 13.93 -5.44 -5.60
C ASP A 46 13.59 -4.04 -6.12
N LEU A 47 12.46 -3.48 -5.65
CA LEU A 47 12.06 -2.13 -6.05
C LEU A 47 13.04 -1.08 -5.53
N GLY A 48 13.79 -1.42 -4.49
CA GLY A 48 14.78 -0.51 -3.95
C GLY A 48 14.54 -0.22 -2.48
N ILE A 49 13.40 -0.68 -1.98
CA ILE A 49 13.01 -0.50 -0.60
C ILE A 49 14.00 -1.15 0.36
N ASP A 50 14.42 -0.40 1.36
CA ASP A 50 15.26 -0.94 2.42
C ASP A 50 14.39 -1.13 3.66
N SER A 51 15.02 -1.42 4.78
CA SER A 51 14.28 -1.51 6.02
C SER A 51 13.91 -0.11 6.50
N LEU A 52 14.71 0.84 6.06
CA LEU A 52 14.57 2.23 6.44
C LEU A 52 13.36 2.85 5.75
N THR A 53 13.31 2.67 4.45
CA THR A 53 12.19 3.19 3.66
C THR A 53 10.96 2.31 3.79
N ALA A 54 11.14 1.11 4.32
CA ALA A 54 10.03 0.21 4.60
C ALA A 54 9.05 0.85 5.58
N LEU A 55 9.58 1.56 6.58
CA LEU A 55 8.72 2.23 7.54
C LEU A 55 8.06 3.46 6.92
N GLU A 56 8.84 4.21 6.16
CA GLU A 56 8.33 5.40 5.47
C GLU A 56 7.19 5.06 4.52
N LEU A 57 7.33 3.94 3.83
CA LEU A 57 6.30 3.47 2.92
C LEU A 57 5.00 3.22 3.68
N ARG A 58 5.06 2.40 4.72
CA ARG A 58 3.87 2.06 5.48
C ARG A 58 3.34 3.28 6.25
N ASN A 59 4.22 4.24 6.51
CA ASN A 59 3.83 5.52 7.09
C ASN A 59 2.80 6.19 6.20
N THR A 60 3.08 6.22 4.90
CA THR A 60 2.16 6.78 3.93
C THR A 60 0.91 5.93 3.81
N LEU A 61 1.10 4.61 3.69
CA LEU A 61 0.00 3.67 3.52
C LEU A 61 -1.02 3.80 4.64
N THR A 62 -0.54 3.79 5.87
CA THR A 62 -1.41 3.89 7.03
C THR A 62 -2.11 5.25 7.10
N HIS A 63 -1.37 6.30 6.83
CA HIS A 63 -1.89 7.65 6.95
C HIS A 63 -2.89 7.94 5.83
N ASN A 64 -2.69 7.30 4.69
CA ASN A 64 -3.52 7.50 3.52
C ASN A 64 -4.80 6.68 3.61
N THR A 65 -4.84 5.75 4.56
CA THR A 65 -5.98 4.87 4.70
C THR A 65 -6.85 5.25 5.91
N GLY A 66 -6.18 5.59 7.00
CA GLY A 66 -6.91 5.91 8.22
C GLY A 66 -6.82 4.77 9.24
N LEU A 67 -5.85 3.89 9.03
CA LEU A 67 -5.63 2.75 9.91
C LEU A 67 -4.64 3.10 11.00
N ASP A 68 -4.20 2.08 11.72
CA ASP A 68 -3.23 2.23 12.77
C ASP A 68 -1.91 1.60 12.35
N LEU A 69 -0.81 2.33 12.59
CA LEU A 69 0.49 1.97 12.04
C LEU A 69 1.07 0.69 12.66
N PRO A 70 1.13 -0.39 11.86
CA PRO A 70 1.80 -1.62 12.26
C PRO A 70 3.26 -1.65 11.81
N PRO A 71 4.20 -1.88 12.74
CA PRO A 71 5.63 -1.95 12.41
C PRO A 71 5.96 -3.16 11.54
N THR A 72 4.99 -4.04 11.39
CA THR A 72 5.20 -5.30 10.68
C THR A 72 4.65 -5.25 9.26
N LEU A 73 4.13 -4.10 8.87
CA LEU A 73 3.49 -3.91 7.57
C LEU A 73 4.36 -4.44 6.42
N ILE A 74 5.47 -3.76 6.16
CA ILE A 74 6.35 -4.14 5.07
C ILE A 74 7.20 -5.35 5.46
N PHE A 75 7.25 -5.60 6.77
CA PHE A 75 8.03 -6.70 7.30
C PHE A 75 7.38 -8.04 6.95
N ASP A 76 6.06 -8.06 6.99
CA ASP A 76 5.30 -9.28 6.74
C ASP A 76 4.84 -9.39 5.30
N HIS A 77 4.54 -8.26 4.67
CA HIS A 77 3.93 -8.30 3.35
C HIS A 77 4.61 -7.33 2.39
N PRO A 78 5.90 -7.48 2.06
CA PRO A 78 6.47 -6.58 1.08
C PRO A 78 6.14 -7.04 -0.34
N THR A 79 5.19 -6.33 -0.94
CA THR A 79 4.83 -6.47 -2.35
C THR A 79 3.74 -5.47 -2.68
N PRO A 80 3.74 -4.85 -3.87
CA PRO A 80 2.72 -3.85 -4.22
C PRO A 80 1.31 -4.44 -4.19
N HIS A 81 1.12 -5.52 -4.94
CA HIS A 81 -0.19 -6.18 -5.04
C HIS A 81 -0.61 -6.77 -3.69
N ALA A 82 0.35 -7.34 -2.97
CA ALA A 82 0.06 -8.00 -1.71
C ALA A 82 -0.49 -7.01 -0.68
N LEU A 83 0.15 -5.85 -0.59
CA LEU A 83 -0.33 -4.80 0.30
C LEU A 83 -1.74 -4.37 -0.05
N THR A 84 -2.05 -4.34 -1.34
CA THR A 84 -3.40 -4.00 -1.79
C THR A 84 -4.42 -4.89 -1.12
N GLN A 85 -4.09 -6.16 -1.06
CA GLN A 85 -4.98 -7.16 -0.48
C GLN A 85 -5.10 -6.97 1.03
N HIS A 86 -3.95 -6.85 1.69
CA HIS A 86 -3.92 -6.64 3.14
C HIS A 86 -4.69 -5.39 3.52
N LEU A 87 -4.32 -4.29 2.89
CA LEU A 87 -4.94 -3.01 3.17
C LEU A 87 -6.43 -3.04 2.82
N HIS A 88 -6.78 -3.75 1.75
CA HIS A 88 -8.18 -3.86 1.34
C HIS A 88 -9.01 -4.51 2.44
N THR A 89 -8.42 -5.46 3.14
CA THR A 89 -9.08 -6.11 4.24
C THR A 89 -9.16 -5.19 5.46
N ARG A 90 -8.08 -4.45 5.70
CA ARG A 90 -8.01 -3.54 6.83
C ARG A 90 -9.16 -2.54 6.84
N LEU A 91 -9.37 -1.89 5.70
CA LEU A 91 -10.39 -0.87 5.56
C LEU A 91 -11.79 -1.45 5.66
N THR A 92 -12.01 -2.61 5.07
CA THR A 92 -13.32 -3.25 5.13
C THR A 92 -13.59 -3.77 6.54
N GLN A 93 -12.50 -4.07 7.25
CA GLN A 93 -12.55 -4.46 8.65
C GLN A 93 -12.65 -3.23 9.55
N SER A 94 -12.69 -2.06 8.95
CA SER A 94 -12.85 -0.82 9.68
C SER A 94 -14.18 -0.17 9.33
N HIS A 95 -15.21 -1.00 9.19
CA HIS A 95 -16.53 -0.53 8.83
C HIS A 95 -17.20 0.12 10.03
N GLY A 1 -16.35 4.73 9.70
CA GLY A 1 -15.24 3.87 9.22
C GLY A 1 -14.15 4.66 8.52
N SER A 2 -13.47 4.04 7.59
CA SER A 2 -12.44 4.71 6.82
C SER A 2 -12.83 4.76 5.34
N HIS A 3 -14.01 5.30 5.06
CA HIS A 3 -14.54 5.36 3.68
C HIS A 3 -13.82 6.41 2.84
N MET A 4 -12.60 6.73 3.25
CA MET A 4 -11.76 7.76 2.62
C MET A 4 -11.83 7.78 1.10
N ARG A 5 -11.20 6.80 0.47
CA ARG A 5 -11.07 6.78 -0.98
C ARG A 5 -11.83 5.62 -1.61
N LEU A 6 -12.47 4.80 -0.79
CA LEU A 6 -13.12 3.60 -1.31
C LEU A 6 -14.61 3.60 -1.02
N ASN A 7 -15.18 4.76 -0.79
CA ASN A 7 -16.59 4.85 -0.45
C ASN A 7 -17.43 4.49 -1.68
N GLY A 8 -18.20 3.42 -1.55
CA GLY A 8 -19.05 2.97 -2.64
C GLY A 8 -18.28 2.25 -3.73
N LEU A 9 -17.01 1.95 -3.47
CA LEU A 9 -16.16 1.28 -4.45
C LEU A 9 -16.35 -0.22 -4.40
N SER A 10 -16.28 -0.85 -5.56
CA SER A 10 -16.39 -2.30 -5.67
C SER A 10 -15.02 -2.93 -5.39
N PRO A 11 -15.00 -4.12 -4.77
CA PRO A 11 -13.77 -4.82 -4.36
C PRO A 11 -12.62 -4.70 -5.37
N GLN A 12 -12.89 -4.99 -6.64
CA GLN A 12 -11.89 -4.94 -7.67
C GLN A 12 -11.38 -3.51 -7.89
N GLN A 13 -12.32 -2.57 -7.94
CA GLN A 13 -12.00 -1.17 -8.13
C GLN A 13 -11.12 -0.66 -6.99
N GLN A 14 -11.37 -1.19 -5.81
CA GLN A 14 -10.62 -0.80 -4.62
C GLN A 14 -9.17 -1.24 -4.74
N GLN A 15 -8.95 -2.47 -5.19
CA GLN A 15 -7.60 -2.97 -5.39
C GLN A 15 -6.82 -2.09 -6.34
N GLN A 16 -7.47 -1.61 -7.39
CA GLN A 16 -6.83 -0.72 -8.36
C GLN A 16 -6.29 0.51 -7.65
N THR A 17 -7.15 1.10 -6.83
CA THR A 17 -6.79 2.24 -6.01
C THR A 17 -5.56 1.93 -5.15
N LEU A 18 -5.69 0.91 -4.31
CA LEU A 18 -4.64 0.52 -3.39
C LEU A 18 -3.35 0.13 -4.11
N ALA A 19 -3.48 -0.53 -5.26
CA ALA A 19 -2.33 -0.91 -6.06
C ALA A 19 -1.61 0.32 -6.59
N THR A 20 -2.33 1.41 -6.71
CA THR A 20 -1.75 2.67 -7.14
C THR A 20 -1.20 3.41 -5.93
N LEU A 21 -1.91 3.30 -4.82
CA LEU A 21 -1.49 3.87 -3.55
C LEU A 21 -0.13 3.35 -3.13
N VAL A 22 -0.05 2.06 -2.92
CA VAL A 22 1.19 1.42 -2.49
C VAL A 22 2.34 1.72 -3.45
N ALA A 23 2.04 1.75 -4.74
CA ALA A 23 3.02 2.14 -5.73
C ALA A 23 3.46 3.58 -5.52
N ALA A 24 2.50 4.49 -5.42
CA ALA A 24 2.80 5.89 -5.17
C ALA A 24 3.51 6.05 -3.85
N ALA A 25 3.15 5.21 -2.90
CA ALA A 25 3.78 5.21 -1.60
C ALA A 25 5.27 4.86 -1.73
N THR A 26 5.56 3.72 -2.34
CA THR A 26 6.93 3.24 -2.45
C THR A 26 7.74 4.12 -3.38
N ALA A 27 7.08 4.69 -4.37
CA ALA A 27 7.73 5.58 -5.30
C ALA A 27 8.06 6.91 -4.63
N THR A 28 7.37 7.21 -3.54
CA THR A 28 7.64 8.41 -2.77
C THR A 28 8.80 8.20 -1.80
N VAL A 29 8.85 7.02 -1.18
CA VAL A 29 9.88 6.72 -0.20
C VAL A 29 11.24 6.66 -0.89
N LEU A 30 11.24 6.06 -2.07
CA LEU A 30 12.46 5.93 -2.86
C LEU A 30 12.65 7.11 -3.81
N GLY A 31 11.56 7.62 -4.37
CA GLY A 31 11.67 8.68 -5.36
C GLY A 31 12.48 8.24 -6.57
N HIS A 32 11.84 7.50 -7.48
CA HIS A 32 12.59 6.84 -8.54
C HIS A 32 11.69 6.25 -9.63
N HIS A 33 10.38 6.34 -9.50
CA HIS A 33 9.50 5.62 -10.41
C HIS A 33 8.10 6.19 -10.42
N THR A 34 7.51 6.25 -11.60
CA THR A 34 6.11 6.62 -11.75
C THR A 34 5.24 5.51 -11.17
N PRO A 35 4.42 5.85 -10.16
CA PRO A 35 3.59 4.87 -9.43
C PRO A 35 2.68 4.05 -10.35
N GLU A 36 2.31 4.67 -11.47
CA GLU A 36 1.44 4.02 -12.45
C GLU A 36 2.14 2.84 -13.10
N SER A 37 3.46 2.86 -13.05
CA SER A 37 4.26 1.88 -13.76
C SER A 37 4.96 0.92 -12.78
N ILE A 38 4.48 0.87 -11.55
CA ILE A 38 5.02 -0.06 -10.56
C ILE A 38 4.33 -1.41 -10.66
N SER A 39 5.10 -2.44 -10.97
CA SER A 39 4.56 -3.77 -11.17
C SER A 39 4.22 -4.44 -9.84
N PRO A 40 3.02 -5.03 -9.76
CA PRO A 40 2.53 -5.71 -8.56
C PRO A 40 3.26 -7.02 -8.27
N ALA A 41 3.71 -7.69 -9.33
CA ALA A 41 4.39 -8.97 -9.20
C ALA A 41 5.82 -8.79 -8.68
N THR A 42 6.30 -7.57 -8.69
CA THR A 42 7.65 -7.28 -8.22
C THR A 42 7.67 -7.22 -6.70
N ALA A 43 8.85 -7.41 -6.15
CA ALA A 43 9.06 -7.37 -4.72
C ALA A 43 9.64 -6.02 -4.33
N PHE A 44 9.30 -5.54 -3.14
CA PHE A 44 9.87 -4.29 -2.64
C PHE A 44 11.37 -4.42 -2.50
N LYS A 45 11.82 -5.65 -2.28
CA LYS A 45 13.23 -5.99 -2.30
C LYS A 45 13.86 -5.48 -3.59
N ASP A 46 13.27 -5.88 -4.69
CA ASP A 46 13.74 -5.52 -6.03
C ASP A 46 13.52 -4.05 -6.32
N LEU A 47 12.37 -3.53 -5.91
CA LEU A 47 12.00 -2.15 -6.20
C LEU A 47 12.89 -1.14 -5.48
N GLY A 48 13.57 -1.57 -4.41
CA GLY A 48 14.55 -0.71 -3.78
C GLY A 48 14.25 -0.41 -2.32
N ILE A 49 13.30 -1.11 -1.75
CA ILE A 49 12.90 -0.90 -0.36
C ILE A 49 13.95 -1.45 0.61
N ASP A 50 14.45 -0.57 1.46
CA ASP A 50 15.35 -0.97 2.52
C ASP A 50 14.61 -0.92 3.84
N SER A 51 15.32 -0.94 4.95
CA SER A 51 14.67 -0.98 6.26
C SER A 51 14.08 0.38 6.62
N LEU A 52 14.79 1.42 6.25
CA LEU A 52 14.40 2.78 6.59
C LEU A 52 13.22 3.22 5.75
N THR A 53 13.24 2.86 4.48
CA THR A 53 12.18 3.21 3.58
C THR A 53 10.98 2.28 3.70
N ALA A 54 11.19 1.15 4.34
CA ALA A 54 10.09 0.23 4.64
C ALA A 54 9.07 0.91 5.54
N LEU A 55 9.55 1.61 6.56
CA LEU A 55 8.65 2.30 7.48
C LEU A 55 7.98 3.46 6.78
N GLU A 56 8.75 4.18 5.95
CA GLU A 56 8.25 5.33 5.20
C GLU A 56 7.09 4.94 4.30
N LEU A 57 7.21 3.78 3.65
CA LEU A 57 6.17 3.30 2.76
C LEU A 57 4.87 3.11 3.51
N ARG A 58 4.92 2.33 4.59
CA ARG A 58 3.73 2.07 5.37
C ARG A 58 3.21 3.36 5.98
N ASN A 59 4.13 4.27 6.31
CA ASN A 59 3.75 5.60 6.80
C ASN A 59 2.84 6.29 5.78
N THR A 60 3.30 6.33 4.54
CA THR A 60 2.57 6.99 3.46
C THR A 60 1.19 6.37 3.26
N LEU A 61 1.12 5.06 3.11
CA LEU A 61 -0.14 4.40 2.82
C LEU A 61 -1.05 4.37 4.04
N THR A 62 -0.49 4.48 5.24
CA THR A 62 -1.29 4.60 6.45
C THR A 62 -1.92 5.98 6.53
N HIS A 63 -1.14 7.00 6.19
CA HIS A 63 -1.65 8.37 6.17
C HIS A 63 -2.77 8.52 5.15
N ASN A 64 -2.67 7.75 4.06
CA ASN A 64 -3.70 7.76 3.02
C ASN A 64 -4.97 7.10 3.50
N THR A 65 -4.83 5.91 4.05
CA THR A 65 -5.97 5.11 4.46
C THR A 65 -6.67 5.71 5.68
N GLY A 66 -5.89 6.24 6.60
CA GLY A 66 -6.46 6.91 7.75
C GLY A 66 -6.48 6.04 8.99
N LEU A 67 -6.57 4.73 8.78
CA LEU A 67 -6.60 3.77 9.88
C LEU A 67 -5.19 3.48 10.38
N ASP A 68 -5.08 2.51 11.28
CA ASP A 68 -3.81 2.22 11.95
C ASP A 68 -3.19 0.95 11.41
N LEU A 69 -1.92 1.02 11.07
CA LEU A 69 -1.19 -0.11 10.51
C LEU A 69 0.05 -0.42 11.35
N PRO A 70 0.37 -1.71 11.51
CA PRO A 70 1.51 -2.17 12.32
C PRO A 70 2.86 -1.79 11.73
N PRO A 71 3.87 -1.63 12.61
CA PRO A 71 5.25 -1.34 12.20
C PRO A 71 5.91 -2.55 11.54
N THR A 72 5.18 -3.64 11.49
CA THR A 72 5.64 -4.88 10.90
C THR A 72 5.05 -5.04 9.50
N LEU A 73 4.32 -4.00 9.11
CA LEU A 73 3.67 -3.93 7.81
C LEU A 73 4.54 -4.48 6.67
N ILE A 74 5.67 -3.81 6.42
CA ILE A 74 6.54 -4.17 5.31
C ILE A 74 7.43 -5.37 5.69
N PHE A 75 7.38 -5.74 6.95
CA PHE A 75 8.14 -6.88 7.45
C PHE A 75 7.40 -8.17 7.11
N ASP A 76 6.08 -8.14 7.26
CA ASP A 76 5.25 -9.29 7.00
C ASP A 76 4.85 -9.41 5.54
N HIS A 77 4.46 -8.30 4.94
CA HIS A 77 3.89 -8.36 3.59
C HIS A 77 4.55 -7.36 2.64
N PRO A 78 5.85 -7.45 2.34
CA PRO A 78 6.42 -6.52 1.38
C PRO A 78 6.13 -6.96 -0.05
N THR A 79 5.19 -6.28 -0.67
CA THR A 79 4.86 -6.42 -2.09
C THR A 79 3.78 -5.41 -2.45
N PRO A 80 3.78 -4.83 -3.65
CA PRO A 80 2.76 -3.86 -4.04
C PRO A 80 1.35 -4.45 -3.98
N HIS A 81 1.13 -5.52 -4.73
CA HIS A 81 -0.18 -6.18 -4.80
C HIS A 81 -0.57 -6.76 -3.44
N ALA A 82 0.39 -7.30 -2.72
CA ALA A 82 0.10 -7.95 -1.45
C ALA A 82 -0.36 -6.94 -0.40
N LEU A 83 0.29 -5.78 -0.35
CA LEU A 83 -0.19 -4.70 0.50
C LEU A 83 -1.58 -4.27 0.09
N THR A 84 -1.84 -4.28 -1.22
CA THR A 84 -3.15 -4.00 -1.75
C THR A 84 -4.19 -4.90 -1.10
N GLN A 85 -3.84 -6.17 -0.95
CA GLN A 85 -4.72 -7.15 -0.36
C GLN A 85 -4.91 -6.87 1.12
N HIS A 86 -3.80 -6.61 1.81
CA HIS A 86 -3.82 -6.33 3.24
C HIS A 86 -4.69 -5.11 3.53
N LEU A 87 -4.37 -4.00 2.86
CA LEU A 87 -5.10 -2.76 3.06
C LEU A 87 -6.56 -2.90 2.67
N HIS A 88 -6.83 -3.70 1.63
CA HIS A 88 -8.19 -3.94 1.21
C HIS A 88 -8.94 -4.68 2.31
N THR A 89 -8.30 -5.69 2.87
CA THR A 89 -8.88 -6.48 3.95
C THR A 89 -9.10 -5.65 5.21
N ARG A 90 -8.45 -4.49 5.30
CA ARG A 90 -8.60 -3.65 6.48
C ARG A 90 -9.91 -2.90 6.47
N LEU A 91 -10.05 -1.96 5.55
CA LEU A 91 -11.21 -1.10 5.50
C LEU A 91 -12.41 -1.82 4.85
N THR A 92 -12.12 -2.64 3.85
CA THR A 92 -13.17 -3.27 3.08
C THR A 92 -13.83 -4.40 3.86
N GLN A 93 -13.02 -5.14 4.60
CA GLN A 93 -13.53 -6.14 5.51
C GLN A 93 -14.07 -5.45 6.77
N SER A 94 -13.65 -4.21 6.97
CA SER A 94 -14.21 -3.33 8.00
C SER A 94 -14.17 -3.99 9.38
N HIS A 95 -13.03 -3.87 10.04
CA HIS A 95 -12.88 -4.41 11.37
C HIS A 95 -13.19 -3.34 12.41
N GLY A 1 -14.33 12.53 4.79
CA GLY A 1 -13.59 11.80 3.75
C GLY A 1 -13.68 10.31 3.95
N SER A 2 -13.11 9.55 3.03
CA SER A 2 -13.14 8.10 3.13
C SER A 2 -11.85 7.58 3.75
N HIS A 3 -11.69 6.27 3.72
CA HIS A 3 -10.46 5.66 4.20
C HIS A 3 -9.34 5.85 3.18
N MET A 4 -9.60 5.60 1.89
CA MET A 4 -8.53 5.76 0.91
C MET A 4 -8.70 7.01 0.07
N ARG A 5 -9.50 6.90 -0.98
CA ARG A 5 -9.81 8.06 -1.78
C ARG A 5 -11.32 8.32 -1.86
N LEU A 6 -12.03 7.33 -2.41
CA LEU A 6 -13.46 7.42 -2.68
C LEU A 6 -14.24 6.24 -2.10
N ASN A 7 -13.71 5.63 -1.03
CA ASN A 7 -14.22 4.34 -0.51
C ASN A 7 -15.75 4.21 -0.57
N GLY A 8 -16.20 2.97 -0.70
CA GLY A 8 -17.57 2.70 -1.08
C GLY A 8 -17.61 2.11 -2.47
N LEU A 9 -16.48 1.53 -2.84
CA LEU A 9 -16.28 0.93 -4.16
C LEU A 9 -16.49 -0.57 -4.10
N SER A 10 -16.55 -1.19 -5.27
CA SER A 10 -16.57 -2.64 -5.37
C SER A 10 -15.15 -3.17 -5.16
N PRO A 11 -15.00 -4.44 -4.73
CA PRO A 11 -13.69 -5.06 -4.43
C PRO A 11 -12.58 -4.66 -5.40
N GLN A 12 -12.79 -4.89 -6.70
CA GLN A 12 -11.75 -4.60 -7.70
C GLN A 12 -11.55 -3.08 -7.86
N GLN A 13 -12.64 -2.32 -7.77
CA GLN A 13 -12.57 -0.87 -7.83
C GLN A 13 -11.75 -0.33 -6.68
N GLN A 14 -11.81 -1.02 -5.55
CA GLN A 14 -11.01 -0.67 -4.39
C GLN A 14 -9.55 -1.06 -4.64
N GLN A 15 -9.31 -2.32 -5.01
CA GLN A 15 -7.95 -2.81 -5.22
C GLN A 15 -7.17 -1.98 -6.23
N GLN A 16 -7.79 -1.57 -7.32
CA GLN A 16 -7.09 -0.74 -8.31
C GLN A 16 -6.58 0.54 -7.67
N THR A 17 -7.39 1.10 -6.78
CA THR A 17 -7.01 2.26 -5.99
C THR A 17 -5.80 1.94 -5.13
N LEU A 18 -5.95 0.93 -4.28
CA LEU A 18 -4.92 0.50 -3.36
C LEU A 18 -3.62 0.14 -4.07
N ALA A 19 -3.75 -0.54 -5.21
CA ALA A 19 -2.59 -0.92 -6.01
C ALA A 19 -1.87 0.32 -6.54
N THR A 20 -2.61 1.40 -6.69
CA THR A 20 -2.03 2.66 -7.13
C THR A 20 -1.43 3.39 -5.94
N LEU A 21 -2.12 3.29 -4.80
CA LEU A 21 -1.67 3.88 -3.56
C LEU A 21 -0.30 3.34 -3.17
N VAL A 22 -0.24 2.04 -2.93
CA VAL A 22 0.99 1.39 -2.52
C VAL A 22 2.12 1.66 -3.51
N ALA A 23 1.79 1.65 -4.80
CA ALA A 23 2.72 2.01 -5.84
C ALA A 23 3.23 3.43 -5.64
N ALA A 24 2.30 4.39 -5.61
CA ALA A 24 2.65 5.79 -5.45
C ALA A 24 3.39 6.02 -4.14
N ALA A 25 3.06 5.21 -3.13
CA ALA A 25 3.71 5.28 -1.84
C ALA A 25 5.19 4.95 -1.95
N THR A 26 5.50 3.80 -2.54
CA THR A 26 6.89 3.37 -2.66
C THR A 26 7.63 4.23 -3.67
N ALA A 27 6.86 4.81 -4.57
CA ALA A 27 7.36 5.75 -5.55
C ALA A 27 7.72 7.07 -4.88
N THR A 28 7.16 7.30 -3.70
CA THR A 28 7.47 8.49 -2.93
C THR A 28 8.65 8.25 -1.98
N VAL A 29 8.71 7.05 -1.40
CA VAL A 29 9.77 6.72 -0.46
C VAL A 29 11.09 6.57 -1.21
N LEU A 30 11.05 5.82 -2.31
CA LEU A 30 12.21 5.64 -3.16
C LEU A 30 12.25 6.69 -4.26
N GLY A 31 13.36 6.73 -5.00
CA GLY A 31 13.53 7.71 -6.05
C GLY A 31 13.17 7.17 -7.42
N HIS A 32 11.89 6.85 -7.61
CA HIS A 32 11.40 6.35 -8.89
C HIS A 32 9.91 6.67 -8.99
N HIS A 33 9.56 7.93 -8.84
CA HIS A 33 8.16 8.31 -8.68
C HIS A 33 7.39 8.29 -10.00
N THR A 34 7.21 7.08 -10.52
CA THR A 34 6.25 6.81 -11.57
C THR A 34 5.58 5.47 -11.25
N PRO A 35 4.42 5.52 -10.57
CA PRO A 35 3.75 4.32 -10.07
C PRO A 35 3.34 3.38 -11.20
N GLU A 36 3.27 3.94 -12.40
CA GLU A 36 2.95 3.21 -13.59
C GLU A 36 3.99 2.13 -13.87
N SER A 37 5.24 2.42 -13.53
CA SER A 37 6.34 1.52 -13.84
C SER A 37 6.56 0.52 -12.71
N ILE A 38 5.72 0.59 -11.69
CA ILE A 38 5.81 -0.31 -10.56
C ILE A 38 4.98 -1.57 -10.82
N SER A 39 5.66 -2.70 -10.92
CA SER A 39 4.99 -3.96 -11.19
C SER A 39 4.47 -4.56 -9.88
N PRO A 40 3.20 -5.00 -9.88
CA PRO A 40 2.52 -5.47 -8.67
C PRO A 40 3.13 -6.73 -8.08
N ALA A 41 3.72 -7.55 -8.93
CA ALA A 41 4.27 -8.83 -8.52
C ALA A 41 5.74 -8.75 -8.12
N THR A 42 6.33 -7.56 -8.19
CA THR A 42 7.72 -7.40 -7.79
C THR A 42 7.81 -7.15 -6.29
N ALA A 43 8.87 -7.65 -5.70
CA ALA A 43 9.08 -7.51 -4.28
C ALA A 43 9.75 -6.18 -3.99
N PHE A 44 9.28 -5.51 -2.94
CA PHE A 44 9.81 -4.20 -2.55
C PHE A 44 11.32 -4.24 -2.38
N LYS A 45 11.84 -5.39 -2.00
CA LYS A 45 13.27 -5.60 -1.90
C LYS A 45 13.94 -5.23 -3.22
N ASP A 46 13.37 -5.74 -4.31
CA ASP A 46 13.91 -5.53 -5.64
C ASP A 46 13.77 -4.07 -6.08
N LEU A 47 12.68 -3.42 -5.68
CA LEU A 47 12.43 -2.03 -6.08
C LEU A 47 13.42 -1.08 -5.41
N GLY A 48 14.01 -1.50 -4.30
CA GLY A 48 14.99 -0.68 -3.63
C GLY A 48 14.64 -0.39 -2.19
N ILE A 49 13.50 -0.93 -1.76
CA ILE A 49 13.03 -0.76 -0.40
C ILE A 49 13.97 -1.41 0.60
N ASP A 50 14.44 -0.61 1.55
CA ASP A 50 15.24 -1.12 2.65
C ASP A 50 14.36 -1.30 3.86
N SER A 51 14.96 -1.47 5.02
CA SER A 51 14.19 -1.48 6.25
C SER A 51 13.86 -0.03 6.62
N LEU A 52 14.64 0.87 6.04
CA LEU A 52 14.50 2.30 6.25
C LEU A 52 13.27 2.84 5.55
N THR A 53 13.25 2.68 4.23
CA THR A 53 12.14 3.16 3.43
C THR A 53 10.91 2.28 3.60
N ALA A 54 11.08 1.15 4.28
CA ALA A 54 9.95 0.29 4.61
C ALA A 54 9.03 0.98 5.60
N LEU A 55 9.61 1.62 6.62
CA LEU A 55 8.80 2.35 7.59
C LEU A 55 8.19 3.59 6.95
N GLU A 56 8.94 4.23 6.07
CA GLU A 56 8.45 5.37 5.31
C GLU A 56 7.24 5.01 4.48
N LEU A 57 7.28 3.83 3.88
CA LEU A 57 6.17 3.34 3.10
C LEU A 57 4.95 3.18 3.99
N ARG A 58 5.13 2.56 5.16
CA ARG A 58 4.05 2.42 6.13
C ARG A 58 3.53 3.79 6.53
N ASN A 59 4.47 4.69 6.82
CA ASN A 59 4.15 6.08 7.17
C ASN A 59 3.22 6.68 6.13
N THR A 60 3.56 6.49 4.86
CA THR A 60 2.77 7.02 3.77
C THR A 60 1.41 6.31 3.68
N LEU A 61 1.44 4.98 3.77
CA LEU A 61 0.22 4.18 3.68
C LEU A 61 -0.73 4.49 4.84
N THR A 62 -0.21 4.56 6.05
CA THR A 62 -1.02 4.83 7.23
C THR A 62 -1.79 6.14 7.08
N HIS A 63 -1.09 7.16 6.59
CA HIS A 63 -1.68 8.47 6.37
C HIS A 63 -2.72 8.44 5.25
N ASN A 64 -2.60 7.46 4.36
CA ASN A 64 -3.45 7.38 3.19
C ASN A 64 -4.57 6.35 3.34
N THR A 65 -4.47 5.52 4.36
CA THR A 65 -5.46 4.46 4.59
C THR A 65 -6.40 4.83 5.72
N GLY A 66 -5.99 5.82 6.52
CA GLY A 66 -6.87 6.35 7.54
C GLY A 66 -6.74 5.66 8.87
N LEU A 67 -6.46 4.38 8.84
CA LEU A 67 -6.35 3.58 10.05
C LEU A 67 -4.90 3.25 10.38
N ASP A 68 -4.73 2.52 11.45
CA ASP A 68 -3.42 2.19 11.98
C ASP A 68 -2.76 1.10 11.15
N LEU A 69 -1.43 1.05 11.20
CA LEU A 69 -0.68 0.10 10.41
C LEU A 69 0.49 -0.46 11.23
N PRO A 70 0.68 -1.79 11.22
CA PRO A 70 1.72 -2.45 12.01
C PRO A 70 3.14 -2.17 11.51
N PRO A 71 4.12 -2.17 12.43
CA PRO A 71 5.53 -1.95 12.09
C PRO A 71 6.15 -3.12 11.33
N THR A 72 5.40 -4.20 11.25
CA THR A 72 5.85 -5.39 10.53
C THR A 72 5.21 -5.45 9.16
N LEU A 73 4.48 -4.38 8.83
CA LEU A 73 3.78 -4.25 7.56
C LEU A 73 4.64 -4.71 6.36
N ILE A 74 5.74 -4.00 6.11
CA ILE A 74 6.61 -4.31 4.98
C ILE A 74 7.47 -5.52 5.29
N PHE A 75 7.75 -5.72 6.57
CA PHE A 75 8.48 -6.89 7.04
C PHE A 75 7.78 -8.17 6.59
N ASP A 76 6.49 -8.21 6.83
CA ASP A 76 5.69 -9.39 6.55
C ASP A 76 5.28 -9.49 5.09
N HIS A 77 4.75 -8.40 4.54
CA HIS A 77 4.15 -8.46 3.21
C HIS A 77 4.75 -7.42 2.27
N PRO A 78 6.03 -7.51 1.89
CA PRO A 78 6.55 -6.55 0.94
C PRO A 78 6.22 -6.93 -0.49
N THR A 79 5.25 -6.22 -1.05
CA THR A 79 4.88 -6.31 -2.46
C THR A 79 3.77 -5.30 -2.73
N PRO A 80 3.74 -4.66 -3.90
CA PRO A 80 2.69 -3.68 -4.22
C PRO A 80 1.30 -4.29 -4.11
N HIS A 81 1.06 -5.34 -4.91
CA HIS A 81 -0.25 -5.99 -4.98
C HIS A 81 -0.60 -6.69 -3.67
N ALA A 82 0.39 -7.20 -2.97
CA ALA A 82 0.14 -7.95 -1.75
C ALA A 82 -0.34 -7.04 -0.64
N LEU A 83 0.27 -5.86 -0.53
CA LEU A 83 -0.22 -4.85 0.38
C LEU A 83 -1.63 -4.44 0.00
N THR A 84 -1.90 -4.40 -1.29
CA THR A 84 -3.23 -4.11 -1.81
C THR A 84 -4.27 -5.04 -1.17
N GLN A 85 -3.87 -6.28 -0.96
CA GLN A 85 -4.74 -7.28 -0.37
C GLN A 85 -4.96 -6.98 1.11
N HIS A 86 -3.87 -6.68 1.80
CA HIS A 86 -3.94 -6.39 3.23
C HIS A 86 -4.72 -5.11 3.49
N LEU A 87 -4.44 -4.08 2.70
CA LEU A 87 -5.10 -2.80 2.87
C LEU A 87 -6.53 -2.87 2.37
N HIS A 88 -6.85 -3.84 1.53
CA HIS A 88 -8.23 -4.06 1.12
C HIS A 88 -9.01 -4.64 2.28
N THR A 89 -8.33 -5.39 3.13
CA THR A 89 -8.93 -5.89 4.36
C THR A 89 -9.17 -4.72 5.32
N ARG A 90 -8.18 -3.84 5.42
CA ARG A 90 -8.29 -2.65 6.24
C ARG A 90 -9.44 -1.77 5.75
N LEU A 91 -9.57 -1.69 4.43
CA LEU A 91 -10.62 -0.93 3.80
C LEU A 91 -11.99 -1.55 4.03
N THR A 92 -12.08 -2.87 3.91
CA THR A 92 -13.34 -3.58 4.09
C THR A 92 -13.75 -3.59 5.56
N GLN A 93 -12.83 -3.19 6.43
CA GLN A 93 -13.12 -2.96 7.82
C GLN A 93 -14.03 -1.74 7.99
N SER A 94 -14.06 -0.92 6.93
CA SER A 94 -14.98 0.21 6.83
C SER A 94 -14.74 1.23 7.95
N HIS A 95 -15.76 2.03 8.24
CA HIS A 95 -15.70 3.00 9.31
C HIS A 95 -16.90 2.83 10.23
N GLY A 1 -17.26 2.94 9.80
CA GLY A 1 -16.32 1.79 9.84
C GLY A 1 -15.08 2.05 9.01
N SER A 2 -14.90 1.28 7.95
CA SER A 2 -13.73 1.42 7.09
C SER A 2 -14.12 1.32 5.62
N HIS A 3 -15.29 1.82 5.28
CA HIS A 3 -15.76 1.79 3.90
C HIS A 3 -15.40 3.09 3.19
N MET A 4 -14.42 3.76 3.76
CA MET A 4 -13.95 5.07 3.30
C MET A 4 -13.50 5.08 1.85
N ARG A 5 -12.88 4.00 1.42
CA ARG A 5 -12.19 4.00 0.12
C ARG A 5 -12.88 3.13 -0.92
N LEU A 6 -14.02 2.53 -0.59
CA LEU A 6 -14.71 1.66 -1.54
C LEU A 6 -15.91 2.37 -2.15
N ASN A 7 -15.88 3.69 -2.13
CA ASN A 7 -16.93 4.48 -2.77
C ASN A 7 -16.88 4.27 -4.27
N GLY A 8 -17.96 3.72 -4.82
CA GLY A 8 -18.02 3.46 -6.25
C GLY A 8 -17.22 2.23 -6.68
N LEU A 9 -16.14 1.95 -5.96
CA LEU A 9 -15.25 0.85 -6.32
C LEU A 9 -15.81 -0.50 -5.90
N SER A 10 -15.61 -1.48 -6.77
CA SER A 10 -15.87 -2.87 -6.43
C SER A 10 -14.57 -3.49 -5.92
N PRO A 11 -14.60 -4.70 -5.34
CA PRO A 11 -13.40 -5.38 -4.82
C PRO A 11 -12.16 -5.23 -5.71
N GLN A 12 -12.33 -5.42 -7.02
CA GLN A 12 -11.21 -5.33 -7.96
C GLN A 12 -10.83 -3.88 -8.21
N GLN A 13 -11.83 -3.01 -8.33
CA GLN A 13 -11.59 -1.57 -8.53
C GLN A 13 -10.78 -1.01 -7.37
N GLN A 14 -11.02 -1.55 -6.18
CA GLN A 14 -10.25 -1.19 -5.00
C GLN A 14 -8.80 -1.60 -5.17
N GLN A 15 -8.57 -2.89 -5.40
CA GLN A 15 -7.24 -3.44 -5.53
C GLN A 15 -6.34 -2.65 -6.48
N GLN A 16 -6.87 -2.24 -7.64
CA GLN A 16 -6.08 -1.45 -8.56
C GLN A 16 -5.82 -0.05 -8.02
N THR A 17 -6.81 0.51 -7.34
CA THR A 17 -6.64 1.78 -6.64
C THR A 17 -5.53 1.68 -5.61
N LEU A 18 -5.69 0.74 -4.68
CA LEU A 18 -4.72 0.50 -3.64
C LEU A 18 -3.35 0.18 -4.22
N ALA A 19 -3.32 -0.61 -5.30
CA ALA A 19 -2.09 -0.90 -6.01
C ALA A 19 -1.45 0.38 -6.53
N THR A 20 -2.27 1.36 -6.86
CA THR A 20 -1.79 2.65 -7.33
C THR A 20 -1.33 3.48 -6.14
N LEU A 21 -2.04 3.33 -5.03
CA LEU A 21 -1.68 3.99 -3.79
C LEU A 21 -0.33 3.52 -3.30
N VAL A 22 -0.23 2.24 -2.96
CA VAL A 22 1.00 1.66 -2.46
C VAL A 22 2.17 1.90 -3.41
N ALA A 23 1.90 1.80 -4.71
CA ALA A 23 2.89 2.12 -5.72
C ALA A 23 3.35 3.57 -5.59
N ALA A 24 2.42 4.50 -5.63
CA ALA A 24 2.76 5.91 -5.49
C ALA A 24 3.41 6.16 -4.14
N ALA A 25 2.96 5.41 -3.15
CA ALA A 25 3.51 5.49 -1.81
C ALA A 25 4.99 5.11 -1.81
N THR A 26 5.29 3.92 -2.30
CA THR A 26 6.66 3.40 -2.27
C THR A 26 7.57 4.20 -3.19
N ALA A 27 6.99 4.73 -4.24
CA ALA A 27 7.71 5.57 -5.17
C ALA A 27 8.01 6.93 -4.56
N THR A 28 7.27 7.28 -3.53
CA THR A 28 7.54 8.50 -2.78
C THR A 28 8.60 8.27 -1.71
N VAL A 29 8.64 7.05 -1.17
CA VAL A 29 9.62 6.71 -0.15
C VAL A 29 11.00 6.57 -0.78
N LEU A 30 11.01 6.00 -1.97
CA LEU A 30 12.24 5.83 -2.74
C LEU A 30 12.55 7.06 -3.58
N GLY A 31 13.60 6.97 -4.39
CA GLY A 31 13.96 8.07 -5.27
C GLY A 31 13.08 8.10 -6.50
N HIS A 32 13.10 7.01 -7.26
CA HIS A 32 12.28 6.88 -8.45
C HIS A 32 10.79 6.99 -8.08
N HIS A 33 10.01 7.68 -8.90
CA HIS A 33 8.60 7.85 -8.59
C HIS A 33 7.74 7.74 -9.85
N THR A 34 7.66 6.52 -10.37
CA THR A 34 6.67 6.16 -11.37
C THR A 34 5.86 4.99 -10.83
N PRO A 35 4.68 5.26 -10.27
CA PRO A 35 3.86 4.22 -9.64
C PRO A 35 3.33 3.24 -10.67
N GLU A 36 3.40 3.66 -11.92
CA GLU A 36 3.00 2.87 -13.05
C GLU A 36 3.94 1.69 -13.26
N SER A 37 5.23 1.95 -13.16
CA SER A 37 6.24 0.97 -13.47
C SER A 37 6.39 -0.04 -12.33
N ILE A 38 5.89 0.35 -11.17
CA ILE A 38 5.95 -0.48 -9.98
C ILE A 38 5.05 -1.70 -10.13
N SER A 39 5.67 -2.82 -10.50
CA SER A 39 4.94 -4.03 -10.79
C SER A 39 4.55 -4.76 -9.50
N PRO A 40 3.27 -5.16 -9.40
CA PRO A 40 2.72 -5.80 -8.20
C PRO A 40 3.38 -7.12 -7.87
N ALA A 41 3.81 -7.83 -8.90
CA ALA A 41 4.46 -9.11 -8.73
C ALA A 41 5.90 -8.97 -8.22
N THR A 42 6.43 -7.76 -8.31
CA THR A 42 7.79 -7.50 -7.85
C THR A 42 7.81 -7.22 -6.35
N ALA A 43 8.89 -7.60 -5.73
CA ALA A 43 9.07 -7.44 -4.30
C ALA A 43 9.63 -6.06 -3.99
N PHE A 44 9.18 -5.48 -2.88
CA PHE A 44 9.65 -4.16 -2.46
C PHE A 44 11.17 -4.11 -2.42
N LYS A 45 11.77 -5.25 -2.09
CA LYS A 45 13.21 -5.43 -2.14
C LYS A 45 13.74 -4.97 -3.49
N ASP A 46 13.26 -5.65 -4.53
CA ASP A 46 13.64 -5.35 -5.90
C ASP A 46 13.28 -3.93 -6.31
N LEU A 47 12.17 -3.40 -5.78
CA LEU A 47 11.76 -2.03 -6.10
C LEU A 47 12.72 -1.01 -5.52
N GLY A 48 13.48 -1.39 -4.49
CA GLY A 48 14.47 -0.49 -3.92
C GLY A 48 14.29 -0.31 -2.42
N ILE A 49 13.20 -0.86 -1.90
CA ILE A 49 12.86 -0.74 -0.49
C ILE A 49 13.91 -1.40 0.41
N ASP A 50 14.40 -0.63 1.37
CA ASP A 50 15.27 -1.16 2.40
C ASP A 50 14.47 -1.29 3.68
N SER A 51 15.13 -1.49 4.80
CA SER A 51 14.42 -1.52 6.08
C SER A 51 14.00 -0.11 6.45
N LEU A 52 14.82 0.83 6.03
CA LEU A 52 14.60 2.26 6.29
C LEU A 52 13.33 2.73 5.62
N THR A 53 13.29 2.59 4.31
CA THR A 53 12.17 3.06 3.52
C THR A 53 10.93 2.18 3.67
N ALA A 54 11.10 1.03 4.30
CA ALA A 54 9.98 0.13 4.56
C ALA A 54 8.95 0.83 5.46
N LEU A 55 9.44 1.55 6.46
CA LEU A 55 8.56 2.24 7.40
C LEU A 55 7.97 3.49 6.75
N GLU A 56 8.75 4.14 5.90
CA GLU A 56 8.31 5.34 5.20
C GLU A 56 7.11 5.05 4.30
N LEU A 57 7.11 3.87 3.69
CA LEU A 57 5.98 3.44 2.90
C LEU A 57 4.76 3.29 3.79
N ARG A 58 4.95 2.57 4.88
CA ARG A 58 3.90 2.37 5.86
C ARG A 58 3.35 3.71 6.30
N ASN A 59 4.27 4.65 6.58
CA ASN A 59 3.92 6.01 6.94
C ASN A 59 3.00 6.64 5.88
N THR A 60 3.40 6.51 4.63
CA THR A 60 2.72 7.16 3.53
C THR A 60 1.28 6.65 3.35
N LEU A 61 1.10 5.35 3.19
CA LEU A 61 -0.23 4.80 2.92
C LEU A 61 -1.16 4.94 4.13
N THR A 62 -0.59 5.12 5.32
CA THR A 62 -1.38 5.36 6.51
C THR A 62 -1.95 6.77 6.50
N HIS A 63 -1.19 7.70 5.93
CA HIS A 63 -1.66 9.07 5.77
C HIS A 63 -2.73 9.12 4.69
N ASN A 64 -2.77 8.10 3.86
CA ASN A 64 -3.72 8.01 2.77
C ASN A 64 -4.98 7.25 3.18
N THR A 65 -4.88 6.45 4.22
CA THR A 65 -6.02 5.69 4.70
C THR A 65 -6.62 6.31 5.96
N GLY A 66 -5.77 6.75 6.87
CA GLY A 66 -6.23 7.35 8.11
C GLY A 66 -6.36 6.35 9.24
N LEU A 67 -6.14 5.08 8.94
CA LEU A 67 -6.24 4.02 9.93
C LEU A 67 -4.89 3.76 10.58
N ASP A 68 -4.83 2.70 11.36
CA ASP A 68 -3.62 2.36 12.08
C ASP A 68 -3.01 1.07 11.55
N LEU A 69 -1.81 1.20 11.01
CA LEU A 69 -1.18 0.12 10.27
C LEU A 69 -0.17 -0.64 11.16
N PRO A 70 0.20 -1.87 10.74
CA PRO A 70 1.16 -2.72 11.45
C PRO A 70 2.59 -2.53 10.98
N PRO A 71 3.56 -2.68 11.88
CA PRO A 71 4.99 -2.63 11.54
C PRO A 71 5.40 -3.85 10.71
N THR A 72 4.46 -4.76 10.48
CA THR A 72 4.72 -5.98 9.77
C THR A 72 4.37 -5.87 8.29
N LEU A 73 3.87 -4.70 7.86
CA LEU A 73 3.56 -4.44 6.45
C LEU A 73 4.61 -5.02 5.50
N ILE A 74 5.79 -4.41 5.50
CA ILE A 74 6.82 -4.73 4.53
C ILE A 74 7.61 -5.96 5.00
N PHE A 75 7.24 -6.46 6.16
CA PHE A 75 7.85 -7.65 6.72
C PHE A 75 7.13 -8.90 6.22
N ASP A 76 5.81 -8.87 6.33
CA ASP A 76 4.98 -10.03 6.03
C ASP A 76 4.41 -9.96 4.63
N HIS A 77 4.02 -8.76 4.21
CA HIS A 77 3.27 -8.58 2.97
C HIS A 77 4.01 -7.68 1.97
N PRO A 78 5.34 -7.83 1.73
CA PRO A 78 6.01 -6.89 0.85
C PRO A 78 5.84 -7.23 -0.62
N THR A 79 5.00 -6.43 -1.27
CA THR A 79 4.88 -6.27 -2.71
C THR A 79 3.85 -5.18 -2.90
N PRO A 80 3.77 -4.50 -4.05
CA PRO A 80 2.68 -3.57 -4.29
C PRO A 80 1.33 -4.27 -4.14
N HIS A 81 1.28 -5.54 -4.56
CA HIS A 81 0.04 -6.31 -4.53
C HIS A 81 -0.29 -6.82 -3.12
N ALA A 82 0.68 -7.47 -2.47
CA ALA A 82 0.44 -8.06 -1.14
C ALA A 82 0.07 -7.00 -0.12
N LEU A 83 0.68 -5.82 -0.25
CA LEU A 83 0.33 -4.72 0.61
C LEU A 83 -1.09 -4.23 0.33
N THR A 84 -1.44 -4.22 -0.96
CA THR A 84 -2.80 -3.91 -1.38
C THR A 84 -3.81 -4.81 -0.69
N GLN A 85 -3.50 -6.10 -0.66
CA GLN A 85 -4.37 -7.08 -0.05
C GLN A 85 -4.68 -6.74 1.40
N HIS A 86 -3.64 -6.37 2.14
CA HIS A 86 -3.80 -6.04 3.55
C HIS A 86 -4.69 -4.83 3.73
N LEU A 87 -4.39 -3.78 2.99
CA LEU A 87 -5.18 -2.56 3.08
C LEU A 87 -6.58 -2.75 2.49
N HIS A 88 -6.72 -3.71 1.58
CA HIS A 88 -8.03 -4.05 1.05
C HIS A 88 -8.85 -4.75 2.13
N THR A 89 -8.16 -5.56 2.93
CA THR A 89 -8.76 -6.23 4.06
C THR A 89 -9.15 -5.21 5.14
N ARG A 90 -8.39 -4.12 5.21
CA ARG A 90 -8.71 -3.03 6.12
C ARG A 90 -10.05 -2.41 5.76
N LEU A 91 -10.41 -2.51 4.50
CA LEU A 91 -11.59 -1.86 3.98
C LEU A 91 -12.80 -2.77 4.01
N THR A 92 -12.59 -4.02 3.65
CA THR A 92 -13.69 -4.97 3.53
C THR A 92 -13.95 -5.66 4.87
N GLN A 93 -12.88 -5.97 5.56
CA GLN A 93 -12.95 -6.64 6.84
C GLN A 93 -12.97 -5.62 7.99
N SER A 94 -12.44 -4.43 7.70
CA SER A 94 -12.43 -3.32 8.65
C SER A 94 -11.58 -3.66 9.87
N HIS A 95 -11.79 -2.94 10.95
CA HIS A 95 -11.06 -3.19 12.19
C HIS A 95 -11.83 -2.59 13.37
N GLY A 1 -12.79 7.75 10.55
CA GLY A 1 -13.55 7.93 9.29
C GLY A 1 -13.20 6.91 8.24
N SER A 2 -13.20 5.63 8.63
CA SER A 2 -12.80 4.57 7.72
C SER A 2 -13.82 3.43 7.72
N HIS A 3 -15.08 3.79 7.96
CA HIS A 3 -16.18 2.82 7.92
C HIS A 3 -16.71 2.70 6.49
N MET A 4 -15.86 3.06 5.55
CA MET A 4 -16.14 3.00 4.13
C MET A 4 -16.07 1.58 3.59
N ARG A 5 -16.24 0.58 4.46
CA ARG A 5 -15.95 -0.81 4.12
C ARG A 5 -16.59 -1.25 2.80
N LEU A 6 -17.90 -1.06 2.68
CA LEU A 6 -18.59 -1.44 1.44
C LEU A 6 -19.32 -0.26 0.82
N ASN A 7 -19.03 0.95 1.29
CA ASN A 7 -19.78 2.12 0.85
C ASN A 7 -19.36 2.56 -0.54
N GLY A 8 -20.29 2.47 -1.48
CA GLY A 8 -20.07 2.94 -2.85
C GLY A 8 -19.01 2.17 -3.61
N LEU A 9 -18.24 1.35 -2.92
CA LEU A 9 -17.09 0.69 -3.50
C LEU A 9 -17.38 -0.76 -3.86
N SER A 10 -17.01 -1.13 -5.08
CA SER A 10 -16.99 -2.53 -5.50
C SER A 10 -15.53 -3.01 -5.39
N PRO A 11 -15.30 -4.26 -4.98
CA PRO A 11 -13.96 -4.76 -4.58
C PRO A 11 -12.78 -4.19 -5.38
N GLN A 12 -12.86 -4.20 -6.71
CA GLN A 12 -11.74 -3.77 -7.55
C GLN A 12 -11.47 -2.26 -7.41
N GLN A 13 -12.50 -1.49 -7.07
CA GLN A 13 -12.37 -0.03 -6.98
C GLN A 13 -11.32 0.39 -5.96
N GLN A 14 -11.40 -0.15 -4.75
CA GLN A 14 -10.39 0.14 -3.75
C GLN A 14 -9.09 -0.58 -4.06
N GLN A 15 -9.17 -1.78 -4.62
CA GLN A 15 -7.96 -2.51 -4.99
C GLN A 15 -7.11 -1.72 -5.98
N GLN A 16 -7.72 -1.09 -6.98
CA GLN A 16 -6.96 -0.29 -7.92
C GLN A 16 -6.41 0.95 -7.23
N THR A 17 -7.21 1.54 -6.36
CA THR A 17 -6.78 2.65 -5.53
C THR A 17 -5.55 2.28 -4.71
N LEU A 18 -5.71 1.26 -3.87
CA LEU A 18 -4.66 0.77 -3.01
C LEU A 18 -3.44 0.31 -3.80
N ALA A 19 -3.66 -0.32 -4.95
CA ALA A 19 -2.55 -0.75 -5.81
C ALA A 19 -1.78 0.44 -6.34
N THR A 20 -2.48 1.55 -6.55
CA THR A 20 -1.85 2.76 -7.02
C THR A 20 -1.23 3.50 -5.84
N LEU A 21 -1.91 3.40 -4.70
CA LEU A 21 -1.41 3.94 -3.45
C LEU A 21 -0.07 3.35 -3.10
N VAL A 22 -0.04 2.04 -2.94
CA VAL A 22 1.18 1.34 -2.55
C VAL A 22 2.32 1.64 -3.52
N ALA A 23 2.02 1.65 -4.81
CA ALA A 23 2.98 2.01 -5.83
C ALA A 23 3.44 3.46 -5.64
N ALA A 24 2.49 4.38 -5.57
CA ALA A 24 2.81 5.79 -5.39
C ALA A 24 3.52 6.02 -4.08
N ALA A 25 3.21 5.18 -3.10
CA ALA A 25 3.86 5.23 -1.82
C ALA A 25 5.35 4.92 -1.99
N THR A 26 5.63 3.71 -2.46
CA THR A 26 7.00 3.23 -2.55
C THR A 26 7.80 4.06 -3.54
N ALA A 27 7.13 4.52 -4.58
CA ALA A 27 7.77 5.34 -5.59
C ALA A 27 8.17 6.68 -5.02
N THR A 28 7.45 7.14 -4.00
CA THR A 28 7.72 8.44 -3.39
C THR A 28 8.71 8.33 -2.23
N VAL A 29 8.66 7.23 -1.48
CA VAL A 29 9.59 7.05 -0.36
C VAL A 29 11.03 7.05 -0.90
N LEU A 30 11.15 6.50 -2.10
CA LEU A 30 12.40 6.52 -2.84
C LEU A 30 12.48 7.76 -3.75
N GLY A 31 11.36 8.11 -4.37
CA GLY A 31 11.36 9.20 -5.34
C GLY A 31 12.23 8.87 -6.53
N HIS A 32 11.69 8.06 -7.45
CA HIS A 32 12.54 7.47 -8.48
C HIS A 32 11.77 6.77 -9.60
N HIS A 33 10.45 6.69 -9.50
CA HIS A 33 9.71 5.78 -10.38
C HIS A 33 8.26 6.22 -10.54
N THR A 34 7.72 5.99 -11.72
CA THR A 34 6.30 6.18 -11.98
C THR A 34 5.51 5.04 -11.33
N PRO A 35 4.63 5.38 -10.36
CA PRO A 35 3.83 4.40 -9.62
C PRO A 35 3.03 3.48 -10.53
N GLU A 36 2.57 4.02 -11.65
CA GLU A 36 1.83 3.26 -12.62
C GLU A 36 2.67 2.12 -13.19
N SER A 37 3.98 2.28 -13.15
CA SER A 37 4.88 1.32 -13.74
C SER A 37 5.51 0.42 -12.67
N ILE A 38 4.90 0.37 -11.51
CA ILE A 38 5.35 -0.53 -10.46
C ILE A 38 4.66 -1.88 -10.58
N SER A 39 5.46 -2.91 -10.81
CA SER A 39 4.96 -4.25 -11.03
C SER A 39 4.50 -4.90 -9.72
N PRO A 40 3.29 -5.48 -9.75
CA PRO A 40 2.62 -6.02 -8.55
C PRO A 40 3.31 -7.22 -7.94
N ALA A 41 3.98 -8.00 -8.78
CA ALA A 41 4.59 -9.25 -8.31
C ALA A 41 6.04 -9.05 -7.86
N THR A 42 6.56 -7.84 -7.98
CA THR A 42 7.95 -7.58 -7.60
C THR A 42 8.05 -7.30 -6.11
N ALA A 43 9.20 -7.65 -5.56
CA ALA A 43 9.48 -7.42 -4.15
C ALA A 43 10.02 -6.03 -3.96
N PHE A 44 9.53 -5.34 -2.92
CA PHE A 44 9.94 -3.98 -2.62
C PHE A 44 11.44 -3.84 -2.53
N LYS A 45 12.10 -4.92 -2.12
CA LYS A 45 13.55 -4.98 -2.15
C LYS A 45 14.09 -4.57 -3.52
N ASP A 46 13.66 -5.28 -4.54
CA ASP A 46 14.03 -5.00 -5.93
C ASP A 46 13.73 -3.54 -6.31
N LEU A 47 12.58 -3.02 -5.86
CA LEU A 47 12.20 -1.66 -6.20
C LEU A 47 13.10 -0.63 -5.51
N GLY A 48 13.77 -1.04 -4.44
CA GLY A 48 14.74 -0.16 -3.79
C GLY A 48 14.48 -0.01 -2.30
N ILE A 49 13.53 -0.78 -1.80
CA ILE A 49 13.10 -0.69 -0.42
C ILE A 49 14.00 -1.51 0.51
N ASP A 50 14.30 -0.95 1.66
CA ASP A 50 14.95 -1.68 2.73
C ASP A 50 14.32 -1.27 4.04
N SER A 51 15.00 -1.57 5.15
CA SER A 51 14.45 -1.33 6.47
C SER A 51 14.05 0.13 6.66
N LEU A 52 14.84 1.00 6.07
CA LEU A 52 14.67 2.43 6.16
C LEU A 52 13.36 2.87 5.51
N THR A 53 13.22 2.59 4.24
CA THR A 53 12.08 3.06 3.49
C THR A 53 10.86 2.17 3.66
N ALA A 54 11.07 1.00 4.24
CA ALA A 54 9.97 0.11 4.56
C ALA A 54 9.02 0.79 5.54
N LEU A 55 9.59 1.55 6.47
CA LEU A 55 8.76 2.25 7.44
C LEU A 55 8.11 3.47 6.80
N GLU A 56 8.86 4.16 5.93
CA GLU A 56 8.35 5.33 5.23
C GLU A 56 7.20 4.96 4.30
N LEU A 57 7.36 3.86 3.58
CA LEU A 57 6.30 3.32 2.75
C LEU A 57 5.05 3.05 3.60
N ARG A 58 5.23 2.26 4.66
CA ARG A 58 4.16 1.96 5.59
C ARG A 58 3.53 3.25 6.12
N ASN A 59 4.38 4.21 6.47
CA ASN A 59 3.92 5.53 6.92
C ASN A 59 2.94 6.12 5.94
N THR A 60 3.32 6.13 4.67
CA THR A 60 2.47 6.67 3.61
C THR A 60 1.17 5.88 3.50
N LEU A 61 1.30 4.55 3.54
CA LEU A 61 0.15 3.65 3.47
C LEU A 61 -0.80 3.91 4.65
N THR A 62 -0.22 4.13 5.81
CA THR A 62 -0.97 4.40 7.03
C THR A 62 -1.73 5.73 6.93
N HIS A 63 -1.04 6.74 6.44
CA HIS A 63 -1.59 8.10 6.40
C HIS A 63 -2.66 8.25 5.33
N ASN A 64 -2.60 7.39 4.32
CA ASN A 64 -3.54 7.47 3.20
C ASN A 64 -4.95 7.09 3.64
N THR A 65 -5.06 5.99 4.38
CA THR A 65 -6.35 5.48 4.78
C THR A 65 -6.82 6.08 6.10
N GLY A 66 -5.91 6.26 7.04
CA GLY A 66 -6.27 6.85 8.31
C GLY A 66 -6.16 5.86 9.46
N LEU A 67 -6.04 4.59 9.13
CA LEU A 67 -5.86 3.54 10.14
C LEU A 67 -4.43 3.52 10.65
N ASP A 68 -4.09 2.50 11.41
CA ASP A 68 -2.74 2.35 11.94
C ASP A 68 -2.16 1.01 11.50
N LEU A 69 -0.93 1.03 11.02
CA LEU A 69 -0.28 -0.18 10.50
C LEU A 69 0.87 -0.61 11.40
N PRO A 70 1.02 -1.93 11.59
CA PRO A 70 2.12 -2.52 12.38
C PRO A 70 3.46 -2.33 11.70
N PRO A 71 4.54 -2.19 12.49
CA PRO A 71 5.91 -2.05 11.97
C PRO A 71 6.36 -3.27 11.17
N THR A 72 5.56 -4.31 11.21
CA THR A 72 5.83 -5.54 10.49
C THR A 72 5.08 -5.56 9.16
N LEU A 73 4.40 -4.45 8.88
CA LEU A 73 3.69 -4.24 7.62
C LEU A 73 4.51 -4.70 6.40
N ILE A 74 5.57 -3.96 6.11
CA ILE A 74 6.42 -4.27 4.96
C ILE A 74 7.31 -5.47 5.27
N PHE A 75 7.46 -5.72 6.56
CA PHE A 75 8.22 -6.87 7.05
C PHE A 75 7.55 -8.17 6.59
N ASP A 76 6.24 -8.25 6.79
CA ASP A 76 5.49 -9.46 6.49
C ASP A 76 5.01 -9.52 5.05
N HIS A 77 4.52 -8.40 4.53
CA HIS A 77 3.88 -8.44 3.22
C HIS A 77 4.50 -7.45 2.24
N PRO A 78 5.77 -7.58 1.86
CA PRO A 78 6.31 -6.68 0.87
C PRO A 78 5.93 -7.14 -0.53
N THR A 79 4.98 -6.43 -1.11
CA THR A 79 4.61 -6.54 -2.52
C THR A 79 3.51 -5.53 -2.81
N PRO A 80 3.49 -4.90 -3.99
CA PRO A 80 2.47 -3.90 -4.31
C PRO A 80 1.05 -4.48 -4.22
N HIS A 81 0.82 -5.58 -4.93
CA HIS A 81 -0.51 -6.21 -4.97
C HIS A 81 -0.89 -6.79 -3.61
N ALA A 82 0.09 -7.38 -2.93
CA ALA A 82 -0.16 -8.02 -1.66
C ALA A 82 -0.63 -7.03 -0.60
N LEU A 83 0.03 -5.88 -0.54
CA LEU A 83 -0.37 -4.82 0.37
C LEU A 83 -1.76 -4.32 0.03
N THR A 84 -2.10 -4.34 -1.27
CA THR A 84 -3.43 -3.96 -1.73
C THR A 84 -4.49 -4.79 -1.02
N GLN A 85 -4.29 -6.09 -1.04
CA GLN A 85 -5.22 -7.01 -0.42
C GLN A 85 -5.24 -6.81 1.10
N HIS A 86 -4.07 -6.56 1.67
CA HIS A 86 -3.96 -6.32 3.10
C HIS A 86 -4.77 -5.10 3.49
N LEU A 87 -4.43 -3.96 2.91
CA LEU A 87 -5.10 -2.70 3.23
C LEU A 87 -6.58 -2.76 2.88
N HIS A 88 -6.93 -3.53 1.86
CA HIS A 88 -8.31 -3.68 1.46
C HIS A 88 -9.08 -4.40 2.56
N THR A 89 -8.57 -5.55 2.97
CA THR A 89 -9.20 -6.36 4.00
C THR A 89 -9.39 -5.57 5.30
N ARG A 90 -8.38 -4.77 5.65
CA ARG A 90 -8.41 -4.00 6.88
C ARG A 90 -9.73 -3.27 7.09
N LEU A 91 -10.09 -2.44 6.14
CA LEU A 91 -11.27 -1.60 6.28
C LEU A 91 -12.52 -2.28 5.76
N THR A 92 -12.38 -3.10 4.73
CA THR A 92 -13.57 -3.68 4.08
C THR A 92 -14.15 -4.80 4.92
N GLN A 93 -13.27 -5.51 5.61
CA GLN A 93 -13.66 -6.57 6.50
C GLN A 93 -13.99 -6.00 7.88
N SER A 94 -13.61 -4.75 8.10
CA SER A 94 -13.86 -4.07 9.37
C SER A 94 -15.33 -3.70 9.49
N HIS A 95 -15.76 -3.40 10.71
CA HIS A 95 -17.13 -3.02 10.97
C HIS A 95 -17.19 -1.53 11.30
N GLY A 1 -17.36 -1.19 6.85
CA GLY A 1 -16.81 -0.57 5.63
C GLY A 1 -16.29 0.83 5.87
N SER A 2 -15.58 1.39 4.91
CA SER A 2 -14.96 2.69 5.06
C SER A 2 -15.59 3.70 4.12
N HIS A 3 -15.48 4.97 4.49
CA HIS A 3 -16.00 6.09 3.69
C HIS A 3 -15.18 6.31 2.43
N MET A 4 -14.49 5.26 1.98
CA MET A 4 -13.52 5.35 0.90
C MET A 4 -14.05 6.07 -0.32
N ARG A 5 -15.14 5.61 -0.89
CA ARG A 5 -15.69 6.38 -1.98
C ARG A 5 -16.67 7.39 -1.41
N LEU A 6 -17.81 6.92 -0.90
CA LEU A 6 -18.45 7.49 0.27
C LEU A 6 -18.97 6.38 1.16
N ASN A 7 -19.94 5.64 0.60
CA ASN A 7 -20.49 4.44 1.20
C ASN A 7 -19.99 3.17 0.52
N GLY A 8 -19.93 2.07 1.26
CA GLY A 8 -19.91 0.74 0.67
C GLY A 8 -19.08 0.58 -0.61
N LEU A 9 -17.78 0.80 -0.50
CA LEU A 9 -16.89 0.64 -1.64
C LEU A 9 -17.08 -0.74 -2.30
N SER A 10 -16.90 -0.78 -3.62
CA SER A 10 -17.03 -2.02 -4.37
C SER A 10 -15.65 -2.67 -4.48
N PRO A 11 -15.57 -4.01 -4.34
CA PRO A 11 -14.29 -4.75 -4.23
C PRO A 11 -13.17 -4.23 -5.13
N GLN A 12 -13.45 -4.05 -6.42
CA GLN A 12 -12.41 -3.64 -7.36
C GLN A 12 -12.01 -2.18 -7.17
N GLN A 13 -12.91 -1.36 -6.62
CA GLN A 13 -12.64 0.06 -6.40
C GLN A 13 -11.37 0.26 -5.58
N GLN A 14 -11.32 -0.37 -4.42
CA GLN A 14 -10.20 -0.20 -3.52
C GLN A 14 -8.94 -0.84 -4.07
N GLN A 15 -9.08 -1.97 -4.76
CA GLN A 15 -7.94 -2.60 -5.41
C GLN A 15 -7.30 -1.67 -6.45
N GLN A 16 -8.02 -0.65 -6.89
CA GLN A 16 -7.43 0.36 -7.76
C GLN A 16 -6.66 1.35 -6.92
N THR A 17 -7.42 1.99 -6.03
CA THR A 17 -6.87 2.98 -5.10
C THR A 17 -5.61 2.47 -4.42
N LEU A 18 -5.74 1.34 -3.74
CA LEU A 18 -4.66 0.71 -3.01
C LEU A 18 -3.49 0.36 -3.93
N ALA A 19 -3.79 -0.25 -5.07
CA ALA A 19 -2.75 -0.62 -6.04
C ALA A 19 -1.97 0.61 -6.52
N THR A 20 -2.66 1.73 -6.60
CA THR A 20 -2.03 2.97 -7.03
C THR A 20 -1.31 3.61 -5.86
N LEU A 21 -1.92 3.50 -4.69
CA LEU A 21 -1.36 4.02 -3.45
C LEU A 21 -0.02 3.40 -3.15
N VAL A 22 -0.03 2.09 -2.92
CA VAL A 22 1.18 1.35 -2.57
C VAL A 22 2.32 1.65 -3.54
N ALA A 23 1.98 1.72 -4.82
CA ALA A 23 2.94 2.07 -5.85
C ALA A 23 3.42 3.52 -5.70
N ALA A 24 2.48 4.46 -5.72
CA ALA A 24 2.84 5.88 -5.64
C ALA A 24 3.51 6.21 -4.31
N ALA A 25 3.17 5.45 -3.28
CA ALA A 25 3.74 5.64 -1.96
C ALA A 25 5.22 5.34 -1.97
N THR A 26 5.57 4.15 -2.46
CA THR A 26 6.95 3.69 -2.42
C THR A 26 7.77 4.48 -3.43
N ALA A 27 7.09 4.93 -4.46
CA ALA A 27 7.68 5.79 -5.46
C ALA A 27 7.98 7.17 -4.87
N THR A 28 7.38 7.47 -3.73
CA THR A 28 7.68 8.69 -3.01
C THR A 28 8.81 8.48 -2.00
N VAL A 29 8.86 7.29 -1.40
CA VAL A 29 9.85 6.99 -0.37
C VAL A 29 11.22 6.74 -1.02
N LEU A 30 11.19 6.11 -2.18
CA LEU A 30 12.39 5.82 -2.94
C LEU A 30 12.76 6.98 -3.85
N GLY A 31 13.90 6.85 -4.52
CA GLY A 31 14.40 7.91 -5.38
C GLY A 31 13.90 7.80 -6.80
N HIS A 32 12.86 7.01 -7.00
CA HIS A 32 12.22 6.87 -8.29
C HIS A 32 10.72 7.02 -8.11
N HIS A 33 10.08 7.86 -8.91
CA HIS A 33 8.66 8.08 -8.74
C HIS A 33 7.89 7.88 -10.04
N THR A 34 7.98 6.67 -10.57
CA THR A 34 7.09 6.22 -11.61
C THR A 34 6.42 4.94 -11.13
N PRO A 35 5.16 5.03 -10.66
CA PRO A 35 4.45 3.88 -10.09
C PRO A 35 4.12 2.86 -11.16
N GLU A 36 4.24 3.32 -12.40
CA GLU A 36 3.97 2.52 -13.57
C GLU A 36 4.97 1.37 -13.69
N SER A 37 6.18 1.65 -13.24
CA SER A 37 7.26 0.69 -13.34
C SER A 37 7.25 -0.24 -12.13
N ILE A 38 6.36 0.02 -11.19
CA ILE A 38 6.25 -0.79 -9.99
C ILE A 38 5.32 -1.97 -10.24
N SER A 39 5.91 -3.10 -10.61
CA SER A 39 5.16 -4.29 -10.95
C SER A 39 4.70 -5.02 -9.69
N PRO A 40 3.43 -5.47 -9.68
CA PRO A 40 2.78 -6.07 -8.50
C PRO A 40 3.40 -7.41 -8.09
N ALA A 41 3.92 -8.14 -9.07
CA ALA A 41 4.54 -9.43 -8.79
C ALA A 41 5.95 -9.27 -8.22
N THR A 42 6.53 -8.10 -8.42
CA THR A 42 7.88 -7.84 -7.96
C THR A 42 7.89 -7.50 -6.48
N ALA A 43 9.03 -7.71 -5.84
CA ALA A 43 9.17 -7.49 -4.42
C ALA A 43 9.73 -6.10 -4.15
N PHE A 44 9.31 -5.50 -3.05
CA PHE A 44 9.82 -4.20 -2.64
C PHE A 44 11.33 -4.22 -2.51
N LYS A 45 11.86 -5.38 -2.20
CA LYS A 45 13.30 -5.65 -2.24
C LYS A 45 13.89 -5.12 -3.54
N ASP A 46 13.42 -5.72 -4.63
CA ASP A 46 13.89 -5.41 -5.96
C ASP A 46 13.51 -3.99 -6.38
N LEU A 47 12.41 -3.47 -5.85
CA LEU A 47 11.98 -2.12 -6.19
C LEU A 47 12.86 -1.05 -5.54
N GLY A 48 13.56 -1.42 -4.47
CA GLY A 48 14.52 -0.51 -3.87
C GLY A 48 14.28 -0.25 -2.40
N ILE A 49 13.29 -0.92 -1.84
CA ILE A 49 12.93 -0.76 -0.44
C ILE A 49 13.94 -1.41 0.50
N ASP A 50 14.40 -0.63 1.48
CA ASP A 50 15.21 -1.17 2.57
C ASP A 50 14.40 -1.05 3.84
N SER A 51 15.05 -1.19 4.99
CA SER A 51 14.33 -1.06 6.25
C SER A 51 13.96 0.39 6.51
N LEU A 52 14.83 1.29 6.06
CA LEU A 52 14.64 2.72 6.28
C LEU A 52 13.37 3.19 5.59
N THR A 53 13.24 2.80 4.35
CA THR A 53 12.11 3.21 3.54
C THR A 53 10.92 2.28 3.72
N ALA A 54 11.13 1.14 4.36
CA ALA A 54 10.04 0.23 4.67
C ALA A 54 9.07 0.90 5.63
N LEU A 55 9.61 1.60 6.61
CA LEU A 55 8.78 2.30 7.57
C LEU A 55 8.15 3.53 6.92
N GLU A 56 8.92 4.22 6.09
CA GLU A 56 8.43 5.41 5.37
C GLU A 56 7.25 5.06 4.47
N LEU A 57 7.34 3.94 3.78
CA LEU A 57 6.29 3.47 2.93
C LEU A 57 5.05 3.16 3.75
N ARG A 58 5.23 2.39 4.82
CA ARG A 58 4.14 2.09 5.74
C ARG A 58 3.55 3.38 6.32
N ASN A 59 4.43 4.33 6.65
CA ASN A 59 4.02 5.64 7.15
C ASN A 59 2.97 6.27 6.25
N THR A 60 3.24 6.29 4.95
CA THR A 60 2.30 6.86 4.00
C THR A 60 1.05 6.00 3.90
N LEU A 61 1.23 4.69 3.82
CA LEU A 61 0.13 3.74 3.72
C LEU A 61 -0.83 3.89 4.90
N THR A 62 -0.26 4.01 6.09
CA THR A 62 -1.04 4.17 7.32
C THR A 62 -1.82 5.48 7.31
N HIS A 63 -1.15 6.56 6.95
CA HIS A 63 -1.75 7.88 6.97
C HIS A 63 -2.76 8.05 5.83
N ASN A 64 -2.49 7.40 4.70
CA ASN A 64 -3.31 7.55 3.50
C ASN A 64 -4.65 6.86 3.68
N THR A 65 -4.65 5.74 4.37
CA THR A 65 -5.88 4.97 4.57
C THR A 65 -6.62 5.43 5.81
N GLY A 66 -5.88 5.72 6.87
CA GLY A 66 -6.51 6.20 8.10
C GLY A 66 -6.41 5.18 9.21
N LEU A 67 -6.33 3.91 8.84
CA LEU A 67 -6.21 2.82 9.80
C LEU A 67 -4.79 2.72 10.35
N ASP A 68 -4.57 1.70 11.15
CA ASP A 68 -3.30 1.53 11.84
C ASP A 68 -2.57 0.31 11.29
N LEU A 69 -1.34 0.53 10.85
CA LEU A 69 -0.54 -0.53 10.28
C LEU A 69 0.55 -0.96 11.25
N PRO A 70 0.78 -2.27 11.34
CA PRO A 70 1.80 -2.85 12.20
C PRO A 70 3.20 -2.46 11.74
N PRO A 71 4.13 -2.28 12.69
CA PRO A 71 5.51 -1.88 12.38
C PRO A 71 6.23 -2.90 11.50
N THR A 72 5.65 -4.08 11.36
CA THR A 72 6.23 -5.12 10.53
C THR A 72 5.53 -5.20 9.17
N LEU A 73 4.62 -4.25 8.93
CA LEU A 73 3.84 -4.16 7.68
C LEU A 73 4.66 -4.56 6.43
N ILE A 74 5.66 -3.76 6.10
CA ILE A 74 6.47 -3.99 4.91
C ILE A 74 7.43 -5.16 5.13
N PHE A 75 7.64 -5.51 6.39
CA PHE A 75 8.51 -6.59 6.77
C PHE A 75 7.85 -7.94 6.49
N ASP A 76 6.56 -8.02 6.80
CA ASP A 76 5.80 -9.24 6.63
C ASP A 76 5.35 -9.43 5.20
N HIS A 77 4.82 -8.37 4.60
CA HIS A 77 4.21 -8.48 3.27
C HIS A 77 4.80 -7.49 2.30
N PRO A 78 6.09 -7.57 1.93
CA PRO A 78 6.61 -6.64 0.95
C PRO A 78 6.23 -7.07 -0.46
N THR A 79 5.26 -6.37 -1.03
CA THR A 79 4.83 -6.53 -2.41
C THR A 79 3.75 -5.50 -2.71
N PRO A 80 3.66 -4.96 -3.93
CA PRO A 80 2.66 -3.93 -4.26
C PRO A 80 1.22 -4.44 -4.11
N HIS A 81 0.90 -5.53 -4.82
CA HIS A 81 -0.46 -6.05 -4.85
C HIS A 81 -0.82 -6.71 -3.52
N ALA A 82 0.13 -7.37 -2.91
CA ALA A 82 -0.10 -8.06 -1.64
C ALA A 82 -0.54 -7.10 -0.55
N LEU A 83 0.16 -5.97 -0.44
CA LEU A 83 -0.26 -4.91 0.47
C LEU A 83 -1.67 -4.44 0.14
N THR A 84 -1.96 -4.37 -1.16
CA THR A 84 -3.29 -3.98 -1.63
C THR A 84 -4.36 -4.87 -1.00
N GLN A 85 -4.10 -6.16 -1.03
CA GLN A 85 -5.03 -7.13 -0.46
C GLN A 85 -5.19 -6.95 1.04
N HIS A 86 -4.08 -6.70 1.73
CA HIS A 86 -4.12 -6.47 3.18
C HIS A 86 -5.00 -5.27 3.50
N LEU A 87 -4.66 -4.13 2.90
CA LEU A 87 -5.42 -2.90 3.14
C LEU A 87 -6.84 -3.02 2.63
N HIS A 88 -7.03 -3.81 1.58
CA HIS A 88 -8.36 -4.05 1.03
C HIS A 88 -9.25 -4.71 2.06
N THR A 89 -8.70 -5.69 2.77
CA THR A 89 -9.43 -6.37 3.82
C THR A 89 -9.62 -5.45 5.03
N ARG A 90 -8.63 -4.60 5.27
CA ARG A 90 -8.69 -3.66 6.39
C ARG A 90 -9.89 -2.72 6.27
N LEU A 91 -9.96 -1.99 5.16
CA LEU A 91 -10.99 -0.99 4.95
C LEU A 91 -12.38 -1.60 4.84
N THR A 92 -12.47 -2.80 4.33
CA THR A 92 -13.74 -3.48 4.19
C THR A 92 -14.20 -4.00 5.55
N GLN A 93 -13.22 -4.36 6.38
CA GLN A 93 -13.45 -4.74 7.76
C GLN A 93 -13.74 -3.50 8.61
N SER A 94 -13.18 -2.38 8.18
CA SER A 94 -13.27 -1.09 8.87
C SER A 94 -12.84 -1.20 10.32
N HIS A 95 -13.23 -0.23 11.14
CA HIS A 95 -12.87 -0.19 12.54
C HIS A 95 -13.42 -1.40 13.28
N GLY A 1 -18.23 0.99 5.19
CA GLY A 1 -17.57 2.32 5.04
C GLY A 1 -16.06 2.21 5.09
N SER A 2 -15.39 3.25 4.62
CA SER A 2 -13.94 3.28 4.60
C SER A 2 -13.43 4.71 4.51
N HIS A 3 -12.30 4.94 5.16
CA HIS A 3 -11.67 6.26 5.19
C HIS A 3 -10.82 6.48 3.96
N MET A 4 -11.10 5.73 2.91
CA MET A 4 -10.20 5.62 1.77
C MET A 4 -10.08 6.88 0.96
N ARG A 5 -11.11 7.24 0.21
CA ARG A 5 -10.98 8.45 -0.57
C ARG A 5 -11.61 9.60 0.21
N LEU A 6 -12.92 9.57 0.41
CA LEU A 6 -13.49 10.13 1.63
C LEU A 6 -14.57 9.19 2.19
N ASN A 7 -15.57 8.89 1.36
CA ASN A 7 -16.65 7.97 1.75
C ASN A 7 -16.47 6.56 1.19
N GLY A 8 -16.36 5.59 2.09
CA GLY A 8 -16.81 4.22 1.84
C GLY A 8 -16.63 3.69 0.42
N LEU A 9 -15.39 3.58 -0.06
CA LEU A 9 -15.16 2.94 -1.35
C LEU A 9 -15.70 1.52 -1.36
N SER A 10 -16.21 1.10 -2.49
CA SER A 10 -16.67 -0.27 -2.66
C SER A 10 -15.46 -1.20 -2.81
N PRO A 11 -15.61 -2.49 -2.48
CA PRO A 11 -14.52 -3.48 -2.55
C PRO A 11 -13.63 -3.32 -3.78
N GLN A 12 -14.24 -3.25 -4.96
CA GLN A 12 -13.52 -3.12 -6.20
C GLN A 12 -12.78 -1.78 -6.29
N GLN A 13 -13.48 -0.69 -5.98
CA GLN A 13 -12.89 0.64 -6.05
C GLN A 13 -11.70 0.76 -5.10
N GLN A 14 -11.82 0.11 -3.95
CA GLN A 14 -10.73 0.07 -2.98
C GLN A 14 -9.47 -0.47 -3.62
N GLN A 15 -9.54 -1.71 -4.13
CA GLN A 15 -8.39 -2.33 -4.79
C GLN A 15 -7.72 -1.41 -5.79
N GLN A 16 -8.50 -0.64 -6.53
CA GLN A 16 -7.94 0.30 -7.49
C GLN A 16 -7.10 1.36 -6.79
N THR A 17 -7.75 2.07 -5.87
CA THR A 17 -7.09 3.09 -5.08
C THR A 17 -5.88 2.52 -4.35
N LEU A 18 -6.08 1.46 -3.60
CA LEU A 18 -5.04 0.80 -2.84
C LEU A 18 -3.88 0.34 -3.74
N ALA A 19 -4.21 -0.20 -4.91
CA ALA A 19 -3.19 -0.66 -5.86
C ALA A 19 -2.34 0.51 -6.35
N THR A 20 -2.96 1.68 -6.40
CA THR A 20 -2.29 2.87 -6.90
C THR A 20 -1.57 3.56 -5.76
N LEU A 21 -2.15 3.47 -4.57
CA LEU A 21 -1.56 4.02 -3.37
C LEU A 21 -0.19 3.41 -3.12
N VAL A 22 -0.17 2.11 -2.89
CA VAL A 22 1.07 1.41 -2.61
C VAL A 22 2.12 1.65 -3.71
N ALA A 23 1.65 1.66 -4.95
CA ALA A 23 2.50 1.95 -6.09
C ALA A 23 3.12 3.34 -5.97
N ALA A 24 2.27 4.34 -5.75
CA ALA A 24 2.73 5.71 -5.62
C ALA A 24 3.49 5.90 -4.31
N ALA A 25 3.15 5.09 -3.31
CA ALA A 25 3.74 5.18 -1.99
C ALA A 25 5.22 4.85 -2.04
N THR A 26 5.53 3.67 -2.57
CA THR A 26 6.91 3.21 -2.64
C THR A 26 7.72 4.10 -3.57
N ALA A 27 7.02 4.68 -4.53
CA ALA A 27 7.62 5.60 -5.46
C ALA A 27 7.87 6.97 -4.81
N THR A 28 7.18 7.21 -3.71
CA THR A 28 7.42 8.41 -2.92
C THR A 28 8.61 8.21 -1.97
N VAL A 29 8.69 7.03 -1.38
CA VAL A 29 9.75 6.73 -0.42
C VAL A 29 11.09 6.59 -1.14
N LEU A 30 11.05 5.95 -2.30
CA LEU A 30 12.24 5.80 -3.13
C LEU A 30 12.45 7.01 -4.04
N GLY A 31 13.63 7.11 -4.62
CA GLY A 31 13.98 8.26 -5.43
C GLY A 31 13.55 8.13 -6.87
N HIS A 32 12.33 7.63 -7.05
CA HIS A 32 11.73 7.50 -8.38
C HIS A 32 10.22 7.43 -8.19
N HIS A 33 9.49 8.34 -8.78
CA HIS A 33 8.06 8.38 -8.52
C HIS A 33 7.26 8.36 -9.82
N THR A 34 7.31 7.22 -10.48
CA THR A 34 6.40 6.91 -11.56
C THR A 34 5.67 5.62 -11.20
N PRO A 35 4.46 5.74 -10.62
CA PRO A 35 3.70 4.59 -10.10
C PRO A 35 3.33 3.60 -11.21
N GLU A 36 3.38 4.09 -12.43
CA GLU A 36 3.16 3.30 -13.61
C GLU A 36 4.22 2.21 -13.74
N SER A 37 5.40 2.48 -13.21
CA SER A 37 6.54 1.59 -13.37
C SER A 37 6.65 0.63 -12.17
N ILE A 38 5.74 0.77 -11.22
CA ILE A 38 5.75 -0.10 -10.04
C ILE A 38 5.12 -1.45 -10.39
N SER A 39 5.96 -2.45 -10.61
CA SER A 39 5.47 -3.77 -10.96
C SER A 39 4.99 -4.52 -9.73
N PRO A 40 3.72 -4.96 -9.76
CA PRO A 40 3.06 -5.63 -8.63
C PRO A 40 3.71 -6.96 -8.25
N ALA A 41 4.21 -7.67 -9.25
CA ALA A 41 4.80 -8.99 -9.03
C ALA A 41 6.16 -8.91 -8.36
N THR A 42 6.81 -7.76 -8.47
CA THR A 42 8.13 -7.59 -7.91
C THR A 42 8.06 -7.35 -6.39
N ALA A 43 9.11 -7.73 -5.70
CA ALA A 43 9.18 -7.56 -4.26
C ALA A 43 9.83 -6.23 -3.94
N PHE A 44 9.33 -5.57 -2.90
CA PHE A 44 9.87 -4.27 -2.48
C PHE A 44 11.37 -4.35 -2.23
N LYS A 45 11.83 -5.53 -1.83
CA LYS A 45 13.23 -5.78 -1.61
C LYS A 45 14.03 -5.51 -2.88
N ASP A 46 13.40 -5.79 -4.02
CA ASP A 46 14.02 -5.58 -5.31
C ASP A 46 13.74 -4.18 -5.85
N LEU A 47 12.58 -3.61 -5.47
CA LEU A 47 12.22 -2.27 -5.94
C LEU A 47 13.18 -1.21 -5.40
N GLY A 48 13.87 -1.52 -4.30
CA GLY A 48 14.80 -0.57 -3.73
C GLY A 48 14.50 -0.28 -2.28
N ILE A 49 13.45 -0.90 -1.79
CA ILE A 49 13.02 -0.75 -0.42
C ILE A 49 13.97 -1.42 0.55
N ASP A 50 14.44 -0.65 1.52
CA ASP A 50 15.19 -1.20 2.64
C ASP A 50 14.31 -1.17 3.86
N SER A 51 14.86 -1.43 5.03
CA SER A 51 14.02 -1.31 6.22
C SER A 51 13.80 0.16 6.53
N LEU A 52 14.70 0.99 6.02
CA LEU A 52 14.63 2.43 6.17
C LEU A 52 13.38 2.96 5.48
N THR A 53 13.27 2.66 4.20
CA THR A 53 12.16 3.12 3.40
C THR A 53 10.91 2.25 3.59
N ALA A 54 11.09 1.10 4.22
CA ALA A 54 9.97 0.23 4.54
C ALA A 54 9.01 0.93 5.49
N LEU A 55 9.55 1.63 6.48
CA LEU A 55 8.72 2.35 7.43
C LEU A 55 8.10 3.58 6.77
N GLU A 56 8.86 4.24 5.91
CA GLU A 56 8.37 5.39 5.16
C GLU A 56 7.18 5.00 4.29
N LEU A 57 7.25 3.82 3.71
CA LEU A 57 6.15 3.30 2.92
C LEU A 57 4.92 3.12 3.79
N ARG A 58 5.08 2.45 4.94
CA ARG A 58 3.99 2.27 5.89
C ARG A 58 3.41 3.64 6.27
N ASN A 59 4.32 4.58 6.51
CA ASN A 59 3.97 5.96 6.86
C ASN A 59 3.05 6.57 5.81
N THR A 60 3.34 6.32 4.54
CA THR A 60 2.55 6.87 3.45
C THR A 60 1.22 6.13 3.31
N LEU A 61 1.28 4.80 3.38
CA LEU A 61 0.09 3.97 3.25
C LEU A 61 -0.95 4.32 4.32
N THR A 62 -0.49 4.40 5.56
CA THR A 62 -1.36 4.69 6.67
C THR A 62 -1.91 6.11 6.57
N HIS A 63 -1.06 7.04 6.13
CA HIS A 63 -1.43 8.44 5.98
C HIS A 63 -2.57 8.60 4.98
N ASN A 64 -2.63 7.70 4.01
CA ASN A 64 -3.66 7.75 2.99
C ASN A 64 -4.93 7.06 3.46
N THR A 65 -4.78 5.93 4.12
CA THR A 65 -5.90 5.07 4.43
C THR A 65 -6.56 5.40 5.78
N GLY A 66 -5.75 5.90 6.71
CA GLY A 66 -6.24 6.14 8.05
C GLY A 66 -6.26 4.86 8.88
N LEU A 67 -5.83 3.78 8.25
CA LEU A 67 -5.82 2.46 8.88
C LEU A 67 -4.54 2.23 9.65
N ASP A 68 -4.68 1.99 10.94
CA ASP A 68 -3.55 1.70 11.81
C ASP A 68 -2.72 0.55 11.26
N LEU A 69 -1.41 0.63 11.40
CA LEU A 69 -0.53 -0.34 10.76
C LEU A 69 0.51 -0.91 11.73
N PRO A 70 1.04 -2.11 11.43
CA PRO A 70 2.08 -2.77 12.20
C PRO A 70 3.49 -2.49 11.65
N PRO A 71 4.51 -2.48 12.53
CA PRO A 71 5.91 -2.28 12.11
C PRO A 71 6.42 -3.43 11.25
N THR A 72 5.60 -4.48 11.14
CA THR A 72 5.93 -5.67 10.39
C THR A 72 5.22 -5.64 9.03
N LEU A 73 4.55 -4.54 8.75
CA LEU A 73 3.83 -4.33 7.49
C LEU A 73 4.65 -4.80 6.28
N ILE A 74 5.76 -4.12 6.02
CA ILE A 74 6.61 -4.45 4.87
C ILE A 74 7.44 -5.70 5.19
N PHE A 75 7.59 -5.97 6.48
CA PHE A 75 8.30 -7.14 6.96
C PHE A 75 7.61 -8.42 6.46
N ASP A 76 6.30 -8.48 6.65
CA ASP A 76 5.53 -9.65 6.29
C ASP A 76 5.15 -9.65 4.82
N HIS A 77 4.71 -8.51 4.31
CA HIS A 77 4.17 -8.47 2.95
C HIS A 77 4.86 -7.42 2.10
N PRO A 78 6.13 -7.58 1.72
CA PRO A 78 6.70 -6.63 0.80
C PRO A 78 6.32 -6.98 -0.63
N THR A 79 5.37 -6.22 -1.15
CA THR A 79 4.91 -6.34 -2.54
C THR A 79 3.85 -5.27 -2.79
N PRO A 80 3.80 -4.66 -3.98
CA PRO A 80 2.78 -3.67 -4.29
C PRO A 80 1.37 -4.27 -4.24
N HIS A 81 1.16 -5.33 -5.01
CA HIS A 81 -0.15 -5.98 -5.11
C HIS A 81 -0.63 -6.53 -3.76
N ALA A 82 0.27 -7.15 -3.02
CA ALA A 82 -0.09 -7.84 -1.78
C ALA A 82 -0.52 -6.86 -0.70
N LEU A 83 0.11 -5.70 -0.64
CA LEU A 83 -0.28 -4.69 0.31
C LEU A 83 -1.69 -4.19 0.03
N THR A 84 -2.07 -4.16 -1.24
CA THR A 84 -3.44 -3.82 -1.63
C THR A 84 -4.42 -4.74 -0.91
N GLN A 85 -4.07 -6.01 -0.90
CA GLN A 85 -4.92 -7.04 -0.31
C GLN A 85 -5.02 -6.84 1.20
N HIS A 86 -3.89 -6.60 1.83
CA HIS A 86 -3.86 -6.40 3.28
C HIS A 86 -4.71 -5.19 3.67
N LEU A 87 -4.45 -4.06 3.02
CA LEU A 87 -5.18 -2.84 3.34
C LEU A 87 -6.64 -2.96 2.93
N HIS A 88 -6.91 -3.78 1.91
CA HIS A 88 -8.28 -4.01 1.45
C HIS A 88 -9.09 -4.77 2.50
N THR A 89 -8.39 -5.62 3.25
CA THR A 89 -9.01 -6.39 4.30
C THR A 89 -9.41 -5.48 5.47
N ARG A 90 -8.74 -4.34 5.58
CA ARG A 90 -8.93 -3.42 6.69
C ARG A 90 -10.34 -2.81 6.68
N LEU A 91 -10.90 -2.63 5.49
CA LEU A 91 -12.22 -2.04 5.34
C LEU A 91 -13.26 -3.13 5.37
N THR A 92 -12.96 -4.20 4.65
CA THR A 92 -13.92 -5.26 4.41
C THR A 92 -14.17 -6.09 5.68
N GLN A 93 -13.33 -5.87 6.68
CA GLN A 93 -13.52 -6.50 7.97
C GLN A 93 -14.70 -5.88 8.73
N SER A 94 -15.19 -4.75 8.21
CA SER A 94 -16.33 -4.05 8.80
C SER A 94 -15.94 -3.43 10.15
N HIS A 95 -16.92 -2.86 10.84
CA HIS A 95 -16.69 -2.30 12.16
C HIS A 95 -17.66 -2.90 13.16
N GLY A 1 -18.42 1.30 7.64
CA GLY A 1 -17.46 0.26 8.05
C GLY A 1 -16.04 0.76 8.02
N SER A 2 -15.17 0.05 7.32
CA SER A 2 -13.79 0.46 7.21
C SER A 2 -13.52 1.13 5.86
N HIS A 3 -14.58 1.45 5.13
CA HIS A 3 -14.46 2.13 3.82
C HIS A 3 -14.21 3.63 4.01
N MET A 4 -13.68 3.96 5.18
CA MET A 4 -13.42 5.34 5.62
C MET A 4 -13.00 6.30 4.49
N ARG A 5 -12.01 5.91 3.72
CA ARG A 5 -11.46 6.78 2.69
C ARG A 5 -11.84 6.31 1.29
N LEU A 6 -12.41 5.12 1.20
CA LEU A 6 -12.71 4.51 -0.11
C LEU A 6 -14.19 4.22 -0.24
N ASN A 7 -15.00 4.96 0.52
CA ASN A 7 -16.44 4.78 0.51
C ASN A 7 -17.01 5.01 -0.89
N GLY A 8 -17.80 4.06 -1.36
CA GLY A 8 -18.38 4.15 -2.67
C GLY A 8 -17.79 3.14 -3.64
N LEU A 9 -16.55 2.72 -3.40
CA LEU A 9 -15.88 1.78 -4.27
C LEU A 9 -16.29 0.35 -3.98
N SER A 10 -16.40 -0.43 -5.05
CA SER A 10 -16.59 -1.86 -4.94
C SER A 10 -15.22 -2.53 -4.72
N PRO A 11 -15.20 -3.76 -4.16
CA PRO A 11 -13.96 -4.47 -3.82
C PRO A 11 -12.83 -4.31 -4.84
N GLN A 12 -13.11 -4.61 -6.10
CA GLN A 12 -12.12 -4.53 -7.16
C GLN A 12 -11.61 -3.10 -7.35
N GLN A 13 -12.52 -2.14 -7.32
CA GLN A 13 -12.17 -0.74 -7.53
C GLN A 13 -11.36 -0.21 -6.37
N GLN A 14 -11.58 -0.77 -5.19
CA GLN A 14 -10.77 -0.44 -4.04
C GLN A 14 -9.33 -0.89 -4.29
N GLN A 15 -9.17 -2.14 -4.72
CA GLN A 15 -7.86 -2.70 -5.00
C GLN A 15 -7.06 -1.84 -5.97
N GLN A 16 -7.66 -1.45 -7.09
CA GLN A 16 -6.92 -0.65 -8.07
C GLN A 16 -6.46 0.66 -7.47
N THR A 17 -7.30 1.23 -6.62
CA THR A 17 -6.94 2.40 -5.85
C THR A 17 -5.72 2.12 -4.97
N LEU A 18 -5.87 1.15 -4.07
CA LEU A 18 -4.81 0.76 -3.16
C LEU A 18 -3.54 0.33 -3.89
N ALA A 19 -3.70 -0.30 -5.06
CA ALA A 19 -2.57 -0.72 -5.87
C ALA A 19 -1.84 0.49 -6.45
N THR A 20 -2.57 1.58 -6.61
CA THR A 20 -1.99 2.82 -7.08
C THR A 20 -1.40 3.58 -5.90
N LEU A 21 -2.08 3.47 -4.76
CA LEU A 21 -1.60 4.02 -3.50
C LEU A 21 -0.23 3.46 -3.17
N VAL A 22 -0.17 2.15 -2.99
CA VAL A 22 1.09 1.49 -2.63
C VAL A 22 2.19 1.79 -3.64
N ALA A 23 1.84 1.82 -4.92
CA ALA A 23 2.77 2.20 -5.97
C ALA A 23 3.30 3.61 -5.73
N ALA A 24 2.39 4.58 -5.60
CA ALA A 24 2.79 5.96 -5.36
C ALA A 24 3.46 6.09 -4.00
N ALA A 25 3.10 5.21 -3.08
CA ALA A 25 3.68 5.21 -1.74
C ALA A 25 5.16 4.91 -1.80
N THR A 26 5.52 3.83 -2.48
CA THR A 26 6.92 3.42 -2.57
C THR A 26 7.67 4.33 -3.52
N ALA A 27 6.92 4.97 -4.40
CA ALA A 27 7.47 5.99 -5.28
C ALA A 27 7.78 7.26 -4.50
N THR A 28 7.15 7.40 -3.34
CA THR A 28 7.42 8.55 -2.49
C THR A 28 8.65 8.29 -1.61
N VAL A 29 8.87 7.03 -1.26
CA VAL A 29 9.99 6.67 -0.41
C VAL A 29 11.28 6.64 -1.24
N LEU A 30 11.20 6.04 -2.42
CA LEU A 30 12.32 6.01 -3.35
C LEU A 30 12.26 7.19 -4.31
N GLY A 31 13.40 7.85 -4.48
CA GLY A 31 13.45 9.13 -5.20
C GLY A 31 13.07 9.05 -6.67
N HIS A 32 13.12 7.87 -7.28
CA HIS A 32 12.79 7.72 -8.69
C HIS A 32 11.35 8.19 -8.95
N HIS A 33 10.49 7.93 -7.97
CA HIS A 33 9.08 8.32 -7.99
C HIS A 33 8.42 8.21 -9.36
N THR A 34 8.05 6.99 -9.72
CA THR A 34 7.21 6.74 -10.87
C THR A 34 6.42 5.45 -10.65
N PRO A 35 5.15 5.57 -10.26
CA PRO A 35 4.31 4.41 -9.97
C PRO A 35 4.01 3.60 -11.23
N GLU A 36 4.20 4.26 -12.37
CA GLU A 36 4.02 3.68 -13.68
C GLU A 36 4.70 2.32 -13.82
N SER A 37 5.97 2.27 -13.46
CA SER A 37 6.79 1.10 -13.71
C SER A 37 6.91 0.21 -12.47
N ILE A 38 6.07 0.46 -11.48
CA ILE A 38 6.07 -0.35 -10.27
C ILE A 38 5.19 -1.57 -10.45
N SER A 39 5.81 -2.67 -10.86
CA SER A 39 5.09 -3.91 -11.13
C SER A 39 4.62 -4.56 -9.83
N PRO A 40 3.35 -4.99 -9.81
CA PRO A 40 2.68 -5.50 -8.60
C PRO A 40 3.26 -6.82 -8.09
N ALA A 41 3.74 -7.64 -9.00
CA ALA A 41 4.25 -8.96 -8.65
C ALA A 41 5.71 -8.93 -8.23
N THR A 42 6.34 -7.76 -8.30
CA THR A 42 7.72 -7.63 -7.90
C THR A 42 7.81 -7.41 -6.40
N ALA A 43 8.92 -7.84 -5.83
CA ALA A 43 9.15 -7.72 -4.40
C ALA A 43 9.81 -6.39 -4.09
N PHE A 44 9.37 -5.75 -3.00
CA PHE A 44 9.92 -4.44 -2.61
C PHE A 44 11.43 -4.52 -2.41
N LYS A 45 11.92 -5.72 -2.13
CA LYS A 45 13.34 -6.02 -2.18
C LYS A 45 13.94 -5.48 -3.47
N ASP A 46 13.42 -6.00 -4.56
CA ASP A 46 13.91 -5.69 -5.89
C ASP A 46 13.61 -4.24 -6.27
N LEU A 47 12.53 -3.68 -5.74
CA LEU A 47 12.17 -2.30 -6.06
C LEU A 47 13.15 -1.30 -5.42
N GLY A 48 13.84 -1.70 -4.37
CA GLY A 48 14.83 -0.81 -3.76
C GLY A 48 14.51 -0.45 -2.33
N ILE A 49 13.54 -1.17 -1.75
CA ILE A 49 13.08 -0.91 -0.40
C ILE A 49 14.01 -1.53 0.64
N ASP A 50 14.42 -0.71 1.61
CA ASP A 50 15.17 -1.19 2.76
C ASP A 50 14.29 -1.09 3.99
N SER A 51 14.88 -1.19 5.17
CA SER A 51 14.11 -1.07 6.40
C SER A 51 13.66 0.36 6.59
N LEU A 52 14.57 1.27 6.27
CA LEU A 52 14.34 2.68 6.35
C LEU A 52 13.12 3.10 5.54
N THR A 53 13.11 2.72 4.28
CA THR A 53 12.03 3.09 3.39
C THR A 53 10.82 2.18 3.54
N ALA A 54 11.01 1.05 4.21
CA ALA A 54 9.90 0.16 4.52
C ALA A 54 8.91 0.87 5.44
N LEU A 55 9.43 1.54 6.46
CA LEU A 55 8.57 2.25 7.40
C LEU A 55 7.97 3.48 6.73
N GLU A 56 8.74 4.14 5.87
CA GLU A 56 8.25 5.29 5.11
C GLU A 56 7.09 4.91 4.22
N LEU A 57 7.19 3.76 3.56
CA LEU A 57 6.11 3.24 2.75
C LEU A 57 4.87 3.03 3.61
N ARG A 58 5.05 2.30 4.71
CA ARG A 58 3.99 2.07 5.67
C ARG A 58 3.41 3.40 6.17
N ASN A 59 4.27 4.37 6.40
CA ASN A 59 3.86 5.72 6.81
C ASN A 59 2.84 6.29 5.84
N THR A 60 3.15 6.23 4.55
CA THR A 60 2.29 6.74 3.51
C THR A 60 0.99 5.93 3.43
N LEU A 61 1.11 4.62 3.53
CA LEU A 61 -0.04 3.72 3.50
C LEU A 61 -0.96 3.98 4.69
N THR A 62 -0.35 4.10 5.86
CA THR A 62 -1.07 4.36 7.09
C THR A 62 -1.79 5.70 7.02
N HIS A 63 -1.08 6.73 6.59
CA HIS A 63 -1.60 8.08 6.57
C HIS A 63 -2.71 8.22 5.54
N ASN A 64 -2.66 7.40 4.50
CA ASN A 64 -3.68 7.44 3.45
C ASN A 64 -4.98 6.84 3.94
N THR A 65 -4.89 5.75 4.70
CA THR A 65 -6.06 5.04 5.15
C THR A 65 -6.63 5.64 6.43
N GLY A 66 -5.76 6.00 7.35
CA GLY A 66 -6.19 6.60 8.60
C GLY A 66 -6.12 5.66 9.78
N LEU A 67 -6.08 4.36 9.50
CA LEU A 67 -5.95 3.36 10.55
C LEU A 67 -4.49 3.13 10.90
N ASP A 68 -4.25 2.19 11.79
CA ASP A 68 -2.90 1.94 12.27
C ASP A 68 -2.35 0.66 11.66
N LEU A 69 -1.07 0.71 11.29
CA LEU A 69 -0.39 -0.45 10.72
C LEU A 69 0.82 -0.81 11.56
N PRO A 70 1.06 -2.10 11.76
CA PRO A 70 2.18 -2.59 12.56
C PRO A 70 3.52 -2.20 11.94
N PRO A 71 4.54 -1.96 12.78
CA PRO A 71 5.89 -1.58 12.31
C PRO A 71 6.54 -2.66 11.46
N THR A 72 5.89 -3.81 11.42
CA THR A 72 6.38 -4.95 10.66
C THR A 72 5.63 -5.09 9.34
N LEU A 73 4.73 -4.13 9.09
CA LEU A 73 3.91 -4.07 7.88
C LEU A 73 4.66 -4.53 6.63
N ILE A 74 5.68 -3.79 6.25
CA ILE A 74 6.44 -4.06 5.03
C ILE A 74 7.38 -5.24 5.24
N PHE A 75 7.71 -5.51 6.50
CA PHE A 75 8.58 -6.61 6.85
C PHE A 75 7.89 -7.94 6.60
N ASP A 76 6.59 -7.98 6.83
CA ASP A 76 5.80 -9.18 6.67
C ASP A 76 5.27 -9.33 5.24
N HIS A 77 4.77 -8.25 4.66
CA HIS A 77 4.15 -8.33 3.34
C HIS A 77 4.78 -7.34 2.36
N PRO A 78 6.06 -7.47 1.99
CA PRO A 78 6.59 -6.57 1.01
C PRO A 78 6.24 -7.02 -0.40
N THR A 79 5.27 -6.32 -0.98
CA THR A 79 4.88 -6.46 -2.38
C THR A 79 3.78 -5.45 -2.67
N PRO A 80 3.81 -4.78 -3.83
CA PRO A 80 2.83 -3.73 -4.14
C PRO A 80 1.38 -4.24 -4.05
N HIS A 81 1.08 -5.28 -4.83
CA HIS A 81 -0.26 -5.84 -4.88
C HIS A 81 -0.65 -6.50 -3.56
N ALA A 82 0.32 -7.10 -2.90
CA ALA A 82 0.06 -7.81 -1.66
C ALA A 82 -0.37 -6.86 -0.56
N LEU A 83 0.30 -5.71 -0.48
CA LEU A 83 -0.12 -4.66 0.42
C LEU A 83 -1.54 -4.20 0.08
N THR A 84 -1.85 -4.17 -1.21
CA THR A 84 -3.19 -3.86 -1.68
C THR A 84 -4.20 -4.78 -1.03
N GLN A 85 -3.86 -6.05 -0.98
CA GLN A 85 -4.73 -7.07 -0.40
C GLN A 85 -4.85 -6.83 1.09
N HIS A 86 -3.71 -6.63 1.75
CA HIS A 86 -3.69 -6.41 3.19
C HIS A 86 -4.53 -5.20 3.57
N LEU A 87 -4.23 -4.06 2.95
CA LEU A 87 -4.95 -2.83 3.25
C LEU A 87 -6.41 -2.93 2.82
N HIS A 88 -6.70 -3.74 1.81
CA HIS A 88 -8.08 -3.94 1.39
C HIS A 88 -8.81 -4.78 2.42
N THR A 89 -8.08 -5.67 3.08
CA THR A 89 -8.64 -6.47 4.16
C THR A 89 -8.92 -5.59 5.38
N ARG A 90 -8.00 -4.68 5.66
CA ARG A 90 -8.20 -3.68 6.71
C ARG A 90 -9.45 -2.87 6.38
N LEU A 91 -9.52 -2.46 5.12
CA LEU A 91 -10.59 -1.65 4.57
C LEU A 91 -11.95 -2.36 4.56
N THR A 92 -11.93 -3.69 4.61
CA THR A 92 -13.15 -4.46 4.56
C THR A 92 -13.46 -5.13 5.89
N GLN A 93 -12.54 -4.97 6.82
CA GLN A 93 -12.62 -5.60 8.13
C GLN A 93 -13.94 -5.27 8.83
N SER A 94 -14.32 -4.01 8.84
CA SER A 94 -15.63 -3.63 9.35
C SER A 94 -16.59 -3.39 8.21
N HIS A 95 -17.75 -4.05 8.27
CA HIS A 95 -18.78 -3.91 7.25
C HIS A 95 -19.23 -2.45 7.14
N GLY A 1 -14.79 2.02 13.42
CA GLY A 1 -15.23 1.43 12.14
C GLY A 1 -14.63 2.16 10.96
N SER A 2 -15.29 2.07 9.80
CA SER A 2 -14.80 2.72 8.60
C SER A 2 -15.97 2.94 7.64
N HIS A 3 -15.70 3.70 6.58
CA HIS A 3 -16.70 3.88 5.53
C HIS A 3 -16.44 2.89 4.39
N MET A 4 -15.72 1.83 4.71
CA MET A 4 -15.17 0.93 3.70
C MET A 4 -15.98 -0.35 3.53
N ARG A 5 -17.05 -0.52 4.27
CA ARG A 5 -17.64 -1.85 4.32
C ARG A 5 -18.62 -2.08 3.17
N LEU A 6 -19.61 -1.20 3.05
CA LEU A 6 -20.69 -1.42 2.09
C LEU A 6 -20.87 -0.25 1.13
N ASN A 7 -20.96 0.95 1.67
CA ASN A 7 -21.43 2.10 0.91
C ASN A 7 -20.35 2.69 0.00
N GLY A 8 -20.70 2.79 -1.28
CA GLY A 8 -19.92 3.54 -2.24
C GLY A 8 -18.73 2.80 -2.82
N LEU A 9 -18.08 1.96 -2.01
CA LEU A 9 -16.97 1.19 -2.51
C LEU A 9 -17.36 -0.26 -2.76
N SER A 10 -17.17 -0.68 -3.99
CA SER A 10 -17.23 -2.09 -4.35
C SER A 10 -15.80 -2.62 -4.31
N PRO A 11 -15.57 -3.88 -3.88
CA PRO A 11 -14.22 -4.40 -3.58
C PRO A 11 -13.10 -3.92 -4.50
N GLN A 12 -13.34 -3.94 -5.81
CA GLN A 12 -12.32 -3.58 -6.79
C GLN A 12 -11.94 -2.09 -6.71
N GLN A 13 -12.90 -1.26 -6.30
CA GLN A 13 -12.72 0.19 -6.28
C GLN A 13 -11.54 0.60 -5.38
N GLN A 14 -11.52 0.13 -4.15
CA GLN A 14 -10.42 0.45 -3.26
C GLN A 14 -9.15 -0.29 -3.66
N GLN A 15 -9.28 -1.52 -4.15
CA GLN A 15 -8.11 -2.26 -4.58
C GLN A 15 -7.31 -1.53 -5.66
N GLN A 16 -8.00 -0.95 -6.63
CA GLN A 16 -7.29 -0.19 -7.67
C GLN A 16 -6.64 1.06 -7.07
N THR A 17 -7.35 1.70 -6.15
CA THR A 17 -6.83 2.83 -5.40
C THR A 17 -5.56 2.43 -4.65
N LEU A 18 -5.70 1.45 -3.77
CA LEU A 18 -4.60 0.98 -2.95
C LEU A 18 -3.45 0.44 -3.78
N ALA A 19 -3.74 -0.23 -4.89
CA ALA A 19 -2.71 -0.74 -5.78
C ALA A 19 -1.91 0.40 -6.39
N THR A 20 -2.55 1.56 -6.52
CA THR A 20 -1.88 2.74 -7.03
C THR A 20 -1.19 3.47 -5.89
N LEU A 21 -1.83 3.43 -4.72
CA LEU A 21 -1.28 4.01 -3.51
C LEU A 21 0.06 3.40 -3.17
N VAL A 22 0.05 2.10 -2.89
CA VAL A 22 1.27 1.39 -2.51
C VAL A 22 2.39 1.59 -3.55
N ALA A 23 2.02 1.55 -4.83
CA ALA A 23 2.95 1.83 -5.90
C ALA A 23 3.49 3.26 -5.81
N ALA A 24 2.59 4.23 -5.77
CA ALA A 24 2.99 5.63 -5.66
C ALA A 24 3.75 5.86 -4.37
N ALA A 25 3.33 5.16 -3.32
CA ALA A 25 3.98 5.24 -2.03
C ALA A 25 5.44 4.84 -2.14
N THR A 26 5.69 3.63 -2.66
CA THR A 26 7.04 3.10 -2.71
C THR A 26 7.91 3.92 -3.64
N ALA A 27 7.32 4.43 -4.70
CA ALA A 27 8.05 5.26 -5.63
C ALA A 27 8.32 6.63 -5.04
N THR A 28 7.55 7.00 -4.03
CA THR A 28 7.73 8.28 -3.36
C THR A 28 8.77 8.19 -2.23
N VAL A 29 8.75 7.09 -1.48
CA VAL A 29 9.70 6.92 -0.37
C VAL A 29 11.11 6.85 -0.94
N LEU A 30 11.21 6.24 -2.12
CA LEU A 30 12.48 6.18 -2.84
C LEU A 30 12.64 7.38 -3.79
N GLY A 31 11.51 7.90 -4.29
CA GLY A 31 11.54 9.04 -5.21
C GLY A 31 12.42 8.77 -6.41
N HIS A 32 11.90 8.00 -7.38
CA HIS A 32 12.77 7.51 -8.46
C HIS A 32 12.00 6.79 -9.59
N HIS A 33 10.67 6.77 -9.56
CA HIS A 33 9.91 5.99 -10.54
C HIS A 33 8.51 6.51 -10.76
N THR A 34 7.96 6.17 -11.92
CA THR A 34 6.55 6.29 -12.18
C THR A 34 5.84 5.10 -11.57
N PRO A 35 4.91 5.35 -10.63
CA PRO A 35 4.21 4.27 -9.90
C PRO A 35 3.45 3.32 -10.82
N GLU A 36 3.10 3.81 -12.00
CA GLU A 36 2.40 3.00 -12.98
C GLU A 36 3.30 1.88 -13.50
N SER A 37 4.60 2.15 -13.47
CA SER A 37 5.59 1.23 -13.99
C SER A 37 5.92 0.14 -12.99
N ILE A 38 5.54 0.39 -11.74
CA ILE A 38 5.79 -0.53 -10.65
C ILE A 38 4.96 -1.80 -10.79
N SER A 39 5.65 -2.93 -10.92
CA SER A 39 4.99 -4.21 -11.11
C SER A 39 4.52 -4.79 -9.78
N PRO A 40 3.25 -5.22 -9.74
CA PRO A 40 2.60 -5.72 -8.51
C PRO A 40 3.22 -6.98 -7.95
N ALA A 41 3.83 -7.78 -8.82
CA ALA A 41 4.41 -9.05 -8.41
C ALA A 41 5.87 -8.94 -7.99
N THR A 42 6.39 -7.73 -7.91
CA THR A 42 7.79 -7.54 -7.53
C THR A 42 7.93 -7.28 -6.04
N ALA A 43 9.07 -7.69 -5.50
CA ALA A 43 9.39 -7.50 -4.11
C ALA A 43 10.00 -6.13 -3.90
N PHE A 44 9.53 -5.45 -2.86
CA PHE A 44 9.97 -4.10 -2.54
C PHE A 44 11.49 -3.96 -2.45
N LYS A 45 12.17 -5.03 -2.05
CA LYS A 45 13.62 -5.05 -2.03
C LYS A 45 14.16 -4.74 -3.40
N ASP A 46 13.54 -5.36 -4.40
CA ASP A 46 13.95 -5.16 -5.79
C ASP A 46 13.73 -3.72 -6.24
N LEU A 47 12.65 -3.11 -5.75
CA LEU A 47 12.32 -1.74 -6.13
C LEU A 47 13.29 -0.74 -5.49
N GLY A 48 13.96 -1.15 -4.42
CA GLY A 48 14.93 -0.29 -3.77
C GLY A 48 14.62 -0.05 -2.31
N ILE A 49 13.55 -0.69 -1.84
CA ILE A 49 13.09 -0.55 -0.46
C ILE A 49 14.08 -1.15 0.53
N ASP A 50 14.41 -0.39 1.57
CA ASP A 50 15.23 -0.88 2.66
C ASP A 50 14.42 -0.94 3.93
N SER A 51 15.10 -1.00 5.06
CA SER A 51 14.45 -1.05 6.36
C SER A 51 13.68 0.23 6.64
N LEU A 52 14.35 1.34 6.46
CA LEU A 52 13.81 2.66 6.76
C LEU A 52 12.69 3.00 5.81
N THR A 53 12.98 2.92 4.54
CA THR A 53 11.99 3.25 3.54
C THR A 53 10.81 2.27 3.54
N ALA A 54 11.00 1.12 4.17
CA ALA A 54 9.90 0.20 4.40
C ALA A 54 8.87 0.83 5.32
N LEU A 55 9.33 1.41 6.43
CA LEU A 55 8.42 2.03 7.37
C LEU A 55 7.81 3.27 6.74
N GLU A 56 8.60 4.01 5.97
CA GLU A 56 8.11 5.19 5.26
C GLU A 56 6.98 4.83 4.30
N LEU A 57 7.17 3.75 3.56
CA LEU A 57 6.12 3.25 2.68
C LEU A 57 4.86 2.94 3.47
N ARG A 58 5.00 2.09 4.50
CA ARG A 58 3.85 1.68 5.29
C ARG A 58 3.23 2.89 5.99
N ASN A 59 4.08 3.85 6.38
CA ASN A 59 3.62 5.11 6.96
C ASN A 59 2.60 5.76 6.05
N THR A 60 2.93 5.82 4.78
CA THR A 60 2.10 6.46 3.78
C THR A 60 0.77 5.71 3.63
N LEU A 61 0.83 4.41 3.37
CA LEU A 61 -0.38 3.65 3.12
C LEU A 61 -1.22 3.47 4.40
N THR A 62 -0.58 3.56 5.55
CA THR A 62 -1.29 3.55 6.83
C THR A 62 -2.08 4.85 7.01
N HIS A 63 -1.38 5.96 6.87
CA HIS A 63 -1.98 7.28 7.08
C HIS A 63 -2.99 7.59 5.98
N ASN A 64 -2.81 6.97 4.84
CA ASN A 64 -3.68 7.21 3.68
C ASN A 64 -5.09 6.69 3.94
N THR A 65 -5.19 5.58 4.65
CA THR A 65 -6.49 4.99 4.96
C THR A 65 -6.99 5.37 6.35
N GLY A 66 -6.06 5.53 7.29
CA GLY A 66 -6.43 5.87 8.66
C GLY A 66 -6.28 4.68 9.59
N LEU A 67 -5.59 3.67 9.12
CA LEU A 67 -5.39 2.43 9.86
C LEU A 67 -4.28 2.54 10.89
N ASP A 68 -4.05 1.42 11.55
CA ASP A 68 -2.97 1.27 12.51
C ASP A 68 -2.23 -0.02 12.19
N LEU A 69 -0.98 0.12 11.80
CA LEU A 69 -0.24 -0.99 11.21
C LEU A 69 1.04 -1.31 11.96
N PRO A 70 1.51 -2.56 11.85
CA PRO A 70 2.76 -3.01 12.47
C PRO A 70 3.99 -2.55 11.69
N PRO A 71 5.13 -2.38 12.39
CA PRO A 71 6.39 -1.97 11.77
C PRO A 71 6.98 -3.05 10.88
N THR A 72 6.33 -4.20 10.90
CA THR A 72 6.77 -5.37 10.13
C THR A 72 5.92 -5.50 8.86
N LEU A 73 5.04 -4.52 8.68
CA LEU A 73 4.17 -4.42 7.50
C LEU A 73 4.88 -4.86 6.21
N ILE A 74 5.93 -4.15 5.84
CA ILE A 74 6.64 -4.40 4.58
C ILE A 74 7.47 -5.69 4.66
N PHE A 75 7.85 -6.05 5.88
CA PHE A 75 8.61 -7.27 6.12
C PHE A 75 7.76 -8.50 5.83
N ASP A 76 6.57 -8.52 6.39
CA ASP A 76 5.68 -9.66 6.27
C ASP A 76 5.04 -9.75 4.89
N HIS A 77 4.67 -8.62 4.30
CA HIS A 77 3.97 -8.64 3.02
C HIS A 77 4.62 -7.69 2.02
N PRO A 78 5.87 -7.92 1.59
CA PRO A 78 6.45 -7.01 0.62
C PRO A 78 6.00 -7.36 -0.79
N THR A 79 5.08 -6.56 -1.29
CA THR A 79 4.64 -6.58 -2.69
C THR A 79 3.59 -5.49 -2.87
N PRO A 80 3.55 -4.81 -4.02
CA PRO A 80 2.54 -3.76 -4.25
C PRO A 80 1.11 -4.30 -4.12
N HIS A 81 0.80 -5.36 -4.87
CA HIS A 81 -0.56 -5.92 -4.89
C HIS A 81 -0.91 -6.58 -3.56
N ALA A 82 0.07 -7.20 -2.92
CA ALA A 82 -0.16 -7.91 -1.68
C ALA A 82 -0.57 -6.94 -0.57
N LEU A 83 0.10 -5.79 -0.51
CA LEU A 83 -0.28 -4.76 0.44
C LEU A 83 -1.68 -4.24 0.14
N THR A 84 -2.03 -4.19 -1.15
CA THR A 84 -3.36 -3.77 -1.56
C THR A 84 -4.43 -4.56 -0.84
N GLN A 85 -4.29 -5.87 -0.88
CA GLN A 85 -5.26 -6.77 -0.29
C GLN A 85 -5.25 -6.64 1.22
N HIS A 86 -4.05 -6.59 1.80
CA HIS A 86 -3.90 -6.46 3.23
C HIS A 86 -4.57 -5.18 3.70
N LEU A 87 -4.13 -4.06 3.15
CA LEU A 87 -4.63 -2.74 3.54
C LEU A 87 -6.13 -2.63 3.28
N HIS A 88 -6.60 -3.29 2.24
CA HIS A 88 -8.02 -3.28 1.93
C HIS A 88 -8.80 -3.96 3.05
N THR A 89 -8.45 -5.21 3.32
CA THR A 89 -9.14 -6.03 4.30
C THR A 89 -9.00 -5.47 5.72
N ARG A 90 -7.96 -4.67 5.95
CA ARG A 90 -7.77 -4.05 7.26
C ARG A 90 -8.97 -3.21 7.64
N LEU A 91 -9.38 -2.34 6.74
CA LEU A 91 -10.41 -1.37 7.04
C LEU A 91 -11.78 -1.86 6.58
N THR A 92 -11.81 -2.64 5.51
CA THR A 92 -13.08 -3.12 4.96
C THR A 92 -13.66 -4.19 5.86
N GLN A 93 -12.81 -5.12 6.26
CA GLN A 93 -13.19 -6.16 7.19
C GLN A 93 -13.26 -5.59 8.61
N SER A 94 -12.57 -4.45 8.79
CA SER A 94 -12.64 -3.67 10.02
C SER A 94 -12.01 -4.40 11.21
N HIS A 95 -11.99 -3.74 12.36
CA HIS A 95 -11.41 -4.31 13.57
C HIS A 95 -12.26 -3.97 14.78
N GLY A 1 -10.11 8.72 3.25
CA GLY A 1 -10.68 8.10 4.46
C GLY A 1 -10.70 6.59 4.38
N SER A 2 -11.13 5.93 5.46
CA SER A 2 -11.15 4.48 5.50
C SER A 2 -12.52 3.94 5.12
N HIS A 3 -13.42 4.84 4.76
CA HIS A 3 -14.75 4.46 4.30
C HIS A 3 -14.74 4.31 2.78
N MET A 4 -13.54 4.08 2.28
CA MET A 4 -13.30 3.73 0.88
C MET A 4 -13.90 2.36 0.53
N ARG A 5 -14.84 1.89 1.33
CA ARG A 5 -15.40 0.56 1.18
C ARG A 5 -16.55 0.58 0.18
N LEU A 6 -17.49 1.47 0.42
CA LEU A 6 -18.71 1.53 -0.38
C LEU A 6 -18.80 2.82 -1.18
N ASN A 7 -18.13 3.85 -0.71
CA ASN A 7 -18.23 5.16 -1.34
C ASN A 7 -17.38 5.21 -2.60
N GLY A 8 -18.07 5.37 -3.73
CA GLY A 8 -17.41 5.49 -5.03
C GLY A 8 -16.71 4.22 -5.50
N LEU A 9 -16.19 3.43 -4.57
CA LEU A 9 -15.42 2.25 -4.89
C LEU A 9 -16.22 0.97 -4.76
N SER A 10 -15.96 0.07 -5.68
CA SER A 10 -16.38 -1.31 -5.58
C SER A 10 -15.19 -2.12 -5.06
N PRO A 11 -15.39 -3.40 -4.63
CA PRO A 11 -14.30 -4.26 -4.19
C PRO A 11 -13.06 -4.16 -5.08
N GLN A 12 -13.27 -4.17 -6.40
CA GLN A 12 -12.18 -4.03 -7.36
C GLN A 12 -11.57 -2.64 -7.29
N GLN A 13 -12.42 -1.61 -7.35
CA GLN A 13 -11.96 -0.22 -7.35
C GLN A 13 -11.11 0.09 -6.12
N GLN A 14 -11.46 -0.52 -4.99
CA GLN A 14 -10.66 -0.40 -3.79
C GLN A 14 -9.23 -0.84 -4.08
N GLN A 15 -9.08 -2.10 -4.50
CA GLN A 15 -7.78 -2.64 -4.82
C GLN A 15 -7.04 -1.80 -5.86
N GLN A 16 -7.75 -1.26 -6.83
CA GLN A 16 -7.13 -0.37 -7.81
C GLN A 16 -6.54 0.84 -7.11
N THR A 17 -7.37 1.52 -6.35
CA THR A 17 -6.94 2.64 -5.52
C THR A 17 -5.74 2.26 -4.66
N LEU A 18 -5.92 1.25 -3.83
CA LEU A 18 -4.90 0.76 -2.94
C LEU A 18 -3.62 0.39 -3.67
N ALA A 19 -3.75 -0.25 -4.83
CA ALA A 19 -2.60 -0.63 -5.65
C ALA A 19 -1.90 0.60 -6.21
N THR A 20 -2.66 1.67 -6.42
CA THR A 20 -2.10 2.90 -6.93
C THR A 20 -1.44 3.66 -5.78
N LEU A 21 -2.07 3.55 -4.61
CA LEU A 21 -1.55 4.15 -3.39
C LEU A 21 -0.19 3.58 -3.05
N VAL A 22 -0.16 2.28 -2.77
CA VAL A 22 1.09 1.62 -2.40
C VAL A 22 2.18 1.85 -3.44
N ALA A 23 1.78 1.81 -4.71
CA ALA A 23 2.69 2.09 -5.81
C ALA A 23 3.26 3.50 -5.70
N ALA A 24 2.39 4.49 -5.57
CA ALA A 24 2.82 5.88 -5.44
C ALA A 24 3.59 6.07 -4.14
N ALA A 25 3.16 5.36 -3.12
CA ALA A 25 3.83 5.39 -1.83
C ALA A 25 5.27 4.92 -1.98
N THR A 26 5.44 3.67 -2.40
CA THR A 26 6.76 3.07 -2.52
C THR A 26 7.63 3.82 -3.51
N ALA A 27 7.00 4.37 -4.54
CA ALA A 27 7.72 5.10 -5.54
C ALA A 27 8.22 6.43 -5.01
N THR A 28 7.53 6.97 -4.01
CA THR A 28 7.89 8.26 -3.44
C THR A 28 8.91 8.10 -2.31
N VAL A 29 8.83 7.01 -1.55
CA VAL A 29 9.78 6.76 -0.47
C VAL A 29 11.19 6.69 -1.04
N LEU A 30 11.27 6.08 -2.22
CA LEU A 30 12.53 6.01 -2.96
C LEU A 30 12.69 7.19 -3.92
N GLY A 31 11.57 7.67 -4.47
CA GLY A 31 11.61 8.75 -5.44
C GLY A 31 12.43 8.36 -6.67
N HIS A 32 11.82 7.61 -7.59
CA HIS A 32 12.60 6.99 -8.66
C HIS A 32 11.74 6.30 -9.73
N HIS A 33 10.42 6.34 -9.60
CA HIS A 33 9.59 5.52 -10.48
C HIS A 33 8.16 6.06 -10.58
N THR A 34 7.58 5.91 -11.76
CA THR A 34 6.18 6.25 -11.99
C THR A 34 5.29 5.23 -11.29
N PRO A 35 4.44 5.69 -10.35
CA PRO A 35 3.56 4.83 -9.55
C PRO A 35 2.65 3.97 -10.41
N GLU A 36 2.25 4.52 -11.54
CA GLU A 36 1.41 3.84 -12.49
C GLU A 36 2.10 2.59 -13.05
N SER A 37 3.43 2.63 -13.07
CA SER A 37 4.20 1.56 -13.68
C SER A 37 4.87 0.69 -12.61
N ILE A 38 4.37 0.77 -11.37
CA ILE A 38 4.84 -0.11 -10.31
C ILE A 38 4.30 -1.51 -10.54
N SER A 39 5.20 -2.46 -10.72
CA SER A 39 4.79 -3.83 -10.97
C SER A 39 4.46 -4.55 -9.66
N PRO A 40 3.24 -5.08 -9.57
CA PRO A 40 2.71 -5.75 -8.36
C PRO A 40 3.46 -7.03 -8.02
N ALA A 41 3.95 -7.71 -9.04
CA ALA A 41 4.60 -9.01 -8.86
C ALA A 41 6.01 -8.88 -8.29
N THR A 42 6.57 -7.68 -8.35
CA THR A 42 7.93 -7.47 -7.89
C THR A 42 7.97 -7.27 -6.38
N ALA A 43 9.05 -7.70 -5.77
CA ALA A 43 9.25 -7.55 -4.34
C ALA A 43 9.83 -6.19 -4.07
N PHE A 44 9.30 -5.52 -3.03
CA PHE A 44 9.77 -4.20 -2.64
C PHE A 44 11.28 -4.15 -2.51
N LYS A 45 11.84 -5.27 -2.06
CA LYS A 45 13.28 -5.43 -1.95
C LYS A 45 13.97 -5.05 -3.25
N ASP A 46 13.47 -5.61 -4.34
CA ASP A 46 14.05 -5.42 -5.66
C ASP A 46 13.97 -3.96 -6.11
N LEU A 47 12.86 -3.30 -5.81
CA LEU A 47 12.65 -1.93 -6.26
C LEU A 47 13.59 -0.97 -5.53
N GLY A 48 14.09 -1.37 -4.38
CA GLY A 48 15.03 -0.55 -3.65
C GLY A 48 14.58 -0.29 -2.23
N ILE A 49 13.51 -0.94 -1.82
CA ILE A 49 12.97 -0.77 -0.48
C ILE A 49 13.90 -1.40 0.55
N ASP A 50 14.40 -0.57 1.44
CA ASP A 50 15.16 -1.04 2.59
C ASP A 50 14.20 -1.19 3.76
N SER A 51 14.71 -1.46 4.93
CA SER A 51 13.84 -1.50 6.09
C SER A 51 13.53 -0.07 6.53
N LEU A 52 14.40 0.84 6.12
CA LEU A 52 14.29 2.24 6.44
C LEU A 52 13.13 2.88 5.70
N THR A 53 13.10 2.66 4.40
CA THR A 53 12.02 3.18 3.57
C THR A 53 10.77 2.31 3.64
N ALA A 54 10.91 1.11 4.18
CA ALA A 54 9.77 0.23 4.39
C ALA A 54 8.74 0.88 5.30
N LEU A 55 9.23 1.52 6.36
CA LEU A 55 8.35 2.19 7.31
C LEU A 55 7.77 3.45 6.70
N GLU A 56 8.59 4.16 5.92
CA GLU A 56 8.16 5.37 5.24
C GLU A 56 7.02 5.08 4.26
N LEU A 57 7.12 3.97 3.55
CA LEU A 57 6.05 3.50 2.69
C LEU A 57 4.79 3.35 3.52
N ARG A 58 4.89 2.56 4.58
CA ARG A 58 3.80 2.30 5.48
C ARG A 58 3.22 3.62 6.00
N ASN A 59 4.11 4.50 6.45
CA ASN A 59 3.74 5.83 6.93
C ASN A 59 2.84 6.54 5.93
N THR A 60 3.24 6.48 4.66
CA THR A 60 2.52 7.15 3.59
C THR A 60 1.13 6.54 3.39
N LEU A 61 1.06 5.22 3.22
CA LEU A 61 -0.21 4.57 2.95
C LEU A 61 -1.12 4.58 4.17
N THR A 62 -0.53 4.59 5.37
CA THR A 62 -1.29 4.71 6.60
C THR A 62 -1.96 6.08 6.67
N HIS A 63 -1.19 7.12 6.35
CA HIS A 63 -1.69 8.49 6.35
C HIS A 63 -2.77 8.67 5.28
N ASN A 64 -2.66 7.94 4.18
CA ASN A 64 -3.59 8.07 3.07
C ASN A 64 -4.88 7.28 3.29
N THR A 65 -4.79 6.20 4.06
CA THR A 65 -5.95 5.37 4.32
C THR A 65 -6.68 5.83 5.57
N GLY A 66 -5.93 6.21 6.59
CA GLY A 66 -6.52 6.72 7.82
C GLY A 66 -6.41 5.73 8.95
N LEU A 67 -6.41 4.45 8.63
CA LEU A 67 -6.30 3.40 9.63
C LEU A 67 -4.85 3.01 9.83
N ASP A 68 -4.57 2.42 10.99
CA ASP A 68 -3.19 2.16 11.39
C ASP A 68 -2.72 0.79 10.94
N LEU A 69 -1.61 0.77 10.20
CA LEU A 69 -1.03 -0.48 9.72
C LEU A 69 0.22 -0.82 10.52
N PRO A 70 0.45 -2.12 10.77
CA PRO A 70 1.61 -2.60 11.54
C PRO A 70 2.93 -2.29 10.87
N PRO A 71 3.96 -1.96 11.67
CA PRO A 71 5.32 -1.72 11.16
C PRO A 71 5.91 -2.97 10.50
N THR A 72 5.22 -4.09 10.67
CA THR A 72 5.61 -5.35 10.07
C THR A 72 5.00 -5.51 8.68
N LEU A 73 4.33 -4.46 8.20
CA LEU A 73 3.85 -4.40 6.81
C LEU A 73 4.81 -5.07 5.83
N ILE A 74 5.97 -4.44 5.63
CA ILE A 74 6.94 -4.86 4.64
C ILE A 74 7.77 -6.02 5.18
N PHE A 75 7.47 -6.39 6.41
CA PHE A 75 8.11 -7.52 7.07
C PHE A 75 7.41 -8.81 6.65
N ASP A 76 6.08 -8.79 6.70
CA ASP A 76 5.29 -9.98 6.40
C ASP A 76 4.78 -9.97 4.97
N HIS A 77 4.31 -8.81 4.51
CA HIS A 77 3.68 -8.72 3.18
C HIS A 77 4.40 -7.73 2.27
N PRO A 78 5.71 -7.88 1.98
CA PRO A 78 6.33 -6.93 1.09
C PRO A 78 6.04 -7.28 -0.38
N THR A 79 5.14 -6.51 -0.95
CA THR A 79 4.83 -6.53 -2.37
C THR A 79 3.77 -5.45 -2.63
N PRO A 80 3.77 -4.79 -3.79
CA PRO A 80 2.78 -3.75 -4.07
C PRO A 80 1.35 -4.31 -3.97
N HIS A 81 1.11 -5.40 -4.67
CA HIS A 81 -0.20 -6.05 -4.66
C HIS A 81 -0.53 -6.62 -3.29
N ALA A 82 0.47 -7.15 -2.62
CA ALA A 82 0.25 -7.81 -1.34
C ALA A 82 -0.20 -6.81 -0.26
N LEU A 83 0.38 -5.62 -0.28
CA LEU A 83 -0.09 -4.56 0.59
C LEU A 83 -1.51 -4.17 0.20
N THR A 84 -1.77 -4.11 -1.10
CA THR A 84 -3.11 -3.86 -1.60
C THR A 84 -4.10 -4.83 -0.98
N GLN A 85 -3.69 -6.08 -0.87
CA GLN A 85 -4.51 -7.11 -0.26
C GLN A 85 -4.75 -6.78 1.20
N HIS A 86 -3.68 -6.47 1.92
CA HIS A 86 -3.76 -6.16 3.34
C HIS A 86 -4.63 -4.95 3.58
N LEU A 87 -4.37 -3.89 2.83
CA LEU A 87 -5.16 -2.67 2.93
C LEU A 87 -6.59 -2.92 2.52
N HIS A 88 -6.80 -3.85 1.58
CA HIS A 88 -8.14 -4.21 1.14
C HIS A 88 -8.84 -5.02 2.22
N THR A 89 -8.06 -5.82 2.95
CA THR A 89 -8.59 -6.60 4.05
C THR A 89 -9.08 -5.67 5.15
N ARG A 90 -8.44 -4.51 5.26
CA ARG A 90 -8.84 -3.50 6.24
C ARG A 90 -10.30 -3.10 6.07
N LEU A 91 -10.76 -3.10 4.82
CA LEU A 91 -12.13 -2.72 4.53
C LEU A 91 -13.05 -3.93 4.58
N THR A 92 -12.53 -5.07 4.14
CA THR A 92 -13.34 -6.29 4.05
C THR A 92 -13.53 -6.93 5.42
N GLN A 93 -12.67 -6.55 6.36
CA GLN A 93 -12.77 -7.00 7.74
C GLN A 93 -14.11 -6.64 8.34
N SER A 94 -14.49 -5.36 8.22
CA SER A 94 -15.75 -4.87 8.76
C SER A 94 -15.84 -5.04 10.27
N HIS A 95 -16.91 -4.54 10.86
CA HIS A 95 -17.15 -4.69 12.29
C HIS A 95 -18.46 -5.42 12.53
N GLY A 1 -8.97 10.73 4.75
CA GLY A 1 -10.17 10.23 4.06
C GLY A 1 -9.97 8.82 3.52
N SER A 2 -10.35 7.83 4.31
CA SER A 2 -10.25 6.43 3.89
C SER A 2 -11.40 6.09 2.96
N HIS A 3 -11.16 5.17 2.04
CA HIS A 3 -12.18 4.78 1.05
C HIS A 3 -13.17 3.79 1.66
N MET A 4 -13.23 3.78 2.99
CA MET A 4 -14.14 2.91 3.73
C MET A 4 -15.58 3.31 3.49
N ARG A 5 -15.77 4.56 3.13
CA ARG A 5 -17.10 5.13 2.98
C ARG A 5 -17.67 4.83 1.60
N LEU A 6 -16.89 4.16 0.77
CA LEU A 6 -17.28 3.88 -0.60
C LEU A 6 -17.96 2.52 -0.73
N ASN A 7 -18.54 2.05 0.38
CA ASN A 7 -19.25 0.77 0.40
C ASN A 7 -20.24 0.68 -0.76
N GLY A 8 -20.32 -0.51 -1.35
CA GLY A 8 -21.07 -0.69 -2.57
C GLY A 8 -20.13 -0.90 -3.75
N LEU A 9 -18.86 -0.76 -3.46
CA LEU A 9 -17.79 -0.97 -4.43
C LEU A 9 -17.63 -2.46 -4.72
N SER A 10 -17.24 -2.78 -5.95
CA SER A 10 -16.84 -4.14 -6.27
C SER A 10 -15.41 -4.36 -5.78
N PRO A 11 -15.07 -5.58 -5.32
CA PRO A 11 -13.76 -5.86 -4.70
C PRO A 11 -12.57 -5.21 -5.41
N GLN A 12 -12.53 -5.30 -6.73
CA GLN A 12 -11.39 -4.79 -7.49
C GLN A 12 -11.36 -3.26 -7.53
N GLN A 13 -12.51 -2.64 -7.25
CA GLN A 13 -12.61 -1.17 -7.23
C GLN A 13 -11.60 -0.57 -6.28
N GLN A 14 -11.64 -1.02 -5.04
CA GLN A 14 -10.67 -0.57 -4.07
C GLN A 14 -9.28 -1.10 -4.41
N GLN A 15 -9.19 -2.36 -4.82
CA GLN A 15 -7.91 -2.97 -5.13
C GLN A 15 -7.10 -2.17 -6.16
N GLN A 16 -7.76 -1.64 -7.19
CA GLN A 16 -7.05 -0.82 -8.18
C GLN A 16 -6.57 0.49 -7.57
N THR A 17 -7.42 1.09 -6.73
CA THR A 17 -7.05 2.29 -5.99
C THR A 17 -5.82 2.04 -5.14
N LEU A 18 -5.93 1.06 -4.26
CA LEU A 18 -4.88 0.70 -3.33
C LEU A 18 -3.62 0.24 -4.04
N ALA A 19 -3.78 -0.45 -5.16
CA ALA A 19 -2.64 -0.89 -5.97
C ALA A 19 -1.88 0.31 -6.54
N THR A 20 -2.60 1.40 -6.73
CA THR A 20 -2.00 2.63 -7.22
C THR A 20 -1.43 3.41 -6.04
N LEU A 21 -2.11 3.29 -4.90
CA LEU A 21 -1.66 3.91 -3.66
C LEU A 21 -0.28 3.40 -3.29
N VAL A 22 -0.20 2.11 -3.02
CA VAL A 22 1.06 1.48 -2.64
C VAL A 22 2.15 1.75 -3.67
N ALA A 23 1.76 1.73 -4.94
CA ALA A 23 2.67 2.06 -6.03
C ALA A 23 3.22 3.48 -5.88
N ALA A 24 2.32 4.44 -5.70
CA ALA A 24 2.71 5.83 -5.53
C ALA A 24 3.37 6.04 -4.18
N ALA A 25 3.01 5.21 -3.21
CA ALA A 25 3.56 5.28 -1.88
C ALA A 25 5.05 5.04 -1.90
N THR A 26 5.44 3.91 -2.47
CA THR A 26 6.84 3.54 -2.55
C THR A 26 7.57 4.43 -3.54
N ALA A 27 6.83 4.92 -4.53
CA ALA A 27 7.35 5.88 -5.49
C ALA A 27 7.64 7.22 -4.80
N THR A 28 7.09 7.39 -3.61
CA THR A 28 7.36 8.56 -2.81
C THR A 28 8.57 8.35 -1.91
N VAL A 29 8.72 7.12 -1.39
CA VAL A 29 9.80 6.82 -0.45
C VAL A 29 11.10 6.56 -1.19
N LEU A 30 10.99 5.86 -2.32
CA LEU A 30 12.14 5.55 -3.15
C LEU A 30 12.38 6.61 -4.20
N GLY A 31 13.65 6.88 -4.47
CA GLY A 31 14.04 7.97 -5.35
C GLY A 31 13.70 7.74 -6.81
N HIS A 32 13.49 6.48 -7.21
CA HIS A 32 13.14 6.18 -8.60
C HIS A 32 11.76 6.75 -8.94
N HIS A 33 10.90 6.81 -7.92
CA HIS A 33 9.52 7.31 -8.06
C HIS A 33 8.77 6.54 -9.17
N THR A 34 7.71 7.17 -9.68
CA THR A 34 6.89 6.60 -10.75
C THR A 34 6.10 5.39 -10.27
N PRO A 35 4.80 5.57 -9.99
CA PRO A 35 3.93 4.47 -9.56
C PRO A 35 3.66 3.52 -10.72
N GLU A 36 3.98 4.00 -11.91
CA GLU A 36 3.81 3.25 -13.14
C GLU A 36 4.79 2.09 -13.21
N SER A 37 6.00 2.35 -12.75
CA SER A 37 7.09 1.40 -12.85
C SER A 37 7.02 0.37 -11.72
N ILE A 38 6.02 0.50 -10.87
CA ILE A 38 5.81 -0.43 -9.78
C ILE A 38 5.12 -1.69 -10.28
N SER A 39 5.88 -2.75 -10.45
CA SER A 39 5.31 -4.02 -10.86
C SER A 39 4.79 -4.78 -9.65
N PRO A 40 3.54 -5.25 -9.72
CA PRO A 40 2.82 -5.84 -8.59
C PRO A 40 3.42 -7.14 -8.08
N ALA A 41 4.03 -7.90 -8.98
CA ALA A 41 4.59 -9.19 -8.62
C ALA A 41 6.01 -9.08 -8.07
N THR A 42 6.60 -7.90 -8.18
CA THR A 42 7.96 -7.70 -7.72
C THR A 42 7.99 -7.42 -6.23
N ALA A 43 9.10 -7.77 -5.61
CA ALA A 43 9.31 -7.58 -4.19
C ALA A 43 9.91 -6.21 -3.94
N PHE A 44 9.44 -5.56 -2.88
CA PHE A 44 9.90 -4.22 -2.55
C PHE A 44 11.41 -4.16 -2.37
N LYS A 45 12.00 -5.30 -2.03
CA LYS A 45 13.43 -5.46 -2.05
C LYS A 45 13.99 -5.01 -3.39
N ASP A 46 13.62 -5.74 -4.43
CA ASP A 46 14.01 -5.43 -5.81
C ASP A 46 13.60 -4.01 -6.24
N LEU A 47 12.55 -3.45 -5.64
CA LEU A 47 12.14 -2.10 -5.99
C LEU A 47 13.06 -1.05 -5.37
N GLY A 48 13.75 -1.41 -4.29
CA GLY A 48 14.69 -0.48 -3.68
C GLY A 48 14.41 -0.23 -2.22
N ILE A 49 13.37 -0.87 -1.70
CA ILE A 49 12.99 -0.73 -0.30
C ILE A 49 14.01 -1.37 0.64
N ASP A 50 14.51 -0.57 1.56
CA ASP A 50 15.34 -1.06 2.66
C ASP A 50 14.49 -1.12 3.91
N SER A 51 15.11 -1.26 5.07
CA SER A 51 14.36 -1.19 6.30
C SER A 51 13.99 0.26 6.60
N LEU A 52 14.87 1.14 6.16
CA LEU A 52 14.72 2.57 6.35
C LEU A 52 13.45 3.06 5.68
N THR A 53 13.31 2.70 4.42
CA THR A 53 12.17 3.12 3.63
C THR A 53 10.98 2.18 3.81
N ALA A 54 11.21 1.04 4.45
CA ALA A 54 10.13 0.12 4.75
C ALA A 54 9.14 0.76 5.70
N LEU A 55 9.65 1.53 6.65
CA LEU A 55 8.78 2.21 7.60
C LEU A 55 8.14 3.43 6.95
N GLU A 56 8.89 4.12 6.10
CA GLU A 56 8.39 5.30 5.41
C GLU A 56 7.23 4.97 4.48
N LEU A 57 7.36 3.86 3.75
CA LEU A 57 6.28 3.39 2.91
C LEU A 57 5.05 3.10 3.75
N ARG A 58 5.22 2.29 4.78
CA ARG A 58 4.17 1.97 5.71
C ARG A 58 3.56 3.24 6.29
N ASN A 59 4.40 4.21 6.63
CA ASN A 59 3.97 5.52 7.11
C ASN A 59 2.93 6.11 6.16
N THR A 60 3.24 6.09 4.88
CA THR A 60 2.35 6.62 3.87
C THR A 60 1.05 5.80 3.81
N LEU A 61 1.20 4.47 3.89
CA LEU A 61 0.08 3.56 3.84
C LEU A 61 -0.83 3.72 5.07
N THR A 62 -0.20 3.91 6.23
CA THR A 62 -0.93 4.10 7.48
C THR A 62 -1.59 5.48 7.50
N HIS A 63 -0.98 6.42 6.79
CA HIS A 63 -1.49 7.78 6.68
C HIS A 63 -2.70 7.83 5.76
N ASN A 64 -2.79 6.87 4.85
CA ASN A 64 -3.93 6.77 3.93
C ASN A 64 -5.23 6.64 4.69
N THR A 65 -5.27 5.69 5.60
CA THR A 65 -6.51 5.30 6.25
C THR A 65 -6.60 5.81 7.69
N GLY A 66 -5.48 6.25 8.24
CA GLY A 66 -5.50 6.82 9.57
C GLY A 66 -5.60 5.78 10.67
N LEU A 67 -5.81 4.54 10.27
CA LEU A 67 -5.87 3.42 11.20
C LEU A 67 -4.47 3.01 11.63
N ASP A 68 -4.37 1.91 12.34
CA ASP A 68 -3.09 1.48 12.86
C ASP A 68 -2.55 0.33 12.01
N LEU A 69 -1.25 0.35 11.79
CA LEU A 69 -0.62 -0.63 10.93
C LEU A 69 0.68 -1.11 11.57
N PRO A 70 0.91 -2.44 11.61
CA PRO A 70 2.08 -3.04 12.26
C PRO A 70 3.39 -2.63 11.60
N PRO A 71 4.43 -2.40 12.40
CA PRO A 71 5.77 -2.05 11.89
C PRO A 71 6.33 -3.13 10.99
N THR A 72 5.80 -4.32 11.13
CA THR A 72 6.24 -5.47 10.35
C THR A 72 5.53 -5.51 9.00
N LEU A 73 4.71 -4.51 8.75
CA LEU A 73 3.94 -4.36 7.51
C LEU A 73 4.77 -4.73 6.27
N ILE A 74 5.75 -3.89 5.95
CA ILE A 74 6.57 -4.09 4.75
C ILE A 74 7.56 -5.22 4.96
N PHE A 75 7.79 -5.55 6.23
CA PHE A 75 8.69 -6.63 6.60
C PHE A 75 8.08 -7.98 6.21
N ASP A 76 6.79 -8.10 6.43
CA ASP A 76 6.08 -9.36 6.25
C ASP A 76 5.51 -9.50 4.85
N HIS A 77 4.92 -8.43 4.33
CA HIS A 77 4.25 -8.50 3.03
C HIS A 77 4.81 -7.47 2.06
N PRO A 78 6.08 -7.56 1.65
CA PRO A 78 6.56 -6.61 0.66
C PRO A 78 6.16 -7.05 -0.75
N THR A 79 5.16 -6.36 -1.26
CA THR A 79 4.68 -6.52 -2.63
C THR A 79 3.56 -5.51 -2.88
N PRO A 80 3.52 -4.85 -4.04
CA PRO A 80 2.52 -3.83 -4.32
C PRO A 80 1.09 -4.37 -4.22
N HIS A 81 0.82 -5.43 -4.98
CA HIS A 81 -0.52 -6.00 -5.06
C HIS A 81 -0.89 -6.70 -3.74
N ALA A 82 0.09 -7.24 -3.05
CA ALA A 82 -0.17 -7.95 -1.81
C ALA A 82 -0.55 -6.97 -0.69
N LEU A 83 0.19 -5.86 -0.60
CA LEU A 83 -0.19 -4.79 0.31
C LEU A 83 -1.60 -4.30 0.02
N THR A 84 -1.93 -4.24 -1.27
CA THR A 84 -3.27 -3.85 -1.72
C THR A 84 -4.33 -4.63 -0.97
N GLN A 85 -4.20 -5.94 -1.00
CA GLN A 85 -5.15 -6.83 -0.37
C GLN A 85 -5.19 -6.63 1.13
N HIS A 86 -4.04 -6.35 1.73
CA HIS A 86 -3.97 -6.14 3.17
C HIS A 86 -4.70 -4.89 3.58
N LEU A 87 -4.36 -3.78 2.94
CA LEU A 87 -5.01 -2.51 3.22
C LEU A 87 -6.49 -2.58 2.85
N HIS A 88 -6.81 -3.41 1.86
CA HIS A 88 -8.19 -3.65 1.48
C HIS A 88 -8.94 -4.32 2.62
N THR A 89 -8.29 -5.29 3.26
CA THR A 89 -8.84 -5.97 4.42
C THR A 89 -9.07 -4.99 5.57
N ARG A 90 -8.21 -3.99 5.68
CA ARG A 90 -8.30 -3.01 6.75
C ARG A 90 -9.55 -2.14 6.56
N LEU A 91 -10.10 -2.16 5.36
CA LEU A 91 -11.25 -1.34 5.02
C LEU A 91 -12.53 -2.16 5.02
N THR A 92 -12.46 -3.38 4.52
CA THR A 92 -13.64 -4.22 4.38
C THR A 92 -13.89 -5.06 5.61
N GLN A 93 -12.82 -5.62 6.16
CA GLN A 93 -12.90 -6.44 7.35
C GLN A 93 -12.93 -5.58 8.61
N SER A 94 -12.22 -4.46 8.57
CA SER A 94 -12.14 -3.58 9.72
C SER A 94 -12.99 -2.33 9.50
N HIS A 95 -14.07 -2.21 10.26
CA HIS A 95 -14.96 -1.07 10.16
C HIS A 95 -15.60 -0.77 11.50
N GLY A 1 -7.28 10.70 7.65
CA GLY A 1 -8.60 10.02 7.52
C GLY A 1 -8.52 8.80 6.63
N SER A 2 -9.63 8.07 6.52
CA SER A 2 -9.70 6.90 5.68
C SER A 2 -10.64 7.15 4.50
N HIS A 3 -10.71 6.18 3.60
CA HIS A 3 -11.56 6.27 2.43
C HIS A 3 -12.71 5.27 2.55
N MET A 4 -12.98 4.87 3.79
CA MET A 4 -13.98 3.85 4.09
C MET A 4 -15.38 4.37 3.88
N ARG A 5 -15.51 5.67 3.80
CA ARG A 5 -16.80 6.29 3.61
C ARG A 5 -17.33 5.97 2.22
N LEU A 6 -16.42 5.60 1.33
CA LEU A 6 -16.77 5.21 -0.03
C LEU A 6 -17.10 3.72 -0.09
N ASN A 7 -17.47 3.16 1.06
CA ASN A 7 -17.83 1.74 1.14
C ASN A 7 -18.92 1.41 0.14
N GLY A 8 -18.90 0.19 -0.36
CA GLY A 8 -19.79 -0.21 -1.41
C GLY A 8 -19.04 -0.44 -2.71
N LEU A 9 -17.78 -0.01 -2.72
CA LEU A 9 -16.89 -0.26 -3.84
C LEU A 9 -16.67 -1.74 -4.03
N SER A 10 -16.74 -2.19 -5.27
CA SER A 10 -16.43 -3.55 -5.60
C SER A 10 -14.93 -3.80 -5.44
N PRO A 11 -14.52 -5.07 -5.21
CA PRO A 11 -13.11 -5.41 -4.96
C PRO A 11 -12.13 -4.69 -5.88
N GLN A 12 -12.41 -4.70 -7.18
CA GLN A 12 -11.51 -4.12 -8.17
C GLN A 12 -11.40 -2.61 -8.03
N GLN A 13 -12.44 -1.95 -7.53
CA GLN A 13 -12.42 -0.49 -7.39
C GLN A 13 -11.49 -0.08 -6.26
N GLN A 14 -11.58 -0.78 -5.15
CA GLN A 14 -10.67 -0.55 -4.05
C GLN A 14 -9.26 -0.99 -4.42
N GLN A 15 -9.12 -2.21 -4.93
CA GLN A 15 -7.81 -2.74 -5.30
C GLN A 15 -7.05 -1.83 -6.26
N GLN A 16 -7.73 -1.22 -7.22
CA GLN A 16 -7.04 -0.33 -8.15
C GLN A 16 -6.51 0.90 -7.42
N THR A 17 -7.34 1.45 -6.55
CA THR A 17 -6.94 2.57 -5.71
C THR A 17 -5.73 2.21 -4.87
N LEU A 18 -5.90 1.19 -4.04
CA LEU A 18 -4.87 0.72 -3.13
C LEU A 18 -3.59 0.32 -3.85
N ALA A 19 -3.74 -0.27 -5.05
CA ALA A 19 -2.58 -0.65 -5.86
C ALA A 19 -1.85 0.58 -6.37
N THR A 20 -2.60 1.65 -6.62
CA THR A 20 -2.01 2.89 -7.10
C THR A 20 -1.41 3.64 -5.91
N LEU A 21 -2.03 3.43 -4.76
CA LEU A 21 -1.53 3.96 -3.50
C LEU A 21 -0.16 3.37 -3.18
N VAL A 22 -0.12 2.06 -2.96
CA VAL A 22 1.11 1.37 -2.61
C VAL A 22 2.21 1.64 -3.64
N ALA A 23 1.84 1.66 -4.91
CA ALA A 23 2.75 1.99 -5.99
C ALA A 23 3.32 3.40 -5.81
N ALA A 24 2.45 4.37 -5.62
CA ALA A 24 2.89 5.74 -5.41
C ALA A 24 3.61 5.89 -4.09
N ALA A 25 3.22 5.07 -3.12
CA ALA A 25 3.85 5.06 -1.82
C ALA A 25 5.32 4.68 -1.98
N THR A 26 5.56 3.47 -2.47
CA THR A 26 6.92 2.96 -2.62
C THR A 26 7.73 3.84 -3.56
N ALA A 27 7.07 4.37 -4.56
CA ALA A 27 7.74 5.19 -5.54
C ALA A 27 8.16 6.53 -4.95
N THR A 28 7.44 6.99 -3.93
CA THR A 28 7.71 8.30 -3.34
C THR A 28 8.71 8.21 -2.19
N VAL A 29 8.65 7.13 -1.41
CA VAL A 29 9.60 6.96 -0.30
C VAL A 29 11.01 6.92 -0.86
N LEU A 30 11.11 6.36 -2.06
CA LEU A 30 12.37 6.34 -2.80
C LEU A 30 12.49 7.58 -3.68
N GLY A 31 11.42 7.93 -4.37
CA GLY A 31 11.45 9.06 -5.30
C GLY A 31 12.30 8.74 -6.51
N HIS A 32 11.74 7.97 -7.44
CA HIS A 32 12.55 7.42 -8.53
C HIS A 32 11.71 6.78 -9.64
N HIS A 33 10.39 6.72 -9.48
CA HIS A 33 9.59 5.89 -10.37
C HIS A 33 8.13 6.35 -10.42
N THR A 34 7.57 6.29 -11.62
CA THR A 34 6.15 6.54 -11.82
C THR A 34 5.34 5.41 -11.20
N PRO A 35 4.31 5.74 -10.39
CA PRO A 35 3.54 4.74 -9.63
C PRO A 35 2.73 3.86 -10.56
N GLU A 36 2.42 4.43 -11.71
CA GLU A 36 1.66 3.75 -12.74
C GLU A 36 2.47 2.59 -13.31
N SER A 37 3.78 2.63 -13.09
CA SER A 37 4.68 1.67 -13.67
C SER A 37 5.28 0.74 -12.60
N ILE A 38 4.67 0.73 -11.42
CA ILE A 38 5.09 -0.18 -10.35
C ILE A 38 4.53 -1.58 -10.59
N SER A 39 5.42 -2.55 -10.75
CA SER A 39 5.00 -3.91 -11.02
C SER A 39 4.60 -4.64 -9.74
N PRO A 40 3.41 -5.25 -9.74
CA PRO A 40 2.82 -5.89 -8.56
C PRO A 40 3.54 -7.15 -8.10
N ALA A 41 4.08 -7.92 -9.04
CA ALA A 41 4.68 -9.21 -8.72
C ALA A 41 6.10 -9.06 -8.18
N THR A 42 6.68 -7.88 -8.33
CA THR A 42 8.04 -7.64 -7.88
C THR A 42 8.08 -7.37 -6.38
N ALA A 43 9.22 -7.65 -5.78
CA ALA A 43 9.43 -7.44 -4.36
C ALA A 43 9.93 -6.03 -4.11
N PHE A 44 9.46 -5.41 -3.02
CA PHE A 44 9.92 -4.08 -2.65
C PHE A 44 11.42 -4.05 -2.51
N LYS A 45 11.99 -5.19 -2.14
CA LYS A 45 13.42 -5.39 -2.13
C LYS A 45 14.04 -4.88 -3.43
N ASP A 46 13.47 -5.36 -4.52
CA ASP A 46 13.96 -5.06 -5.86
C ASP A 46 13.64 -3.62 -6.26
N LEU A 47 12.48 -3.10 -5.83
CA LEU A 47 12.09 -1.74 -6.18
C LEU A 47 12.99 -0.71 -5.51
N GLY A 48 13.67 -1.10 -4.45
CA GLY A 48 14.63 -0.23 -3.81
C GLY A 48 14.32 0.00 -2.35
N ILE A 49 13.39 -0.78 -1.81
CA ILE A 49 12.97 -0.65 -0.44
C ILE A 49 13.95 -1.34 0.51
N ASP A 50 14.43 -0.60 1.49
CA ASP A 50 15.25 -1.18 2.55
C ASP A 50 14.44 -1.16 3.83
N SER A 51 15.06 -1.44 4.96
CA SER A 51 14.34 -1.36 6.23
C SER A 51 14.06 0.08 6.58
N LEU A 52 14.88 0.96 6.04
CA LEU A 52 14.74 2.40 6.25
C LEU A 52 13.47 2.91 5.63
N THR A 53 13.32 2.63 4.35
CA THR A 53 12.18 3.09 3.59
C THR A 53 10.96 2.20 3.77
N ALA A 54 11.18 1.02 4.33
CA ALA A 54 10.09 0.11 4.66
C ALA A 54 9.10 0.81 5.61
N LEU A 55 9.63 1.56 6.57
CA LEU A 55 8.78 2.25 7.52
C LEU A 55 8.14 3.47 6.88
N GLU A 56 8.89 4.14 5.99
CA GLU A 56 8.38 5.31 5.27
C GLU A 56 7.23 4.93 4.36
N LEU A 57 7.35 3.78 3.71
CA LEU A 57 6.28 3.25 2.89
C LEU A 57 5.04 2.99 3.75
N ARG A 58 5.22 2.24 4.83
CA ARG A 58 4.14 1.98 5.78
C ARG A 58 3.52 3.30 6.25
N ASN A 59 4.37 4.29 6.48
CA ASN A 59 3.92 5.64 6.84
C ASN A 59 2.87 6.14 5.85
N THR A 60 3.20 6.11 4.57
CA THR A 60 2.28 6.55 3.52
C THR A 60 1.02 5.68 3.51
N LEU A 61 1.22 4.37 3.60
CA LEU A 61 0.11 3.41 3.56
C LEU A 61 -0.87 3.64 4.72
N THR A 62 -0.32 3.96 5.88
CA THR A 62 -1.12 4.18 7.07
C THR A 62 -1.97 5.46 6.93
N HIS A 63 -1.44 6.45 6.23
CA HIS A 63 -2.12 7.72 6.06
C HIS A 63 -3.38 7.59 5.21
N ASN A 64 -3.45 6.52 4.42
CA ASN A 64 -4.61 6.29 3.57
C ASN A 64 -5.83 5.88 4.39
N THR A 65 -5.58 5.21 5.51
CA THR A 65 -6.67 4.70 6.33
C THR A 65 -6.77 5.42 7.68
N GLY A 66 -5.65 5.97 8.15
CA GLY A 66 -5.64 6.61 9.45
C GLY A 66 -5.62 5.59 10.57
N LEU A 67 -5.51 4.34 10.17
CA LEU A 67 -5.48 3.22 11.10
C LEU A 67 -4.11 3.07 11.72
N ASP A 68 -3.89 1.96 12.37
CA ASP A 68 -2.62 1.70 13.01
C ASP A 68 -2.02 0.42 12.49
N LEU A 69 -1.14 0.59 11.53
CA LEU A 69 -0.47 -0.52 10.88
C LEU A 69 0.82 -0.83 11.61
N PRO A 70 1.06 -2.13 11.90
CA PRO A 70 2.25 -2.58 12.64
C PRO A 70 3.54 -2.22 11.92
N PRO A 71 4.60 -1.88 12.66
CA PRO A 71 5.92 -1.58 12.09
C PRO A 71 6.48 -2.78 11.30
N THR A 72 5.82 -3.91 11.41
CA THR A 72 6.20 -5.12 10.69
C THR A 72 5.43 -5.23 9.37
N LEU A 73 4.62 -4.20 9.09
CA LEU A 73 3.85 -4.09 7.86
C LEU A 73 4.62 -4.56 6.63
N ILE A 74 5.64 -3.80 6.25
CA ILE A 74 6.44 -4.11 5.05
C ILE A 74 7.36 -5.29 5.32
N PHE A 75 7.60 -5.56 6.59
CA PHE A 75 8.47 -6.64 7.00
C PHE A 75 7.80 -7.99 6.77
N ASP A 76 6.48 -7.99 6.90
CA ASP A 76 5.70 -9.22 6.75
C ASP A 76 5.19 -9.41 5.33
N HIS A 77 4.76 -8.32 4.70
CA HIS A 77 4.14 -8.44 3.38
C HIS A 77 4.75 -7.47 2.38
N PRO A 78 6.03 -7.59 2.01
CA PRO A 78 6.56 -6.68 1.02
C PRO A 78 6.18 -7.14 -0.37
N THR A 79 5.21 -6.44 -0.95
CA THR A 79 4.75 -6.63 -2.32
C THR A 79 3.67 -5.60 -2.64
N PRO A 80 3.67 -5.00 -3.82
CA PRO A 80 2.70 -3.95 -4.16
C PRO A 80 1.26 -4.45 -4.04
N HIS A 81 0.92 -5.50 -4.79
CA HIS A 81 -0.45 -6.00 -4.84
C HIS A 81 -0.86 -6.66 -3.52
N ALA A 82 0.08 -7.32 -2.87
CA ALA A 82 -0.23 -8.03 -1.63
C ALA A 82 -0.62 -7.05 -0.52
N LEU A 83 0.12 -5.94 -0.43
CA LEU A 83 -0.26 -4.85 0.47
C LEU A 83 -1.66 -4.35 0.12
N THR A 84 -1.95 -4.27 -1.18
CA THR A 84 -3.27 -3.90 -1.65
C THR A 84 -4.34 -4.77 -1.02
N GLN A 85 -4.04 -6.06 -0.93
CA GLN A 85 -4.96 -7.01 -0.33
C GLN A 85 -5.15 -6.72 1.15
N HIS A 86 -4.04 -6.44 1.84
CA HIS A 86 -4.08 -6.16 3.27
C HIS A 86 -4.94 -4.93 3.56
N LEU A 87 -4.62 -3.83 2.89
CA LEU A 87 -5.36 -2.61 3.11
C LEU A 87 -6.80 -2.76 2.64
N HIS A 88 -7.01 -3.61 1.63
CA HIS A 88 -8.35 -3.85 1.11
C HIS A 88 -9.24 -4.45 2.19
N THR A 89 -8.67 -5.28 3.04
CA THR A 89 -9.39 -5.83 4.16
C THR A 89 -9.67 -4.74 5.20
N ARG A 90 -8.67 -3.89 5.44
CA ARG A 90 -8.79 -2.79 6.39
C ARG A 90 -9.91 -1.83 5.98
N LEU A 91 -9.98 -1.50 4.70
CA LEU A 91 -11.03 -0.64 4.17
C LEU A 91 -12.41 -1.29 4.30
N THR A 92 -12.51 -2.57 3.95
CA THR A 92 -13.78 -3.28 3.98
C THR A 92 -14.23 -3.59 5.40
N GLN A 93 -13.33 -3.35 6.35
CA GLN A 93 -13.63 -3.51 7.76
C GLN A 93 -14.69 -2.51 8.23
N SER A 94 -14.82 -1.41 7.50
CA SER A 94 -15.77 -0.38 7.86
C SER A 94 -16.83 -0.24 6.78
N HIS A 95 -18.09 -0.20 7.20
CA HIS A 95 -19.20 -0.01 6.28
C HIS A 95 -20.28 0.82 6.97
N GLY A 1 -7.45 12.09 4.65
CA GLY A 1 -8.56 11.15 4.91
C GLY A 1 -8.32 9.82 4.23
N SER A 2 -9.21 8.88 4.46
CA SER A 2 -9.11 7.56 3.85
C SER A 2 -9.95 7.50 2.58
N HIS A 3 -9.36 7.00 1.51
CA HIS A 3 -10.11 6.72 0.27
C HIS A 3 -10.97 5.47 0.46
N MET A 4 -11.31 5.19 1.71
CA MET A 4 -12.11 4.04 2.09
C MET A 4 -13.59 4.27 1.89
N ARG A 5 -13.94 5.29 1.12
CA ARG A 5 -15.33 5.55 0.83
C ARG A 5 -15.78 4.70 -0.35
N LEU A 6 -14.80 4.12 -1.03
CA LEU A 6 -15.07 3.21 -2.13
C LEU A 6 -15.31 1.80 -1.60
N ASN A 7 -15.58 1.70 -0.31
CA ASN A 7 -15.90 0.44 0.33
C ASN A 7 -17.24 -0.07 -0.19
N GLY A 8 -17.29 -1.34 -0.53
CA GLY A 8 -18.51 -1.90 -1.08
C GLY A 8 -18.34 -2.27 -2.54
N LEU A 9 -17.20 -1.92 -3.10
CA LEU A 9 -16.84 -2.37 -4.43
C LEU A 9 -16.48 -3.85 -4.41
N SER A 10 -16.29 -4.43 -5.58
CA SER A 10 -15.82 -5.80 -5.67
C SER A 10 -14.32 -5.84 -5.36
N PRO A 11 -13.77 -7.02 -5.00
CA PRO A 11 -12.38 -7.17 -4.59
C PRO A 11 -11.40 -6.41 -5.50
N GLN A 12 -11.43 -6.71 -6.78
CA GLN A 12 -10.52 -6.07 -7.74
C GLN A 12 -10.82 -4.59 -7.90
N GLN A 13 -12.10 -4.24 -7.87
CA GLN A 13 -12.53 -2.86 -8.00
C GLN A 13 -11.98 -2.00 -6.86
N GLN A 14 -11.83 -2.61 -5.70
CA GLN A 14 -11.18 -1.94 -4.57
C GLN A 14 -9.65 -2.01 -4.72
N GLN A 15 -9.14 -3.20 -5.07
CA GLN A 15 -7.70 -3.40 -5.19
C GLN A 15 -7.02 -2.35 -6.06
N GLN A 16 -7.66 -1.95 -7.16
CA GLN A 16 -7.03 -1.02 -8.09
C GLN A 16 -6.67 0.31 -7.41
N THR A 17 -7.58 0.87 -6.62
CA THR A 17 -7.31 2.13 -5.94
C THR A 17 -6.29 1.93 -4.82
N LEU A 18 -6.10 0.69 -4.42
CA LEU A 18 -5.15 0.37 -3.37
C LEU A 18 -3.77 0.14 -3.96
N ALA A 19 -3.75 -0.49 -5.13
CA ALA A 19 -2.53 -0.68 -5.89
C ALA A 19 -2.00 0.67 -6.35
N THR A 20 -2.92 1.61 -6.55
CA THR A 20 -2.58 2.96 -6.93
C THR A 20 -1.99 3.71 -5.74
N LEU A 21 -2.43 3.33 -4.54
CA LEU A 21 -1.89 3.89 -3.32
C LEU A 21 -0.49 3.38 -3.08
N VAL A 22 -0.37 2.09 -2.89
CA VAL A 22 0.92 1.46 -2.56
C VAL A 22 2.00 1.83 -3.58
N ALA A 23 1.64 1.86 -4.86
CA ALA A 23 2.56 2.28 -5.91
C ALA A 23 2.98 3.73 -5.69
N ALA A 24 2.02 4.62 -5.55
CA ALA A 24 2.31 6.03 -5.33
C ALA A 24 3.05 6.23 -4.01
N ALA A 25 2.76 5.35 -3.05
CA ALA A 25 3.39 5.38 -1.75
C ALA A 25 4.88 5.17 -1.88
N THR A 26 5.26 4.02 -2.43
CA THR A 26 6.67 3.64 -2.50
C THR A 26 7.41 4.54 -3.48
N ALA A 27 6.69 5.05 -4.46
CA ALA A 27 7.24 6.02 -5.39
C ALA A 27 7.61 7.31 -4.67
N THR A 28 6.81 7.69 -3.68
CA THR A 28 7.10 8.86 -2.88
C THR A 28 8.34 8.64 -2.02
N VAL A 29 8.51 7.41 -1.57
CA VAL A 29 9.62 7.06 -0.69
C VAL A 29 10.94 7.05 -1.43
N LEU A 30 11.04 6.18 -2.42
CA LEU A 30 12.26 6.04 -3.21
C LEU A 30 12.49 7.25 -4.10
N GLY A 31 13.74 7.66 -4.21
CA GLY A 31 14.09 8.84 -4.98
C GLY A 31 13.99 8.63 -6.48
N HIS A 32 12.77 8.70 -6.99
CA HIS A 32 12.49 8.59 -8.42
C HIS A 32 11.01 8.86 -8.67
N HIS A 33 10.18 8.36 -7.74
CA HIS A 33 8.73 8.49 -7.81
C HIS A 33 8.17 8.17 -9.20
N THR A 34 8.00 6.89 -9.45
CA THR A 34 7.40 6.42 -10.68
C THR A 34 6.55 5.19 -10.41
N PRO A 35 5.24 5.36 -10.25
CA PRO A 35 4.33 4.25 -9.97
C PRO A 35 4.12 3.42 -11.23
N GLU A 36 4.44 4.04 -12.35
CA GLU A 36 4.32 3.44 -13.66
C GLU A 36 5.18 2.18 -13.78
N SER A 37 6.33 2.22 -13.14
CA SER A 37 7.30 1.15 -13.26
C SER A 37 7.24 0.19 -12.07
N ILE A 38 6.26 0.38 -11.20
CA ILE A 38 6.12 -0.48 -10.04
C ILE A 38 5.28 -1.71 -10.39
N SER A 39 5.97 -2.80 -10.71
CA SER A 39 5.32 -4.04 -11.06
C SER A 39 4.88 -4.79 -9.81
N PRO A 40 3.63 -5.27 -9.80
CA PRO A 40 3.03 -5.96 -8.65
C PRO A 40 3.65 -7.32 -8.40
N ALA A 41 4.18 -7.92 -9.45
CA ALA A 41 4.81 -9.23 -9.37
C ALA A 41 6.16 -9.16 -8.67
N THR A 42 6.77 -7.98 -8.70
CA THR A 42 8.07 -7.78 -8.09
C THR A 42 7.91 -7.47 -6.60
N ALA A 43 8.95 -7.74 -5.84
CA ALA A 43 8.93 -7.51 -4.39
C ALA A 43 9.57 -6.17 -4.07
N PHE A 44 9.08 -5.51 -3.02
CA PHE A 44 9.66 -4.24 -2.58
C PHE A 44 11.15 -4.37 -2.37
N LYS A 45 11.56 -5.55 -1.93
CA LYS A 45 12.95 -5.87 -1.75
C LYS A 45 13.74 -5.59 -3.02
N ASP A 46 13.16 -6.00 -4.14
CA ASP A 46 13.75 -5.82 -5.45
C ASP A 46 13.52 -4.40 -5.99
N LEU A 47 12.38 -3.79 -5.61
CA LEU A 47 12.07 -2.44 -6.09
C LEU A 47 13.00 -1.39 -5.49
N GLY A 48 13.59 -1.69 -4.34
CA GLY A 48 14.52 -0.75 -3.74
C GLY A 48 14.18 -0.41 -2.30
N ILE A 49 13.37 -1.25 -1.69
CA ILE A 49 12.98 -1.07 -0.30
C ILE A 49 13.96 -1.76 0.65
N ASP A 50 14.40 -1.03 1.65
CA ASP A 50 15.20 -1.58 2.73
C ASP A 50 14.42 -1.44 4.03
N SER A 51 15.08 -1.61 5.16
CA SER A 51 14.39 -1.40 6.42
C SER A 51 14.11 0.09 6.62
N LEU A 52 14.94 0.91 6.00
CA LEU A 52 14.81 2.35 6.07
C LEU A 52 13.51 2.81 5.43
N THR A 53 13.39 2.51 4.15
CA THR A 53 12.24 2.93 3.38
C THR A 53 11.00 2.12 3.72
N ALA A 54 11.18 0.96 4.35
CA ALA A 54 10.08 0.13 4.78
C ALA A 54 9.17 0.91 5.73
N LEU A 55 9.76 1.64 6.66
CA LEU A 55 8.99 2.38 7.63
C LEU A 55 8.44 3.65 6.99
N GLU A 56 9.22 4.26 6.10
CA GLU A 56 8.80 5.47 5.38
C GLU A 56 7.58 5.18 4.51
N LEU A 57 7.59 4.03 3.87
CA LEU A 57 6.48 3.60 3.04
C LEU A 57 5.24 3.41 3.90
N ARG A 58 5.40 2.61 4.95
CA ARG A 58 4.33 2.39 5.91
C ARG A 58 3.83 3.71 6.48
N ASN A 59 4.75 4.63 6.76
CA ASN A 59 4.41 5.98 7.19
C ASN A 59 3.40 6.61 6.25
N THR A 60 3.70 6.56 4.96
CA THR A 60 2.82 7.10 3.94
C THR A 60 1.50 6.32 3.88
N LEU A 61 1.60 5.00 3.90
CA LEU A 61 0.43 4.13 3.87
C LEU A 61 -0.50 4.41 5.05
N THR A 62 0.09 4.60 6.23
CA THR A 62 -0.68 4.88 7.43
C THR A 62 -1.45 6.19 7.29
N HIS A 63 -0.77 7.20 6.77
CA HIS A 63 -1.36 8.53 6.61
C HIS A 63 -2.45 8.51 5.53
N ASN A 64 -2.34 7.57 4.61
CA ASN A 64 -3.30 7.47 3.51
C ASN A 64 -4.43 6.50 3.83
N THR A 65 -4.34 5.85 4.97
CA THR A 65 -5.39 4.95 5.41
C THR A 65 -6.14 5.51 6.61
N GLY A 66 -5.45 6.33 7.40
CA GLY A 66 -6.10 7.02 8.50
C GLY A 66 -6.19 6.18 9.76
N LEU A 67 -5.96 4.89 9.61
CA LEU A 67 -6.08 3.95 10.71
C LEU A 67 -4.70 3.56 11.22
N ASP A 68 -4.68 2.56 12.09
CA ASP A 68 -3.44 2.14 12.72
C ASP A 68 -3.10 0.71 12.35
N LEU A 69 -1.98 0.54 11.69
CA LEU A 69 -1.53 -0.78 11.27
C LEU A 69 -0.16 -1.07 11.92
N PRO A 70 0.43 -2.27 11.71
CA PRO A 70 1.62 -2.67 12.44
C PRO A 70 2.92 -2.24 11.76
N PRO A 71 3.99 -2.06 12.55
CA PRO A 71 5.32 -1.69 12.04
C PRO A 71 5.92 -2.82 11.21
N THR A 72 5.36 -3.99 11.37
CA THR A 72 5.81 -5.17 10.65
C THR A 72 5.17 -5.23 9.26
N LEU A 73 4.33 -4.23 8.98
CA LEU A 73 3.68 -4.05 7.69
C LEU A 73 4.53 -4.50 6.51
N ILE A 74 5.63 -3.78 6.27
CA ILE A 74 6.48 -4.04 5.12
C ILE A 74 7.40 -5.24 5.39
N PHE A 75 7.60 -5.55 6.65
CA PHE A 75 8.41 -6.69 7.05
C PHE A 75 7.73 -7.99 6.62
N ASP A 76 6.45 -8.09 6.93
CA ASP A 76 5.68 -9.30 6.68
C ASP A 76 5.21 -9.40 5.25
N HIS A 77 4.75 -8.29 4.67
CA HIS A 77 4.14 -8.35 3.34
C HIS A 77 4.78 -7.35 2.39
N PRO A 78 6.08 -7.46 2.06
CA PRO A 78 6.65 -6.54 1.10
C PRO A 78 6.34 -6.97 -0.33
N THR A 79 5.39 -6.26 -0.94
CA THR A 79 5.03 -6.41 -2.34
C THR A 79 3.95 -5.39 -2.67
N PRO A 80 3.89 -4.88 -3.90
CA PRO A 80 2.86 -3.90 -4.27
C PRO A 80 1.46 -4.52 -4.21
N HIS A 81 1.29 -5.63 -4.92
CA HIS A 81 0.00 -6.31 -5.01
C HIS A 81 -0.41 -6.92 -3.67
N ALA A 82 0.56 -7.33 -2.88
CA ALA A 82 0.25 -8.00 -1.62
C ALA A 82 -0.24 -7.02 -0.56
N LEU A 83 0.38 -5.85 -0.49
CA LEU A 83 -0.13 -4.78 0.37
C LEU A 83 -1.53 -4.40 -0.07
N THR A 84 -1.74 -4.44 -1.38
CA THR A 84 -3.04 -4.16 -1.97
C THR A 84 -4.12 -5.04 -1.34
N GLN A 85 -3.75 -6.28 -1.05
CA GLN A 85 -4.68 -7.23 -0.45
C GLN A 85 -4.94 -6.87 1.02
N HIS A 86 -3.89 -6.42 1.70
CA HIS A 86 -4.00 -6.10 3.12
C HIS A 86 -4.82 -4.84 3.33
N LEU A 87 -4.60 -3.84 2.51
CA LEU A 87 -5.37 -2.61 2.61
C LEU A 87 -6.78 -2.82 2.07
N HIS A 88 -6.94 -3.85 1.24
CA HIS A 88 -8.25 -4.25 0.79
C HIS A 88 -9.11 -4.68 1.97
N THR A 89 -8.48 -5.35 2.93
CA THR A 89 -9.13 -5.75 4.15
C THR A 89 -9.56 -4.53 4.96
N ARG A 90 -8.72 -3.51 4.98
CA ARG A 90 -9.01 -2.30 5.75
C ARG A 90 -10.28 -1.62 5.23
N LEU A 91 -10.46 -1.66 3.92
CA LEU A 91 -11.61 -1.05 3.28
C LEU A 91 -12.88 -1.87 3.53
N THR A 92 -12.76 -3.20 3.44
CA THR A 92 -13.90 -4.07 3.63
C THR A 92 -14.27 -4.18 5.11
N GLN A 93 -13.30 -3.89 5.96
CA GLN A 93 -13.53 -3.82 7.40
C GLN A 93 -14.34 -2.59 7.75
N SER A 94 -14.28 -1.59 6.88
CA SER A 94 -15.03 -0.37 7.08
C SER A 94 -16.39 -0.47 6.41
N HIS A 95 -17.45 -0.37 7.19
CA HIS A 95 -18.80 -0.48 6.65
C HIS A 95 -19.51 0.86 6.73
N GLY A 1 -16.33 1.31 11.55
CA GLY A 1 -15.21 0.69 10.78
C GLY A 1 -14.89 1.49 9.54
N SER A 2 -13.79 1.16 8.90
CA SER A 2 -13.33 1.91 7.74
C SER A 2 -14.07 1.50 6.47
N HIS A 3 -14.81 2.44 5.91
CA HIS A 3 -15.45 2.25 4.61
C HIS A 3 -14.85 3.24 3.62
N MET A 4 -13.67 3.73 3.98
CA MET A 4 -12.99 4.80 3.25
C MET A 4 -12.97 4.63 1.74
N ARG A 5 -12.73 3.41 1.30
CA ARG A 5 -12.58 3.15 -0.12
C ARG A 5 -13.80 2.43 -0.69
N LEU A 6 -14.83 2.30 0.13
CA LEU A 6 -16.06 1.62 -0.28
C LEU A 6 -17.03 2.60 -0.91
N ASN A 7 -16.73 3.89 -0.78
CA ASN A 7 -17.54 4.93 -1.35
C ASN A 7 -17.29 5.03 -2.86
N GLY A 8 -18.33 4.76 -3.65
CA GLY A 8 -18.21 4.81 -5.09
C GLY A 8 -17.46 3.61 -5.67
N LEU A 9 -16.51 3.08 -4.93
CA LEU A 9 -15.68 1.99 -5.37
C LEU A 9 -16.25 0.64 -4.98
N SER A 10 -16.43 -0.21 -5.97
CA SER A 10 -16.76 -1.61 -5.73
C SER A 10 -15.51 -2.32 -5.18
N PRO A 11 -15.66 -3.52 -4.59
CA PRO A 11 -14.54 -4.28 -4.03
C PRO A 11 -13.27 -4.26 -4.90
N GLN A 12 -13.42 -4.58 -6.18
CA GLN A 12 -12.28 -4.61 -7.08
C GLN A 12 -11.77 -3.22 -7.44
N GLN A 13 -12.67 -2.24 -7.49
CA GLN A 13 -12.29 -0.86 -7.79
C GLN A 13 -11.35 -0.33 -6.70
N GLN A 14 -11.56 -0.81 -5.48
CA GLN A 14 -10.67 -0.51 -4.38
C GLN A 14 -9.26 -0.98 -4.69
N GLN A 15 -9.13 -2.25 -5.09
CA GLN A 15 -7.83 -2.83 -5.36
C GLN A 15 -6.98 -1.98 -6.30
N GLN A 16 -7.52 -1.60 -7.45
CA GLN A 16 -6.75 -0.79 -8.39
C GLN A 16 -6.32 0.53 -7.75
N THR A 17 -7.21 1.12 -6.97
CA THR A 17 -6.89 2.31 -6.20
C THR A 17 -5.73 2.04 -5.25
N LEU A 18 -5.92 1.08 -4.36
CA LEU A 18 -4.92 0.68 -3.40
C LEU A 18 -3.60 0.31 -4.07
N ALA A 19 -3.68 -0.37 -5.21
CA ALA A 19 -2.50 -0.75 -5.97
C ALA A 19 -1.77 0.47 -6.53
N THR A 20 -2.53 1.54 -6.76
CA THR A 20 -1.95 2.78 -7.25
C THR A 20 -1.45 3.60 -6.06
N LEU A 21 -2.18 3.50 -4.95
CA LEU A 21 -1.76 4.12 -3.70
C LEU A 21 -0.41 3.60 -3.27
N VAL A 22 -0.35 2.30 -3.03
CA VAL A 22 0.87 1.67 -2.57
C VAL A 22 2.03 1.89 -3.55
N ALA A 23 1.72 1.83 -4.84
CA ALA A 23 2.71 2.15 -5.85
C ALA A 23 3.25 3.56 -5.65
N ALA A 24 2.35 4.53 -5.51
CA ALA A 24 2.75 5.90 -5.26
C ALA A 24 3.45 6.02 -3.91
N ALA A 25 3.05 5.17 -2.96
CA ALA A 25 3.65 5.16 -1.64
C ALA A 25 5.11 4.75 -1.69
N THR A 26 5.38 3.62 -2.36
CA THR A 26 6.75 3.12 -2.45
C THR A 26 7.55 3.93 -3.45
N ALA A 27 6.82 4.64 -4.30
CA ALA A 27 7.44 5.63 -5.18
C ALA A 27 7.85 6.87 -4.39
N THR A 28 7.01 7.28 -3.46
CA THR A 28 7.30 8.48 -2.67
C THR A 28 8.53 8.31 -1.79
N VAL A 29 8.73 7.10 -1.27
CA VAL A 29 9.90 6.81 -0.44
C VAL A 29 11.18 6.73 -1.27
N LEU A 30 11.20 5.78 -2.19
CA LEU A 30 12.31 5.60 -3.12
C LEU A 30 12.53 6.83 -3.98
N GLY A 31 13.77 7.32 -3.99
CA GLY A 31 14.12 8.58 -4.65
C GLY A 31 13.66 8.71 -6.10
N HIS A 32 13.59 7.60 -6.83
CA HIS A 32 13.18 7.64 -8.24
C HIS A 32 11.72 8.09 -8.38
N HIS A 33 10.91 7.77 -7.38
CA HIS A 33 9.46 8.04 -7.38
C HIS A 33 8.80 7.77 -8.74
N THR A 34 8.53 6.50 -9.02
CA THR A 34 7.87 6.12 -10.26
C THR A 34 6.93 4.94 -10.04
N PRO A 35 5.62 5.19 -9.90
CA PRO A 35 4.63 4.14 -9.67
C PRO A 35 4.39 3.31 -10.92
N GLU A 36 4.76 3.87 -12.05
CA GLU A 36 4.57 3.26 -13.35
C GLU A 36 5.33 1.95 -13.48
N SER A 37 6.53 1.91 -12.91
CA SER A 37 7.41 0.76 -13.08
C SER A 37 7.35 -0.17 -11.87
N ILE A 38 6.30 -0.04 -11.08
CA ILE A 38 6.13 -0.88 -9.91
C ILE A 38 5.24 -2.07 -10.21
N SER A 39 5.87 -3.14 -10.65
CA SER A 39 5.16 -4.35 -11.03
C SER A 39 4.70 -5.10 -9.78
N PRO A 40 3.40 -5.44 -9.74
CA PRO A 40 2.76 -6.07 -8.57
C PRO A 40 3.34 -7.42 -8.21
N ALA A 41 3.83 -8.14 -9.21
CA ALA A 41 4.40 -9.46 -8.99
C ALA A 41 5.77 -9.38 -8.32
N THR A 42 6.37 -8.20 -8.35
CA THR A 42 7.70 -8.03 -7.78
C THR A 42 7.63 -7.62 -6.32
N ALA A 43 8.70 -7.89 -5.60
CA ALA A 43 8.82 -7.56 -4.19
C ALA A 43 9.49 -6.21 -4.03
N PHE A 44 9.01 -5.42 -3.07
CA PHE A 44 9.56 -4.09 -2.81
C PHE A 44 11.06 -4.14 -2.55
N LYS A 45 11.52 -5.28 -2.05
CA LYS A 45 12.95 -5.52 -1.91
C LYS A 45 13.65 -5.27 -3.24
N ASP A 46 13.23 -6.00 -4.26
CA ASP A 46 13.72 -5.81 -5.62
C ASP A 46 13.52 -4.38 -6.11
N LEU A 47 12.36 -3.79 -5.80
CA LEU A 47 12.05 -2.45 -6.26
C LEU A 47 12.94 -1.39 -5.59
N GLY A 48 13.47 -1.69 -4.40
CA GLY A 48 14.41 -0.78 -3.78
C GLY A 48 14.11 -0.45 -2.32
N ILE A 49 13.02 -0.97 -1.79
CA ILE A 49 12.70 -0.79 -0.38
C ILE A 49 13.79 -1.38 0.52
N ASP A 50 14.36 -0.53 1.36
CA ASP A 50 15.39 -0.95 2.28
C ASP A 50 14.81 -1.06 3.68
N SER A 51 15.67 -1.10 4.67
CA SER A 51 15.24 -1.16 6.06
C SER A 51 14.60 0.16 6.49
N LEU A 52 15.12 1.23 5.92
CA LEU A 52 14.68 2.58 6.26
C LEU A 52 13.33 2.88 5.66
N THR A 53 13.27 2.80 4.34
CA THR A 53 12.08 3.16 3.60
C THR A 53 10.93 2.20 3.84
N ALA A 54 11.21 1.08 4.49
CA ALA A 54 10.17 0.13 4.86
C ALA A 54 9.20 0.78 5.84
N LEU A 55 9.70 1.56 6.77
CA LEU A 55 8.85 2.20 7.75
C LEU A 55 8.24 3.48 7.18
N GLU A 56 9.02 4.21 6.38
CA GLU A 56 8.55 5.44 5.74
C GLU A 56 7.39 5.17 4.80
N LEU A 57 7.49 4.07 4.05
CA LEU A 57 6.42 3.66 3.15
C LEU A 57 5.14 3.46 3.94
N ARG A 58 5.24 2.61 4.95
CA ARG A 58 4.13 2.33 5.85
C ARG A 58 3.58 3.62 6.46
N ASN A 59 4.48 4.51 6.85
CA ASN A 59 4.11 5.83 7.37
C ASN A 59 3.15 6.54 6.40
N THR A 60 3.43 6.42 5.12
CA THR A 60 2.59 7.02 4.10
C THR A 60 1.27 6.24 3.96
N LEU A 61 1.38 4.91 3.92
CA LEU A 61 0.21 4.04 3.82
C LEU A 61 -0.75 4.23 4.99
N THR A 62 -0.21 4.29 6.20
CA THR A 62 -1.01 4.46 7.40
C THR A 62 -1.80 5.76 7.33
N HIS A 63 -1.16 6.80 6.82
CA HIS A 63 -1.77 8.11 6.69
C HIS A 63 -2.82 8.12 5.58
N ASN A 64 -2.63 7.28 4.58
CA ASN A 64 -3.51 7.23 3.43
C ASN A 64 -4.68 6.28 3.65
N THR A 65 -4.58 5.50 4.72
CA THR A 65 -5.65 4.58 5.08
C THR A 65 -6.42 5.09 6.30
N GLY A 66 -5.70 5.64 7.26
CA GLY A 66 -6.34 6.25 8.41
C GLY A 66 -6.54 5.28 9.56
N LEU A 67 -6.42 3.99 9.27
CA LEU A 67 -6.57 2.96 10.28
C LEU A 67 -5.23 2.61 10.90
N ASP A 68 -5.22 1.60 11.73
CA ASP A 68 -4.01 1.24 12.46
C ASP A 68 -3.52 -0.14 12.06
N LEU A 69 -2.31 -0.19 11.54
CA LEU A 69 -1.68 -1.42 11.11
C LEU A 69 -0.34 -1.59 11.85
N PRO A 70 0.40 -2.70 11.65
CA PRO A 70 1.58 -3.01 12.44
C PRO A 70 2.86 -2.43 11.84
N PRO A 71 3.89 -2.21 12.69
CA PRO A 71 5.19 -1.73 12.24
C PRO A 71 5.91 -2.76 11.37
N THR A 72 5.37 -3.97 11.33
CA THR A 72 5.94 -5.05 10.55
C THR A 72 5.28 -5.11 9.17
N LEU A 73 4.39 -4.15 8.93
CA LEU A 73 3.69 -3.99 7.65
C LEU A 73 4.58 -4.33 6.43
N ILE A 74 5.56 -3.48 6.15
CA ILE A 74 6.42 -3.66 4.99
C ILE A 74 7.46 -4.74 5.24
N PHE A 75 7.71 -5.00 6.52
CA PHE A 75 8.66 -6.01 6.92
C PHE A 75 8.17 -7.40 6.55
N ASP A 76 6.85 -7.58 6.61
CA ASP A 76 6.24 -8.86 6.34
C ASP A 76 5.79 -8.97 4.89
N HIS A 77 5.13 -7.92 4.39
CA HIS A 77 4.51 -7.99 3.07
C HIS A 77 5.07 -6.92 2.14
N PRO A 78 6.36 -6.93 1.77
CA PRO A 78 6.83 -5.96 0.82
C PRO A 78 6.48 -6.39 -0.60
N THR A 79 5.48 -5.74 -1.15
CA THR A 79 4.92 -6.07 -2.45
C THR A 79 3.83 -5.07 -2.80
N PRO A 80 3.67 -4.68 -4.06
CA PRO A 80 2.62 -3.73 -4.45
C PRO A 80 1.22 -4.31 -4.26
N HIS A 81 0.93 -5.41 -4.95
CA HIS A 81 -0.41 -5.98 -4.94
C HIS A 81 -0.75 -6.63 -3.60
N ALA A 82 0.26 -7.19 -2.95
CA ALA A 82 0.03 -7.86 -1.68
C ALA A 82 -0.36 -6.88 -0.59
N LEU A 83 0.27 -5.70 -0.58
CA LEU A 83 -0.17 -4.64 0.31
C LEU A 83 -1.59 -4.23 -0.03
N THR A 84 -1.89 -4.19 -1.33
CA THR A 84 -3.23 -3.90 -1.82
C THR A 84 -4.24 -4.83 -1.17
N GLN A 85 -3.98 -6.11 -1.26
CA GLN A 85 -4.86 -7.12 -0.69
C GLN A 85 -5.00 -6.92 0.81
N HIS A 86 -3.90 -6.60 1.47
CA HIS A 86 -3.89 -6.44 2.92
C HIS A 86 -4.79 -5.29 3.34
N LEU A 87 -4.55 -4.11 2.77
CA LEU A 87 -5.34 -2.94 3.10
C LEU A 87 -6.75 -3.06 2.54
N HIS A 88 -6.92 -3.91 1.53
CA HIS A 88 -8.25 -4.19 0.99
C HIS A 88 -9.02 -5.07 1.97
N THR A 89 -8.30 -5.97 2.64
CA THR A 89 -8.89 -6.86 3.62
C THR A 89 -9.34 -6.06 4.84
N ARG A 90 -8.65 -4.96 5.12
CA ARG A 90 -9.01 -4.08 6.23
C ARG A 90 -10.46 -3.64 6.14
N LEU A 91 -10.86 -3.29 4.93
CA LEU A 91 -12.18 -2.75 4.67
C LEU A 91 -13.21 -3.84 4.49
N THR A 92 -12.79 -4.94 3.88
CA THR A 92 -13.69 -6.05 3.63
C THR A 92 -13.99 -6.81 4.93
N GLN A 93 -13.16 -6.58 5.93
CA GLN A 93 -13.37 -7.11 7.27
C GLN A 93 -14.64 -6.55 7.88
N SER A 94 -14.81 -5.25 7.79
CA SER A 94 -16.00 -4.58 8.32
C SER A 94 -17.20 -4.77 7.40
N HIS A 95 -18.09 -5.65 7.79
CA HIS A 95 -19.27 -5.95 6.98
C HIS A 95 -20.46 -5.12 7.44
N GLY A 1 -14.11 6.73 8.79
CA GLY A 1 -13.04 7.04 7.82
C GLY A 1 -12.85 5.92 6.82
N SER A 2 -11.84 6.05 5.97
CA SER A 2 -11.56 5.08 4.93
C SER A 2 -12.76 4.95 3.99
N HIS A 3 -12.95 5.98 3.18
CA HIS A 3 -14.11 6.11 2.30
C HIS A 3 -14.15 5.08 1.18
N MET A 4 -13.32 4.06 1.28
CA MET A 4 -13.14 3.11 0.18
C MET A 4 -14.42 2.34 -0.07
N ARG A 5 -14.80 1.57 0.93
CA ARG A 5 -15.93 0.67 0.81
C ARG A 5 -17.26 1.45 0.87
N LEU A 6 -17.17 2.73 1.16
CA LEU A 6 -18.36 3.54 1.36
C LEU A 6 -18.66 4.40 0.14
N ASN A 7 -17.69 5.17 -0.31
CA ASN A 7 -17.89 6.07 -1.44
C ASN A 7 -17.48 5.43 -2.76
N GLY A 8 -18.46 5.24 -3.64
CA GLY A 8 -18.21 4.92 -5.04
C GLY A 8 -17.58 3.56 -5.34
N LEU A 9 -16.75 3.04 -4.46
CA LEU A 9 -16.03 1.81 -4.74
C LEU A 9 -16.71 0.59 -4.15
N SER A 10 -16.70 -0.48 -4.92
CA SER A 10 -17.08 -1.80 -4.43
C SER A 10 -15.79 -2.56 -4.10
N PRO A 11 -15.88 -3.71 -3.39
CA PRO A 11 -14.71 -4.53 -3.07
C PRO A 11 -13.68 -4.63 -4.19
N GLN A 12 -14.11 -4.94 -5.39
CA GLN A 12 -13.21 -5.09 -6.53
C GLN A 12 -12.59 -3.75 -6.93
N GLN A 13 -13.38 -2.69 -6.88
CA GLN A 13 -12.95 -1.38 -7.35
C GLN A 13 -11.90 -0.77 -6.42
N GLN A 14 -11.97 -1.12 -5.14
CA GLN A 14 -11.02 -0.64 -4.16
C GLN A 14 -9.58 -1.02 -4.54
N GLN A 15 -9.40 -2.25 -5.01
CA GLN A 15 -8.07 -2.77 -5.29
C GLN A 15 -7.25 -1.89 -6.23
N GLN A 16 -7.85 -1.37 -7.29
CA GLN A 16 -7.10 -0.53 -8.23
C GLN A 16 -6.59 0.73 -7.51
N THR A 17 -7.43 1.31 -6.68
CA THR A 17 -7.04 2.45 -5.85
C THR A 17 -5.86 2.08 -4.96
N LEU A 18 -6.07 1.08 -4.12
CA LEU A 18 -5.06 0.60 -3.19
C LEU A 18 -3.76 0.23 -3.90
N ALA A 19 -3.87 -0.57 -4.97
CA ALA A 19 -2.70 -1.03 -5.71
C ALA A 19 -1.88 0.12 -6.26
N THR A 20 -2.55 1.24 -6.48
CA THR A 20 -1.91 2.42 -7.04
C THR A 20 -1.38 3.29 -5.91
N LEU A 21 -2.10 3.30 -4.80
CA LEU A 21 -1.66 3.98 -3.59
C LEU A 21 -0.31 3.43 -3.15
N VAL A 22 -0.30 2.13 -2.90
CA VAL A 22 0.93 1.40 -2.58
C VAL A 22 2.06 1.78 -3.52
N ALA A 23 1.75 1.66 -4.79
CA ALA A 23 2.68 1.92 -5.85
C ALA A 23 3.21 3.35 -5.80
N ALA A 24 2.32 4.31 -5.60
CA ALA A 24 2.72 5.70 -5.49
C ALA A 24 3.47 5.95 -4.18
N ALA A 25 3.09 5.21 -3.16
CA ALA A 25 3.73 5.31 -1.85
C ALA A 25 5.20 4.92 -1.95
N THR A 26 5.46 3.72 -2.45
CA THR A 26 6.83 3.21 -2.55
C THR A 26 7.63 4.06 -3.52
N ALA A 27 6.93 4.61 -4.50
CA ALA A 27 7.54 5.47 -5.48
C ALA A 27 7.88 6.82 -4.90
N THR A 28 7.24 7.16 -3.79
CA THR A 28 7.53 8.40 -3.08
C THR A 28 8.69 8.20 -2.08
N VAL A 29 8.71 7.05 -1.41
CA VAL A 29 9.75 6.77 -0.42
C VAL A 29 11.08 6.54 -1.15
N LEU A 30 10.99 5.87 -2.28
CA LEU A 30 12.13 5.67 -3.15
C LEU A 30 12.20 6.79 -4.20
N GLY A 31 13.26 6.78 -5.00
CA GLY A 31 13.46 7.84 -5.97
C GLY A 31 13.06 7.43 -7.37
N HIS A 32 11.78 7.09 -7.54
CA HIS A 32 11.25 6.70 -8.85
C HIS A 32 9.74 6.85 -8.84
N HIS A 33 9.26 8.05 -8.53
CA HIS A 33 7.84 8.26 -8.35
C HIS A 33 7.07 8.28 -9.66
N THR A 34 6.92 7.10 -10.22
CA THR A 34 6.00 6.83 -11.30
C THR A 34 5.30 5.51 -11.02
N PRO A 35 4.11 5.56 -10.40
CA PRO A 35 3.39 4.37 -9.94
C PRO A 35 3.01 3.43 -11.08
N GLU A 36 3.05 3.98 -12.28
CA GLU A 36 2.81 3.23 -13.49
C GLU A 36 3.86 2.13 -13.67
N SER A 37 5.09 2.43 -13.29
CA SER A 37 6.20 1.52 -13.51
C SER A 37 6.46 0.66 -12.26
N ILE A 38 5.51 0.65 -11.34
CA ILE A 38 5.60 -0.22 -10.17
C ILE A 38 4.99 -1.58 -10.50
N SER A 39 5.83 -2.58 -10.69
CA SER A 39 5.35 -3.91 -10.99
C SER A 39 4.82 -4.60 -9.73
N PRO A 40 3.57 -5.08 -9.80
CA PRO A 40 2.85 -5.65 -8.65
C PRO A 40 3.45 -6.96 -8.14
N ALA A 41 4.04 -7.72 -9.05
CA ALA A 41 4.58 -9.03 -8.69
C ALA A 41 6.00 -8.94 -8.15
N THR A 42 6.59 -7.75 -8.24
CA THR A 42 7.96 -7.57 -7.79
C THR A 42 8.01 -7.30 -6.30
N ALA A 43 9.13 -7.66 -5.70
CA ALA A 43 9.33 -7.51 -4.27
C ALA A 43 9.94 -6.15 -3.97
N PHE A 44 9.45 -5.52 -2.90
CA PHE A 44 9.94 -4.19 -2.51
C PHE A 44 11.45 -4.17 -2.35
N LYS A 45 12.02 -5.33 -2.03
CA LYS A 45 13.46 -5.52 -2.05
C LYS A 45 14.04 -5.01 -3.36
N ASP A 46 13.58 -5.62 -4.44
CA ASP A 46 14.04 -5.30 -5.79
C ASP A 46 13.77 -3.84 -6.15
N LEU A 47 12.62 -3.31 -5.73
CA LEU A 47 12.28 -1.93 -6.05
C LEU A 47 13.22 -0.94 -5.35
N GLY A 48 13.86 -1.37 -4.27
CA GLY A 48 14.84 -0.53 -3.62
C GLY A 48 14.55 -0.31 -2.15
N ILE A 49 13.48 -0.90 -1.66
CA ILE A 49 13.06 -0.75 -0.28
C ILE A 49 14.04 -1.41 0.69
N ASP A 50 14.56 -0.59 1.60
CA ASP A 50 15.44 -1.08 2.66
C ASP A 50 14.67 -1.11 3.97
N SER A 51 15.37 -1.21 5.08
CA SER A 51 14.72 -1.16 6.37
C SER A 51 14.32 0.28 6.70
N LEU A 52 14.92 1.21 5.99
CA LEU A 52 14.70 2.63 6.23
C LEU A 52 13.44 3.09 5.54
N THR A 53 13.30 2.71 4.29
CA THR A 53 12.15 3.10 3.51
C THR A 53 10.97 2.16 3.71
N ALA A 54 11.24 1.01 4.31
CA ALA A 54 10.17 0.08 4.68
C ALA A 54 9.20 0.73 5.66
N LEU A 55 9.75 1.53 6.57
CA LEU A 55 8.91 2.23 7.53
C LEU A 55 8.24 3.43 6.87
N GLU A 56 9.00 4.19 6.08
CA GLU A 56 8.49 5.37 5.39
C GLU A 56 7.30 5.05 4.51
N LEU A 57 7.39 3.94 3.78
CA LEU A 57 6.30 3.50 2.94
C LEU A 57 5.01 3.32 3.74
N ARG A 58 5.08 2.51 4.77
CA ARG A 58 3.89 2.23 5.58
C ARG A 58 3.48 3.49 6.35
N ASN A 59 4.44 4.37 6.64
CA ASN A 59 4.15 5.67 7.24
C ASN A 59 3.20 6.43 6.33
N THR A 60 3.54 6.45 5.04
CA THR A 60 2.72 7.10 4.05
C THR A 60 1.36 6.41 3.97
N LEU A 61 1.37 5.09 3.81
CA LEU A 61 0.15 4.29 3.71
C LEU A 61 -0.75 4.50 4.92
N THR A 62 -0.15 4.64 6.10
CA THR A 62 -0.88 4.93 7.32
C THR A 62 -1.71 6.21 7.15
N HIS A 63 -1.06 7.26 6.67
CA HIS A 63 -1.68 8.57 6.57
C HIS A 63 -2.59 8.66 5.35
N ASN A 64 -2.30 7.85 4.33
CA ASN A 64 -3.10 7.84 3.11
C ASN A 64 -4.48 7.26 3.38
N THR A 65 -4.53 6.31 4.31
CA THR A 65 -5.78 5.65 4.64
C THR A 65 -6.45 6.30 5.85
N GLY A 66 -5.64 6.65 6.83
CA GLY A 66 -6.17 7.30 8.02
C GLY A 66 -6.27 6.36 9.19
N LEU A 67 -5.98 5.09 8.97
CA LEU A 67 -6.06 4.08 10.01
C LEU A 67 -4.67 3.77 10.55
N ASP A 68 -4.60 2.77 11.42
CA ASP A 68 -3.36 2.41 12.09
C ASP A 68 -2.88 1.06 11.60
N LEU A 69 -1.57 0.94 11.41
CA LEU A 69 -0.98 -0.31 10.94
C LEU A 69 0.36 -0.57 11.63
N PRO A 70 0.91 -1.80 11.50
CA PRO A 70 2.04 -2.27 12.30
C PRO A 70 3.39 -2.01 11.64
N PRO A 71 4.47 -2.03 12.44
CA PRO A 71 5.84 -1.87 11.95
C PRO A 71 6.29 -3.01 11.04
N THR A 72 5.49 -4.06 10.97
CA THR A 72 5.82 -5.23 10.17
C THR A 72 5.05 -5.21 8.86
N LEU A 73 4.28 -4.16 8.66
CA LEU A 73 3.53 -3.92 7.43
C LEU A 73 4.32 -4.36 6.18
N ILE A 74 5.41 -3.67 5.91
CA ILE A 74 6.21 -3.93 4.72
C ILE A 74 7.07 -5.18 4.91
N PHE A 75 7.32 -5.53 6.16
CA PHE A 75 8.17 -6.65 6.50
C PHE A 75 7.47 -7.97 6.21
N ASP A 76 6.18 -8.03 6.53
CA ASP A 76 5.42 -9.27 6.41
C ASP A 76 4.85 -9.43 5.01
N HIS A 77 4.39 -8.33 4.43
CA HIS A 77 3.69 -8.38 3.15
C HIS A 77 4.35 -7.49 2.11
N PRO A 78 5.64 -7.66 1.77
CA PRO A 78 6.23 -6.78 0.80
C PRO A 78 5.88 -7.18 -0.62
N THR A 79 4.96 -6.42 -1.20
CA THR A 79 4.60 -6.51 -2.61
C THR A 79 3.56 -5.43 -2.90
N PRO A 80 3.58 -4.77 -4.06
CA PRO A 80 2.61 -3.73 -4.38
C PRO A 80 1.17 -4.27 -4.37
N HIS A 81 0.97 -5.41 -5.01
CA HIS A 81 -0.35 -6.02 -5.11
C HIS A 81 -0.79 -6.68 -3.81
N ALA A 82 0.17 -7.19 -3.04
CA ALA A 82 -0.16 -7.91 -1.82
C ALA A 82 -0.62 -6.96 -0.73
N LEU A 83 0.01 -5.79 -0.64
CA LEU A 83 -0.44 -4.76 0.28
C LEU A 83 -1.82 -4.29 -0.09
N THR A 84 -2.15 -4.38 -1.38
CA THR A 84 -3.48 -4.09 -1.87
C THR A 84 -4.51 -4.98 -1.17
N GLN A 85 -4.10 -6.20 -0.92
CA GLN A 85 -4.98 -7.19 -0.32
C GLN A 85 -5.12 -6.94 1.19
N HIS A 86 -3.99 -6.70 1.83
CA HIS A 86 -3.97 -6.42 3.26
C HIS A 86 -4.75 -5.16 3.57
N LEU A 87 -4.40 -4.09 2.89
CA LEU A 87 -5.07 -2.82 3.10
C LEU A 87 -6.51 -2.86 2.59
N HIS A 88 -6.80 -3.77 1.67
CA HIS A 88 -8.19 -3.97 1.25
C HIS A 88 -8.99 -4.50 2.43
N THR A 89 -8.36 -5.36 3.22
CA THR A 89 -8.98 -5.88 4.42
C THR A 89 -9.16 -4.75 5.43
N ARG A 90 -8.15 -3.89 5.53
CA ARG A 90 -8.18 -2.76 6.44
C ARG A 90 -9.30 -1.79 6.07
N LEU A 91 -9.44 -1.54 4.78
CA LEU A 91 -10.33 -0.53 4.25
C LEU A 91 -11.71 -1.10 3.90
N THR A 92 -11.93 -2.37 4.21
CA THR A 92 -13.25 -2.96 4.13
C THR A 92 -13.80 -3.14 5.52
N GLN A 93 -12.88 -3.17 6.48
CA GLN A 93 -13.20 -3.30 7.89
C GLN A 93 -13.61 -1.95 8.48
N SER A 94 -13.45 -0.91 7.68
CA SER A 94 -13.79 0.42 8.10
C SER A 94 -15.26 0.73 7.82
N HIS A 95 -16.04 0.86 8.88
CA HIS A 95 -17.46 1.20 8.76
C HIS A 95 -17.83 2.22 9.83
N GLY A 1 -7.10 8.61 1.17
CA GLY A 1 -7.21 7.79 -0.07
C GLY A 1 -7.78 6.41 0.20
N SER A 2 -8.96 6.37 0.81
CA SER A 2 -9.59 5.10 1.13
C SER A 2 -11.07 5.13 0.75
N HIS A 3 -11.56 4.03 0.20
CA HIS A 3 -12.95 3.94 -0.24
C HIS A 3 -13.80 3.21 0.80
N MET A 4 -13.33 3.22 2.05
CA MET A 4 -14.00 2.53 3.16
C MET A 4 -15.50 2.84 3.20
N ARG A 5 -15.80 4.12 3.10
CA ARG A 5 -17.18 4.59 3.22
C ARG A 5 -18.02 4.19 2.01
N LEU A 6 -17.34 3.73 0.96
CA LEU A 6 -18.01 3.32 -0.26
C LEU A 6 -18.23 1.81 -0.27
N ASN A 7 -18.28 1.23 0.92
CA ASN A 7 -18.52 -0.21 1.10
C ASN A 7 -19.73 -0.66 0.27
N GLY A 8 -19.63 -1.87 -0.26
CA GLY A 8 -20.57 -2.31 -1.28
C GLY A 8 -19.91 -2.24 -2.64
N LEU A 9 -18.67 -1.76 -2.60
CA LEU A 9 -17.81 -1.67 -3.77
C LEU A 9 -17.47 -3.06 -4.31
N SER A 10 -17.12 -3.11 -5.57
CA SER A 10 -16.69 -4.35 -6.20
C SER A 10 -15.18 -4.48 -6.03
N PRO A 11 -14.69 -5.68 -5.68
CA PRO A 11 -13.30 -5.92 -5.22
C PRO A 11 -12.23 -5.06 -5.92
N GLN A 12 -12.29 -4.98 -7.24
CA GLN A 12 -11.27 -4.27 -8.00
C GLN A 12 -11.37 -2.75 -7.83
N GLN A 13 -12.55 -2.26 -7.47
CA GLN A 13 -12.78 -0.82 -7.32
C GLN A 13 -11.84 -0.21 -6.28
N GLN A 14 -11.67 -0.90 -5.16
CA GLN A 14 -10.73 -0.45 -4.15
C GLN A 14 -9.31 -0.81 -4.56
N GLN A 15 -9.12 -2.04 -5.03
CA GLN A 15 -7.79 -2.52 -5.36
C GLN A 15 -7.06 -1.61 -6.35
N GLN A 16 -7.78 -1.03 -7.29
CA GLN A 16 -7.14 -0.09 -8.23
C GLN A 16 -6.60 1.12 -7.47
N THR A 17 -7.39 1.63 -6.53
CA THR A 17 -6.97 2.71 -5.65
C THR A 17 -5.76 2.28 -4.82
N LEU A 18 -5.95 1.20 -4.07
CA LEU A 18 -4.96 0.68 -3.15
C LEU A 18 -3.66 0.30 -3.88
N ALA A 19 -3.79 -0.27 -5.08
CA ALA A 19 -2.63 -0.63 -5.89
C ALA A 19 -1.90 0.63 -6.33
N THR A 20 -2.64 1.72 -6.48
CA THR A 20 -2.03 2.99 -6.85
C THR A 20 -1.45 3.65 -5.61
N LEU A 21 -2.11 3.46 -4.47
CA LEU A 21 -1.62 3.96 -3.20
C LEU A 21 -0.27 3.37 -2.87
N VAL A 22 -0.23 2.06 -2.70
CA VAL A 22 1.00 1.36 -2.35
C VAL A 22 2.11 1.69 -3.36
N ALA A 23 1.76 1.73 -4.64
CA ALA A 23 2.70 2.13 -5.67
C ALA A 23 3.18 3.57 -5.46
N ALA A 24 2.26 4.51 -5.40
CA ALA A 24 2.62 5.92 -5.24
C ALA A 24 3.33 6.14 -3.90
N ALA A 25 3.01 5.29 -2.93
CA ALA A 25 3.66 5.34 -1.64
C ALA A 25 5.14 5.05 -1.78
N THR A 26 5.46 3.88 -2.34
CA THR A 26 6.85 3.46 -2.48
C THR A 26 7.56 4.30 -3.52
N ALA A 27 6.78 4.85 -4.44
CA ALA A 27 7.28 5.77 -5.43
C ALA A 27 7.74 7.06 -4.77
N THR A 28 7.19 7.38 -3.61
CA THR A 28 7.60 8.55 -2.88
C THR A 28 8.81 8.24 -1.99
N VAL A 29 8.84 7.03 -1.42
CA VAL A 29 9.92 6.64 -0.53
C VAL A 29 11.20 6.42 -1.34
N LEU A 30 11.04 5.80 -2.51
CA LEU A 30 12.15 5.58 -3.43
C LEU A 30 12.29 6.74 -4.41
N GLY A 31 13.48 7.30 -4.50
CA GLY A 31 13.72 8.44 -5.35
C GLY A 31 13.66 8.10 -6.83
N HIS A 32 12.46 8.21 -7.39
CA HIS A 32 12.21 8.02 -8.82
C HIS A 32 10.75 8.34 -9.12
N HIS A 33 9.90 7.91 -8.20
CA HIS A 33 8.46 8.19 -8.20
C HIS A 33 7.81 7.99 -9.57
N THR A 34 7.44 6.76 -9.86
CA THR A 34 6.56 6.45 -10.98
C THR A 34 5.81 5.17 -10.67
N PRO A 35 4.58 5.28 -10.18
CA PRO A 35 3.77 4.13 -9.75
C PRO A 35 3.44 3.22 -10.93
N GLU A 36 3.54 3.79 -12.12
CA GLU A 36 3.27 3.10 -13.35
C GLU A 36 4.27 1.97 -13.58
N SER A 37 5.52 2.21 -13.22
CA SER A 37 6.59 1.26 -13.49
C SER A 37 6.80 0.33 -12.29
N ILE A 38 5.88 0.39 -11.34
CA ILE A 38 5.94 -0.48 -10.18
C ILE A 38 5.15 -1.76 -10.44
N SER A 39 5.87 -2.84 -10.70
CA SER A 39 5.24 -4.12 -10.98
C SER A 39 4.73 -4.75 -9.70
N PRO A 40 3.46 -5.20 -9.71
CA PRO A 40 2.78 -5.74 -8.54
C PRO A 40 3.36 -7.06 -8.06
N ALA A 41 3.94 -7.81 -8.99
CA ALA A 41 4.50 -9.13 -8.68
C ALA A 41 5.94 -9.04 -8.16
N THR A 42 6.53 -7.86 -8.23
CA THR A 42 7.90 -7.68 -7.78
C THR A 42 7.96 -7.45 -6.28
N ALA A 43 9.07 -7.84 -5.68
CA ALA A 43 9.30 -7.67 -4.26
C ALA A 43 9.90 -6.31 -4.01
N PHE A 44 9.42 -5.64 -2.96
CA PHE A 44 9.89 -4.30 -2.62
C PHE A 44 11.41 -4.24 -2.47
N LYS A 45 11.99 -5.35 -2.07
CA LYS A 45 13.44 -5.47 -1.99
C LYS A 45 14.07 -5.09 -3.33
N ASP A 46 13.53 -5.68 -4.39
CA ASP A 46 14.03 -5.46 -5.74
C ASP A 46 13.80 -4.02 -6.20
N LEU A 47 12.68 -3.42 -5.76
CA LEU A 47 12.36 -2.06 -6.16
C LEU A 47 13.31 -1.06 -5.51
N GLY A 48 13.92 -1.44 -4.39
CA GLY A 48 14.86 -0.55 -3.73
C GLY A 48 14.53 -0.30 -2.28
N ILE A 49 13.53 -1.01 -1.80
CA ILE A 49 13.09 -0.87 -0.42
C ILE A 49 14.06 -1.52 0.55
N ASP A 50 14.46 -0.77 1.56
CA ASP A 50 15.23 -1.29 2.67
C ASP A 50 14.35 -1.23 3.92
N SER A 51 14.94 -1.35 5.09
CA SER A 51 14.16 -1.29 6.31
C SER A 51 13.68 0.14 6.57
N LEU A 52 14.56 1.09 6.31
CA LEU A 52 14.28 2.49 6.47
C LEU A 52 13.14 2.95 5.56
N THR A 53 13.27 2.68 4.27
CA THR A 53 12.24 3.04 3.32
C THR A 53 10.95 2.23 3.53
N ALA A 54 11.07 1.13 4.26
CA ALA A 54 9.91 0.33 4.60
C ALA A 54 9.00 1.08 5.57
N LEU A 55 9.59 1.90 6.45
CA LEU A 55 8.79 2.69 7.36
C LEU A 55 8.25 3.92 6.65
N GLU A 56 9.03 4.45 5.71
CA GLU A 56 8.59 5.56 4.87
C GLU A 56 7.34 5.19 4.10
N LEU A 57 7.31 3.96 3.60
CA LEU A 57 6.15 3.44 2.89
C LEU A 57 4.95 3.36 3.83
N ARG A 58 5.14 2.72 4.98
CA ARG A 58 4.10 2.62 5.99
C ARG A 58 3.65 4.01 6.45
N ASN A 59 4.59 4.95 6.46
CA ASN A 59 4.29 6.34 6.80
C ASN A 59 3.16 6.89 5.91
N THR A 60 3.22 6.56 4.64
CA THR A 60 2.20 7.00 3.69
C THR A 60 0.97 6.12 3.78
N LEU A 61 1.17 4.81 3.77
CA LEU A 61 0.06 3.84 3.78
C LEU A 61 -0.88 4.10 4.96
N THR A 62 -0.28 4.25 6.15
CA THR A 62 -1.03 4.45 7.37
C THR A 62 -1.85 5.75 7.30
N HIS A 63 -1.18 6.83 6.92
CA HIS A 63 -1.79 8.15 6.87
C HIS A 63 -2.84 8.25 5.77
N ASN A 64 -2.62 7.52 4.68
CA ASN A 64 -3.50 7.59 3.52
C ASN A 64 -4.83 6.93 3.80
N THR A 65 -4.83 5.96 4.69
CA THR A 65 -6.05 5.25 5.04
C THR A 65 -6.65 5.76 6.34
N GLY A 66 -5.79 6.12 7.29
CA GLY A 66 -6.25 6.53 8.60
C GLY A 66 -6.29 5.36 9.56
N LEU A 67 -5.68 4.26 9.12
CA LEU A 67 -5.64 3.02 9.88
C LEU A 67 -4.37 2.93 10.70
N ASP A 68 -4.15 1.73 11.23
CA ASP A 68 -2.96 1.44 12.00
C ASP A 68 -2.19 0.31 11.35
N LEU A 69 -0.95 0.59 10.98
CA LEU A 69 -0.14 -0.37 10.24
C LEU A 69 1.03 -0.86 11.09
N PRO A 70 1.26 -2.18 11.12
CA PRO A 70 2.37 -2.78 11.85
C PRO A 70 3.71 -2.51 11.16
N PRO A 71 4.78 -2.32 11.95
CA PRO A 71 6.12 -2.05 11.42
C PRO A 71 6.67 -3.25 10.65
N THR A 72 6.03 -4.38 10.81
CA THR A 72 6.44 -5.61 10.16
C THR A 72 5.68 -5.83 8.86
N LEU A 73 4.87 -4.85 8.48
CA LEU A 73 4.14 -4.87 7.20
C LEU A 73 5.04 -5.31 6.05
N ILE A 74 6.11 -4.56 5.84
CA ILE A 74 7.02 -4.78 4.72
C ILE A 74 7.95 -5.95 5.02
N PHE A 75 7.79 -6.53 6.20
CA PHE A 75 8.53 -7.70 6.60
C PHE A 75 7.73 -8.95 6.20
N ASP A 76 6.43 -8.89 6.43
CA ASP A 76 5.54 -10.03 6.21
C ASP A 76 5.06 -10.08 4.76
N HIS A 77 4.53 -8.96 4.26
CA HIS A 77 4.02 -8.94 2.89
C HIS A 77 4.65 -7.82 2.08
N PRO A 78 5.97 -7.83 1.81
CA PRO A 78 6.53 -6.77 1.00
C PRO A 78 6.26 -7.05 -0.47
N THR A 79 5.30 -6.31 -1.02
CA THR A 79 4.90 -6.42 -2.41
C THR A 79 3.82 -5.38 -2.68
N PRO A 80 3.78 -4.77 -3.87
CA PRO A 80 2.76 -3.77 -4.19
C PRO A 80 1.34 -4.31 -4.04
N HIS A 81 1.03 -5.36 -4.80
CA HIS A 81 -0.33 -5.90 -4.84
C HIS A 81 -0.70 -6.61 -3.54
N ALA A 82 0.25 -7.28 -2.93
CA ALA A 82 -0.03 -8.03 -1.71
C ALA A 82 -0.37 -7.10 -0.54
N LEU A 83 0.23 -5.91 -0.51
CA LEU A 83 -0.16 -4.89 0.44
C LEU A 83 -1.57 -4.40 0.12
N THR A 84 -1.87 -4.31 -1.17
CA THR A 84 -3.21 -3.95 -1.64
C THR A 84 -4.26 -4.85 -1.01
N GLN A 85 -3.94 -6.13 -0.97
CA GLN A 85 -4.84 -7.13 -0.39
C GLN A 85 -5.08 -6.83 1.08
N HIS A 86 -4.01 -6.52 1.80
CA HIS A 86 -4.10 -6.22 3.22
C HIS A 86 -5.04 -5.06 3.48
N LEU A 87 -4.77 -3.94 2.84
CA LEU A 87 -5.59 -2.76 3.02
C LEU A 87 -6.97 -2.95 2.42
N HIS A 88 -7.09 -3.84 1.44
CA HIS A 88 -8.38 -4.15 0.85
C HIS A 88 -9.29 -4.82 1.88
N THR A 89 -8.68 -5.61 2.76
CA THR A 89 -9.38 -6.22 3.86
C THR A 89 -9.69 -5.15 4.92
N ARG A 90 -8.72 -4.29 5.17
CA ARG A 90 -8.87 -3.21 6.13
C ARG A 90 -9.94 -2.20 5.72
N LEU A 91 -10.25 -2.16 4.44
CA LEU A 91 -11.20 -1.18 3.93
C LEU A 91 -12.59 -1.77 3.73
N THR A 92 -12.69 -3.09 3.78
CA THR A 92 -13.97 -3.76 3.64
C THR A 92 -14.39 -4.42 4.95
N GLN A 93 -13.47 -5.20 5.51
CA GLN A 93 -13.72 -6.01 6.68
C GLN A 93 -13.75 -5.16 7.95
N SER A 94 -13.15 -3.98 7.90
CA SER A 94 -13.19 -3.06 9.02
C SER A 94 -14.57 -2.44 9.13
N HIS A 95 -15.29 -2.81 10.19
CA HIS A 95 -16.66 -2.36 10.41
C HIS A 95 -17.54 -2.68 9.19
N GLY A 1 -14.74 1.74 8.00
CA GLY A 1 -13.78 1.55 6.89
C GLY A 1 -13.07 2.83 6.52
N SER A 2 -12.86 3.67 7.53
CA SER A 2 -12.22 4.97 7.36
C SER A 2 -13.03 5.86 6.40
N HIS A 3 -12.62 5.91 5.14
CA HIS A 3 -13.27 6.76 4.16
C HIS A 3 -13.57 6.01 2.86
N MET A 4 -13.33 4.71 2.88
CA MET A 4 -13.33 3.92 1.64
C MET A 4 -14.72 3.71 1.09
N ARG A 5 -15.53 3.04 1.86
CA ARG A 5 -16.88 2.68 1.44
C ARG A 5 -17.82 3.87 1.48
N LEU A 6 -17.29 5.00 1.91
CA LEU A 6 -18.08 6.20 2.00
C LEU A 6 -17.85 7.10 0.79
N ASN A 7 -16.60 7.43 0.52
CA ASN A 7 -16.29 8.27 -0.62
C ASN A 7 -15.89 7.46 -1.86
N GLY A 8 -16.74 7.55 -2.88
CA GLY A 8 -16.39 7.15 -4.25
C GLY A 8 -16.04 5.67 -4.49
N LEU A 9 -15.45 4.99 -3.53
CA LEU A 9 -14.92 3.66 -3.78
C LEU A 9 -15.90 2.55 -3.43
N SER A 10 -15.96 1.58 -4.32
CA SER A 10 -16.57 0.30 -4.04
C SER A 10 -15.44 -0.68 -3.74
N PRO A 11 -15.72 -1.91 -3.24
CA PRO A 11 -14.68 -2.90 -2.96
C PRO A 11 -13.67 -3.06 -4.11
N GLN A 12 -14.18 -3.06 -5.34
CA GLN A 12 -13.32 -3.22 -6.51
C GLN A 12 -12.47 -1.96 -6.74
N GLN A 13 -13.07 -0.79 -6.57
CA GLN A 13 -12.37 0.47 -6.76
C GLN A 13 -11.30 0.67 -5.70
N GLN A 14 -11.57 0.17 -4.50
CA GLN A 14 -10.61 0.20 -3.41
C GLN A 14 -9.27 -0.40 -3.86
N GLN A 15 -9.30 -1.63 -4.37
CA GLN A 15 -8.07 -2.28 -4.81
C GLN A 15 -7.32 -1.46 -5.85
N GLN A 16 -8.05 -0.79 -6.73
CA GLN A 16 -7.42 0.04 -7.75
C GLN A 16 -6.64 1.16 -7.09
N THR A 17 -7.33 1.87 -6.21
CA THR A 17 -6.72 2.90 -5.40
C THR A 17 -5.50 2.38 -4.66
N LEU A 18 -5.69 1.35 -3.84
CA LEU A 18 -4.63 0.76 -3.06
C LEU A 18 -3.47 0.26 -3.92
N ALA A 19 -3.77 -0.32 -5.08
CA ALA A 19 -2.74 -0.82 -5.99
C ALA A 19 -1.86 0.32 -6.51
N THR A 20 -2.45 1.49 -6.62
CA THR A 20 -1.71 2.65 -7.08
C THR A 20 -1.10 3.37 -5.88
N LEU A 21 -1.81 3.33 -4.75
CA LEU A 21 -1.33 3.87 -3.49
C LEU A 21 0.02 3.29 -3.13
N VAL A 22 0.06 1.98 -2.97
CA VAL A 22 1.28 1.28 -2.59
C VAL A 22 2.43 1.60 -3.54
N ALA A 23 2.14 1.65 -4.82
CA ALA A 23 3.12 2.03 -5.82
C ALA A 23 3.57 3.48 -5.61
N ALA A 24 2.60 4.40 -5.52
CA ALA A 24 2.90 5.80 -5.31
C ALA A 24 3.62 6.00 -4.00
N ALA A 25 3.30 5.17 -3.03
CA ALA A 25 3.97 5.18 -1.75
C ALA A 25 5.44 4.83 -1.93
N THR A 26 5.70 3.63 -2.48
CA THR A 26 7.06 3.14 -2.57
C THR A 26 7.88 3.97 -3.54
N ALA A 27 7.21 4.50 -4.55
CA ALA A 27 7.89 5.35 -5.52
C ALA A 27 8.20 6.72 -4.94
N THR A 28 7.52 7.08 -3.86
CA THR A 28 7.77 8.35 -3.19
C THR A 28 8.85 8.21 -2.10
N VAL A 29 8.82 7.09 -1.37
CA VAL A 29 9.81 6.86 -0.32
C VAL A 29 11.19 6.73 -0.97
N LEU A 30 11.20 6.10 -2.14
CA LEU A 30 12.43 5.94 -2.91
C LEU A 30 12.64 7.09 -3.88
N GLY A 31 11.56 7.59 -4.47
CA GLY A 31 11.65 8.68 -5.43
C GLY A 31 12.50 8.30 -6.64
N HIS A 32 11.90 7.61 -7.61
CA HIS A 32 12.69 7.04 -8.70
C HIS A 32 11.84 6.42 -9.82
N HIS A 33 10.51 6.42 -9.69
CA HIS A 33 9.70 5.64 -10.62
C HIS A 33 8.24 6.09 -10.62
N THR A 34 7.63 6.08 -11.80
CA THR A 34 6.21 6.32 -11.94
C THR A 34 5.41 5.21 -11.28
N PRO A 35 4.59 5.56 -10.27
CA PRO A 35 3.80 4.60 -9.49
C PRO A 35 2.90 3.75 -10.38
N GLU A 36 2.39 4.37 -11.43
CA GLU A 36 1.50 3.73 -12.35
C GLU A 36 2.20 2.56 -13.07
N SER A 37 3.53 2.60 -13.06
CA SER A 37 4.30 1.60 -13.78
C SER A 37 5.04 0.68 -12.80
N ILE A 38 4.58 0.63 -11.56
CA ILE A 38 5.12 -0.30 -10.58
C ILE A 38 4.40 -1.63 -10.65
N SER A 39 5.15 -2.67 -10.99
CA SER A 39 4.60 -4.00 -11.16
C SER A 39 4.15 -4.58 -9.83
N PRO A 40 2.94 -5.17 -9.81
CA PRO A 40 2.27 -5.64 -8.58
C PRO A 40 2.97 -6.84 -7.94
N ALA A 41 3.60 -7.67 -8.74
CA ALA A 41 4.18 -8.92 -8.26
C ALA A 41 5.67 -8.81 -7.96
N THR A 42 6.19 -7.60 -7.88
CA THR A 42 7.61 -7.41 -7.60
C THR A 42 7.87 -7.28 -6.11
N ALA A 43 9.06 -7.66 -5.70
CA ALA A 43 9.48 -7.54 -4.32
C ALA A 43 10.01 -6.14 -4.08
N PHE A 44 9.66 -5.57 -2.92
CA PHE A 44 10.03 -4.20 -2.61
C PHE A 44 11.54 -4.00 -2.57
N LYS A 45 12.28 -5.06 -2.31
CA LYS A 45 13.72 -4.99 -2.34
C LYS A 45 14.23 -4.90 -3.79
N ASP A 46 13.38 -5.26 -4.74
CA ASP A 46 13.72 -5.10 -6.14
C ASP A 46 13.47 -3.66 -6.56
N LEU A 47 12.50 -3.02 -5.90
CA LEU A 47 12.19 -1.62 -6.18
C LEU A 47 13.18 -0.70 -5.47
N GLY A 48 13.79 -1.18 -4.39
CA GLY A 48 14.80 -0.40 -3.71
C GLY A 48 14.49 -0.15 -2.23
N ILE A 49 13.50 -0.85 -1.72
CA ILE A 49 13.07 -0.68 -0.33
C ILE A 49 14.11 -1.23 0.65
N ASP A 50 14.52 -0.37 1.58
CA ASP A 50 15.42 -0.77 2.67
C ASP A 50 14.59 -1.03 3.92
N SER A 51 15.22 -1.19 5.08
CA SER A 51 14.44 -1.30 6.31
C SER A 51 13.97 0.07 6.74
N LEU A 52 14.70 1.09 6.31
CA LEU A 52 14.39 2.47 6.64
C LEU A 52 13.21 2.95 5.83
N THR A 53 13.33 2.78 4.52
CA THR A 53 12.27 3.18 3.62
C THR A 53 11.08 2.23 3.67
N ALA A 54 11.26 1.09 4.31
CA ALA A 54 10.17 0.15 4.56
C ALA A 54 9.09 0.83 5.42
N LEU A 55 9.52 1.48 6.50
CA LEU A 55 8.58 2.14 7.39
C LEU A 55 7.99 3.38 6.73
N GLU A 56 8.79 4.08 5.93
CA GLU A 56 8.34 5.25 5.20
C GLU A 56 7.18 4.91 4.26
N LEU A 57 7.32 3.79 3.57
CA LEU A 57 6.25 3.30 2.71
C LEU A 57 4.98 3.10 3.51
N ARG A 58 5.09 2.35 4.59
CA ARG A 58 3.97 2.11 5.49
C ARG A 58 3.39 3.42 6.00
N ASN A 59 4.27 4.37 6.31
CA ASN A 59 3.87 5.70 6.75
C ASN A 59 2.85 6.30 5.79
N THR A 60 3.19 6.30 4.50
CA THR A 60 2.29 6.82 3.48
C THR A 60 1.00 6.00 3.43
N LEU A 61 1.14 4.68 3.46
CA LEU A 61 0.00 3.77 3.38
C LEU A 61 -0.97 4.01 4.53
N THR A 62 -0.43 4.16 5.73
CA THR A 62 -1.24 4.37 6.92
C THR A 62 -1.97 5.70 6.86
N HIS A 63 -1.26 6.73 6.39
CA HIS A 63 -1.82 8.07 6.35
C HIS A 63 -2.88 8.19 5.26
N ASN A 64 -2.76 7.35 4.24
CA ASN A 64 -3.74 7.34 3.15
C ASN A 64 -5.00 6.62 3.57
N THR A 65 -4.84 5.45 4.16
CA THR A 65 -5.98 4.61 4.48
C THR A 65 -6.79 5.19 5.63
N GLY A 66 -6.09 5.72 6.64
CA GLY A 66 -6.78 6.39 7.73
C GLY A 66 -6.79 5.56 9.00
N LEU A 67 -6.81 4.25 8.85
CA LEU A 67 -6.81 3.35 10.00
C LEU A 67 -5.38 3.12 10.48
N ASP A 68 -5.24 2.27 11.49
CA ASP A 68 -3.93 2.01 12.08
C ASP A 68 -3.56 0.55 11.87
N LEU A 69 -2.34 0.33 11.44
CA LEU A 69 -1.84 -1.01 11.17
C LEU A 69 -0.43 -1.15 11.76
N PRO A 70 0.22 -2.34 11.68
CA PRO A 70 1.45 -2.60 12.43
C PRO A 70 2.69 -2.04 11.76
N PRO A 71 3.71 -1.70 12.56
CA PRO A 71 4.98 -1.19 12.05
C PRO A 71 5.72 -2.22 11.21
N THR A 72 5.32 -3.47 11.35
CA THR A 72 5.91 -4.55 10.59
C THR A 72 5.19 -4.76 9.26
N LEU A 73 4.22 -3.89 9.00
CA LEU A 73 3.46 -3.89 7.74
C LEU A 73 4.28 -4.35 6.53
N ILE A 74 5.34 -3.61 6.22
CA ILE A 74 6.17 -3.89 5.05
C ILE A 74 7.08 -5.10 5.31
N PHE A 75 7.36 -5.34 6.57
CA PHE A 75 8.19 -6.45 7.00
C PHE A 75 7.41 -7.77 6.86
N ASP A 76 6.10 -7.69 7.07
CA ASP A 76 5.23 -8.84 6.99
C ASP A 76 4.88 -9.16 5.54
N HIS A 77 4.42 -8.16 4.80
CA HIS A 77 3.89 -8.39 3.45
C HIS A 77 4.56 -7.50 2.43
N PRO A 78 5.83 -7.73 2.05
CA PRO A 78 6.40 -6.90 1.02
C PRO A 78 6.00 -7.35 -0.38
N THR A 79 5.08 -6.61 -0.96
CA THR A 79 4.71 -6.70 -2.37
C THR A 79 3.64 -5.64 -2.65
N PRO A 80 3.67 -4.97 -3.81
CA PRO A 80 2.70 -3.91 -4.11
C PRO A 80 1.26 -4.40 -4.01
N HIS A 81 0.93 -5.43 -4.79
CA HIS A 81 -0.43 -5.95 -4.84
C HIS A 81 -0.83 -6.65 -3.54
N ALA A 82 0.14 -7.25 -2.87
CA ALA A 82 -0.14 -7.97 -1.64
C ALA A 82 -0.59 -7.02 -0.54
N LEU A 83 0.07 -5.87 -0.47
CA LEU A 83 -0.35 -4.82 0.43
C LEU A 83 -1.73 -4.31 0.06
N THR A 84 -2.02 -4.26 -1.25
CA THR A 84 -3.34 -3.91 -1.73
C THR A 84 -4.38 -4.80 -1.05
N GLN A 85 -4.16 -6.09 -1.14
CA GLN A 85 -5.05 -7.06 -0.55
C GLN A 85 -5.12 -6.94 0.96
N HIS A 86 -3.97 -6.80 1.61
CA HIS A 86 -3.93 -6.68 3.06
C HIS A 86 -4.77 -5.49 3.52
N LEU A 87 -4.41 -4.31 3.04
CA LEU A 87 -5.10 -3.09 3.45
C LEU A 87 -6.55 -3.12 2.96
N HIS A 88 -6.79 -3.75 1.82
CA HIS A 88 -8.14 -3.85 1.29
C HIS A 88 -9.03 -4.60 2.28
N THR A 89 -8.50 -5.71 2.79
CA THR A 89 -9.21 -6.52 3.77
C THR A 89 -9.38 -5.73 5.07
N ARG A 90 -8.38 -4.91 5.39
CA ARG A 90 -8.42 -4.09 6.59
C ARG A 90 -9.60 -3.11 6.53
N LEU A 91 -9.88 -2.64 5.33
CA LEU A 91 -10.90 -1.63 5.11
C LEU A 91 -12.27 -2.26 4.88
N THR A 92 -12.29 -3.45 4.26
CA THR A 92 -13.53 -4.14 3.96
C THR A 92 -14.08 -4.86 5.20
N GLN A 93 -13.19 -5.21 6.12
CA GLN A 93 -13.55 -5.87 7.35
C GLN A 93 -14.43 -4.98 8.23
N SER A 94 -14.43 -3.70 7.92
CA SER A 94 -15.30 -2.76 8.60
C SER A 94 -16.61 -2.62 7.83
N HIS A 95 -17.49 -3.60 8.01
CA HIS A 95 -18.80 -3.57 7.38
C HIS A 95 -19.80 -2.95 8.33
#